data_5TZH
#
_entry.id   5TZH
#
_cell.length_a   55.838
_cell.length_b   72.841
_cell.length_c   90.706
_cell.angle_alpha   109.150
_cell.angle_beta   90.930
_cell.angle_gamma   91.180
#
_symmetry.space_group_name_H-M   'P 1'
#
loop_
_entity.id
_entity.type
_entity.pdbx_description
1 polymer "cGMP-dependent 3',5'-cyclic phosphodiesterase"
2 non-polymer [(5S)-3,3-difluoro-5-(5-methyl[1,2,4]triazolo[1,5-a]pyrimidin-7-yl)piperidin-1-yl](4-fluorophenyl)methanone
3 non-polymer 'ZINC ION'
4 non-polymer 'MAGNESIUM ION'
5 water water
#
_entity_poly.entity_id   1
_entity_poly.type   'polypeptide(L)'
_entity_poly.pdbx_seq_one_letter_code
;SAMDDEYTKLLHDGIQPVAAIDSNFASFTYTPRSLPEDDTSMAILSMLQDMNFINNYKIDCPTLARFCLMVKKGYRDPPY
HNWMHAFSVSHFCYLLYKNLELTNYLEDIEIFALFISCMCHDLDHRGTNNSFQVASKSVLAALYSSEGSVMERHHFAQAI
AILNTHGCNIFDHFSRKDYQRMLDLMRDIILATDLAHHLRIFKDLQKMAEVGYDRNNKQHHRLLLCLLMTSCDLSDQTKG
WKTTRKIAELIYKEFFSQGDLEKAMGNRPMEMMDREKAYIPELQISFMEHIAMPIYKLLQDLFPKAAELYERVASNREHW
TKVSHKFTIRGLPSNNSLDFLDEE
;
_entity_poly.pdbx_strand_id   A,B,C,D
#
loop_
_chem_comp.id
_chem_comp.type
_chem_comp.name
_chem_comp.formula
7OP non-polymer [(5S)-3,3-difluoro-5-(5-methyl[1,2,4]triazolo[1,5-a]pyrimidin-7-yl)piperidin-1-yl](4-fluorophenyl)methanone 'C18 H16 F3 N5 O'
MG non-polymer 'MAGNESIUM ION' 'Mg 2'
ZN non-polymer 'ZINC ION' 'Zn 2'
#
# COMPACT_ATOMS: atom_id res chain seq x y z
N SER A 1 -18.09 -5.03 12.31
CA SER A 1 -19.32 -4.76 13.06
C SER A 1 -20.35 -5.86 12.83
N ALA A 2 -20.53 -6.20 11.55
CA ALA A 2 -21.50 -7.23 11.20
C ALA A 2 -21.07 -8.59 11.77
N MET A 3 -19.80 -8.95 11.57
CA MET A 3 -19.35 -10.22 12.12
C MET A 3 -19.44 -10.22 13.63
N ASP A 4 -19.29 -9.05 14.26
CA ASP A 4 -19.36 -8.97 15.71
C ASP A 4 -20.75 -9.33 16.21
N ASP A 5 -21.80 -8.76 15.61
CA ASP A 5 -23.13 -9.11 16.05
C ASP A 5 -23.47 -10.55 15.71
N GLU A 6 -23.00 -11.02 14.55
CA GLU A 6 -23.22 -12.42 14.20
C GLU A 6 -22.49 -13.33 15.17
N TYR A 7 -21.27 -12.96 15.54
CA TYR A 7 -20.53 -13.68 16.56
C TYR A 7 -21.30 -13.70 17.87
N THR A 8 -21.81 -12.54 18.29
CA THR A 8 -22.45 -12.44 19.59
C THR A 8 -23.61 -13.41 19.71
N LYS A 9 -24.41 -13.54 18.64
CA LYS A 9 -25.56 -14.43 18.69
C LYS A 9 -25.14 -15.88 18.58
N LEU A 10 -24.15 -16.16 17.74
CA LEU A 10 -23.67 -17.52 17.56
C LEU A 10 -23.14 -18.08 18.87
N LEU A 11 -22.47 -17.24 19.66
CA LEU A 11 -21.86 -17.68 20.90
C LEU A 11 -22.88 -17.76 22.03
N HIS A 12 -23.70 -16.72 22.21
CA HIS A 12 -24.51 -16.60 23.41
C HIS A 12 -25.89 -17.22 23.29
N ASP A 13 -26.41 -17.41 22.07
CA ASP A 13 -27.78 -17.93 21.92
C ASP A 13 -27.89 -19.42 22.13
N GLY A 14 -26.81 -20.18 22.01
CA GLY A 14 -26.85 -21.62 22.18
C GLY A 14 -26.86 -22.36 20.85
N ILE A 15 -26.45 -23.62 20.88
CA ILE A 15 -26.32 -24.40 19.65
C ILE A 15 -27.61 -25.14 19.34
N GLN A 16 -28.18 -24.86 18.17
CA GLN A 16 -29.46 -25.47 17.80
C GLN A 16 -29.28 -26.98 17.65
N PRO A 17 -30.25 -27.77 18.13
CA PRO A 17 -30.21 -29.22 17.88
C PRO A 17 -30.21 -29.48 16.39
N VAL A 18 -29.37 -30.43 15.97
CA VAL A 18 -29.23 -30.70 14.54
C VAL A 18 -30.57 -31.14 13.93
N ALA A 19 -31.39 -31.87 14.69
CA ALA A 19 -32.69 -32.29 14.17
C ALA A 19 -33.63 -31.11 13.89
N ALA A 20 -33.37 -29.95 14.51
CA ALA A 20 -34.22 -28.80 14.25
C ALA A 20 -33.83 -28.04 12.99
N ILE A 21 -32.73 -28.44 12.33
CA ILE A 21 -32.39 -27.81 11.06
C ILE A 21 -33.34 -28.30 9.98
N ASP A 22 -33.59 -29.60 9.96
CA ASP A 22 -34.45 -30.24 8.98
C ASP A 22 -34.67 -31.68 9.40
N SER A 23 -35.88 -32.20 9.15
CA SER A 23 -36.18 -33.57 9.55
C SER A 23 -35.30 -34.59 8.86
N ASN A 24 -34.77 -34.25 7.69
CA ASN A 24 -33.96 -35.16 6.88
C ASN A 24 -32.48 -34.78 6.92
N PHE A 25 -32.07 -33.92 7.87
CA PHE A 25 -30.75 -33.30 7.79
C PHE A 25 -29.61 -34.33 7.72
N ALA A 26 -29.79 -35.53 8.27
CA ALA A 26 -28.73 -36.51 8.37
C ALA A 26 -28.87 -37.61 7.34
N SER A 27 -29.65 -37.39 6.29
CA SER A 27 -29.88 -38.36 5.25
C SER A 27 -29.08 -38.00 4.00
N PHE A 28 -28.61 -39.03 3.29
CA PHE A 28 -27.99 -38.85 1.99
C PHE A 28 -28.93 -38.16 1.00
N THR A 29 -30.24 -38.17 1.24
CA THR A 29 -31.13 -37.51 0.30
C THR A 29 -31.22 -36.01 0.54
N TYR A 30 -30.73 -35.50 1.65
CA TYR A 30 -30.86 -34.09 1.97
C TYR A 30 -29.90 -33.25 1.13
N THR A 31 -30.36 -32.07 0.72
CA THR A 31 -29.56 -31.18 -0.11
C THR A 31 -29.17 -29.98 0.73
N PRO A 32 -27.94 -29.89 1.23
CA PRO A 32 -27.60 -28.81 2.17
C PRO A 32 -27.62 -27.44 1.53
N ARG A 33 -27.51 -27.36 0.20
CA ARG A 33 -27.68 -26.08 -0.46
C ARG A 33 -29.09 -25.52 -0.28
N SER A 34 -30.03 -26.32 0.23
CA SER A 34 -31.36 -25.83 0.57
C SER A 34 -31.35 -24.94 1.80
N LEU A 35 -30.30 -25.00 2.59
CA LEU A 35 -30.26 -24.23 3.82
C LEU A 35 -29.94 -22.78 3.51
N PRO A 36 -30.72 -21.83 3.99
CA PRO A 36 -30.34 -20.42 3.83
C PRO A 36 -28.93 -20.16 4.32
N GLU A 37 -28.17 -19.36 3.56
CA GLU A 37 -26.78 -19.13 3.89
C GLU A 37 -26.62 -18.54 5.28
N ASP A 38 -27.58 -17.71 5.71
CA ASP A 38 -27.53 -17.09 7.03
C ASP A 38 -27.62 -18.10 8.17
N ASP A 39 -28.01 -19.34 7.89
CA ASP A 39 -28.18 -20.38 8.89
C ASP A 39 -27.02 -21.37 8.91
N THR A 40 -26.03 -21.20 8.04
CA THR A 40 -25.04 -22.26 7.85
C THR A 40 -24.00 -22.28 8.98
N SER A 41 -23.60 -21.12 9.52
CA SER A 41 -22.62 -21.16 10.60
C SER A 41 -23.20 -21.84 11.84
N MET A 42 -24.47 -21.60 12.14
CA MET A 42 -25.09 -22.33 13.24
C MET A 42 -25.22 -23.81 12.93
N ALA A 43 -25.46 -24.17 11.67
CA ALA A 43 -25.51 -25.58 11.30
C ALA A 43 -24.14 -26.24 11.45
N ILE A 44 -23.06 -25.52 11.14
CA ILE A 44 -21.72 -26.06 11.37
C ILE A 44 -21.53 -26.39 12.85
N LEU A 45 -21.90 -25.46 13.74
CA LEU A 45 -21.83 -25.73 15.17
C LEU A 45 -22.67 -26.94 15.55
N SER A 46 -23.91 -26.99 15.04
CA SER A 46 -24.78 -28.12 15.36
C SER A 46 -24.14 -29.44 14.94
N MET A 47 -23.49 -29.47 13.78
CA MET A 47 -22.87 -30.71 13.32
C MET A 47 -21.68 -31.08 14.20
N LEU A 48 -20.84 -30.08 14.51
CA LEU A 48 -19.71 -30.30 15.39
C LEU A 48 -20.16 -30.82 16.75
N GLN A 49 -21.22 -30.23 17.31
CA GLN A 49 -21.78 -30.73 18.56
C GLN A 49 -22.33 -32.14 18.41
N ASP A 50 -23.07 -32.41 17.33
CA ASP A 50 -23.70 -33.71 17.19
C ASP A 50 -22.68 -34.82 17.00
N MET A 51 -21.53 -34.52 16.39
CA MET A 51 -20.47 -35.51 16.28
C MET A 51 -19.61 -35.57 17.54
N ASN A 52 -19.96 -34.79 18.56
CA ASN A 52 -19.36 -34.79 19.88
C ASN A 52 -17.95 -34.20 19.91
N PHE A 53 -17.53 -33.53 18.85
CA PHE A 53 -16.17 -32.99 18.78
C PHE A 53 -15.94 -31.84 19.74
N ILE A 54 -16.98 -31.02 19.99
CA ILE A 54 -16.85 -29.93 20.94
C ILE A 54 -16.54 -30.45 22.33
N ASN A 55 -17.29 -31.46 22.77
CA ASN A 55 -17.03 -32.01 24.09
C ASN A 55 -15.76 -32.87 24.10
N ASN A 56 -15.56 -33.69 23.07
CA ASN A 56 -14.43 -34.61 23.14
C ASN A 56 -13.10 -33.87 23.14
N TYR A 57 -13.02 -32.78 22.37
CA TYR A 57 -11.80 -32.01 22.25
C TYR A 57 -11.84 -30.72 23.07
N LYS A 58 -12.85 -30.57 23.91
CA LYS A 58 -12.96 -29.42 24.81
C LYS A 58 -12.67 -28.12 24.07
N ILE A 59 -13.42 -27.92 22.99
CA ILE A 59 -13.22 -26.74 22.17
C ILE A 59 -13.86 -25.55 22.87
N ASP A 60 -13.12 -24.44 22.94
CA ASP A 60 -13.65 -23.23 23.55
C ASP A 60 -14.75 -22.63 22.67
N CYS A 61 -15.93 -22.43 23.23
CA CYS A 61 -17.05 -21.97 22.41
C CYS A 61 -16.81 -20.59 21.80
N PRO A 62 -16.29 -19.58 22.52
CA PRO A 62 -15.95 -18.32 21.82
C PRO A 62 -14.94 -18.50 20.69
N THR A 63 -13.86 -19.24 20.92
CA THR A 63 -12.90 -19.50 19.84
C THR A 63 -13.58 -20.19 18.66
N LEU A 64 -14.43 -21.17 18.93
CA LEU A 64 -15.05 -21.91 17.84
C LEU A 64 -16.03 -21.02 17.08
N ALA A 65 -16.80 -20.21 17.80
CA ALA A 65 -17.70 -19.30 17.10
C ALA A 65 -16.93 -18.36 16.17
N ARG A 66 -15.80 -17.84 16.66
CA ARG A 66 -15.03 -16.91 15.87
C ARG A 66 -14.40 -17.63 14.69
N PHE A 67 -13.91 -18.84 14.94
CA PHE A 67 -13.33 -19.64 13.87
C PHE A 67 -14.33 -19.87 12.75
N CYS A 68 -15.51 -20.37 13.09
CA CYS A 68 -16.51 -20.67 12.07
C CYS A 68 -16.84 -19.46 11.23
N LEU A 69 -17.00 -18.28 11.87
CA LEU A 69 -17.30 -17.08 11.10
C LEU A 69 -16.10 -16.65 10.25
N MET A 70 -14.90 -16.73 10.82
CA MET A 70 -13.71 -16.38 10.04
C MET A 70 -13.59 -17.29 8.82
N VAL A 71 -13.95 -18.57 8.96
CA VAL A 71 -13.85 -19.48 7.82
C VAL A 71 -14.88 -19.11 6.77
N LYS A 72 -16.14 -18.86 7.18
CA LYS A 72 -17.15 -18.43 6.23
C LYS A 72 -16.71 -17.17 5.49
N LYS A 73 -16.16 -16.21 6.22
CA LYS A 73 -15.72 -14.93 5.68
C LYS A 73 -14.46 -15.06 4.82
N GLY A 74 -13.78 -16.21 4.88
CA GLY A 74 -12.60 -16.48 4.08
C GLY A 74 -12.90 -16.96 2.68
N TYR A 75 -14.17 -17.10 2.33
CA TYR A 75 -14.55 -17.47 0.98
C TYR A 75 -15.04 -16.25 0.21
N ARG A 76 -14.65 -16.21 -1.06
CA ARG A 76 -15.15 -15.22 -1.98
C ARG A 76 -16.45 -15.74 -2.59
N ASP A 77 -16.92 -15.09 -3.63
CA ASP A 77 -18.24 -15.41 -4.15
C ASP A 77 -18.20 -15.77 -5.64
N PRO A 78 -17.27 -16.59 -6.11
CA PRO A 78 -17.38 -17.08 -7.49
C PRO A 78 -18.59 -17.97 -7.59
N PRO A 79 -19.03 -18.33 -8.80
CA PRO A 79 -20.30 -19.07 -8.90
C PRO A 79 -20.29 -20.41 -8.15
N TYR A 80 -19.20 -21.16 -8.21
CA TYR A 80 -19.17 -22.46 -7.54
C TYR A 80 -18.32 -22.47 -6.28
N HIS A 81 -17.07 -22.01 -6.33
CA HIS A 81 -16.13 -22.19 -5.22
C HIS A 81 -16.31 -21.12 -4.13
N ASN A 82 -17.49 -21.14 -3.51
CA ASN A 82 -17.89 -20.16 -2.52
C ASN A 82 -18.15 -20.88 -1.19
N TRP A 83 -18.61 -20.11 -0.20
CA TRP A 83 -18.84 -20.73 1.12
C TRP A 83 -19.93 -21.79 1.07
N MET A 84 -20.94 -21.64 0.20
CA MET A 84 -21.97 -22.68 0.16
C MET A 84 -21.41 -23.98 -0.39
N HIS A 85 -20.35 -23.92 -1.22
CA HIS A 85 -19.69 -25.16 -1.58
C HIS A 85 -19.01 -25.79 -0.38
N ALA A 86 -18.24 -25.00 0.37
CA ALA A 86 -17.57 -25.54 1.55
C ALA A 86 -18.59 -26.05 2.57
N PHE A 87 -19.71 -25.35 2.73
CA PHE A 87 -20.70 -25.81 3.68
C PHE A 87 -21.29 -27.15 3.24
N SER A 88 -21.56 -27.32 1.95
CA SER A 88 -22.19 -28.56 1.51
C SER A 88 -21.17 -29.71 1.50
N VAL A 89 -19.89 -29.42 1.31
CA VAL A 89 -18.86 -30.45 1.42
C VAL A 89 -18.73 -30.88 2.89
N SER A 90 -18.74 -29.91 3.81
CA SER A 90 -18.69 -30.23 5.25
C SER A 90 -19.91 -31.04 5.66
N HIS A 91 -21.08 -30.66 5.15
CA HIS A 91 -22.29 -31.42 5.46
C HIS A 91 -22.17 -32.86 4.99
N PHE A 92 -21.56 -33.08 3.82
CA PHE A 92 -21.45 -34.46 3.38
C PHE A 92 -20.55 -35.26 4.31
N CYS A 93 -19.48 -34.63 4.81
CA CYS A 93 -18.65 -35.27 5.80
C CYS A 93 -19.47 -35.69 7.01
N TYR A 94 -20.33 -34.80 7.48
CA TYR A 94 -21.24 -35.18 8.56
C TYR A 94 -22.11 -36.38 8.17
N LEU A 95 -22.61 -36.41 6.93
CA LEU A 95 -23.40 -37.57 6.49
C LEU A 95 -22.60 -38.86 6.56
N LEU A 96 -21.35 -38.84 6.10
CA LEU A 96 -20.52 -40.04 6.17
C LEU A 96 -20.36 -40.48 7.61
N TYR A 97 -20.20 -39.51 8.51
CA TYR A 97 -20.10 -39.83 9.94
C TYR A 97 -21.39 -40.47 10.44
N LYS A 98 -22.55 -39.90 10.07
CA LYS A 98 -23.82 -40.39 10.61
C LYS A 98 -24.27 -41.68 9.96
N ASN A 99 -23.85 -41.94 8.72
CA ASN A 99 -24.36 -43.05 7.93
C ASN A 99 -23.41 -44.22 7.79
N LEU A 100 -22.08 -44.01 7.84
CA LEU A 100 -21.13 -45.05 7.45
C LEU A 100 -20.25 -45.58 8.57
N GLU A 101 -20.46 -45.16 9.82
CA GLU A 101 -19.71 -45.70 10.97
C GLU A 101 -18.19 -45.53 10.79
N LEU A 102 -17.77 -44.28 10.68
CA LEU A 102 -16.37 -43.99 10.40
C LEU A 102 -15.45 -44.37 11.53
N THR A 103 -15.98 -44.44 12.75
CA THR A 103 -15.16 -44.77 13.91
C THR A 103 -14.68 -46.21 13.91
N ASN A 104 -15.16 -47.04 12.99
CA ASN A 104 -14.60 -48.38 12.80
C ASN A 104 -13.38 -48.38 11.89
N TYR A 105 -13.10 -47.26 11.21
CA TYR A 105 -12.04 -47.11 10.23
C TYR A 105 -10.98 -46.11 10.63
N LEU A 106 -11.38 -45.00 11.24
CA LEU A 106 -10.52 -43.84 11.41
C LEU A 106 -10.40 -43.48 12.88
N GLU A 107 -9.27 -42.86 13.23
CA GLU A 107 -9.10 -42.34 14.57
C GLU A 107 -10.03 -41.16 14.76
N ASP A 108 -10.41 -40.89 16.01
CA ASP A 108 -11.26 -39.73 16.27
C ASP A 108 -10.66 -38.46 15.69
N ILE A 109 -9.35 -38.27 15.88
CA ILE A 109 -8.77 -37.00 15.45
C ILE A 109 -8.76 -36.89 13.94
N GLU A 110 -8.68 -38.03 13.23
CA GLU A 110 -8.72 -38.03 11.77
C GLU A 110 -10.08 -37.62 11.27
N ILE A 111 -11.15 -38.08 11.93
CA ILE A 111 -12.51 -37.70 11.53
C ILE A 111 -12.70 -36.22 11.76
N PHE A 112 -12.16 -35.72 12.87
CA PHE A 112 -12.26 -34.30 13.20
C PHE A 112 -11.52 -33.47 12.18
N ALA A 113 -10.30 -33.92 11.80
CA ALA A 113 -9.50 -33.19 10.82
C ALA A 113 -10.18 -33.15 9.47
N LEU A 114 -10.79 -34.27 9.07
CA LEU A 114 -11.57 -34.31 7.83
C LEU A 114 -12.63 -33.22 7.81
N PHE A 115 -13.41 -33.11 8.89
CA PHE A 115 -14.50 -32.16 8.90
C PHE A 115 -13.98 -30.73 8.85
N ILE A 116 -12.96 -30.44 9.66
CA ILE A 116 -12.40 -29.09 9.66
C ILE A 116 -11.77 -28.78 8.31
N SER A 117 -11.13 -29.79 7.70
CA SER A 117 -10.54 -29.62 6.38
C SER A 117 -11.62 -29.32 5.36
N CYS A 118 -12.76 -30.01 5.45
CA CYS A 118 -13.86 -29.73 4.53
C CYS A 118 -14.27 -28.27 4.60
N MET A 119 -14.41 -27.74 5.82
CA MET A 119 -14.78 -26.34 5.99
C MET A 119 -13.79 -25.40 5.32
N CYS A 120 -12.52 -25.78 5.29
CA CYS A 120 -11.45 -24.87 4.89
C CYS A 120 -10.91 -25.12 3.50
N HIS A 121 -11.34 -26.18 2.81
CA HIS A 121 -10.51 -26.73 1.76
C HIS A 121 -10.47 -25.89 0.50
N ASP A 122 -11.35 -24.88 0.36
CA ASP A 122 -11.28 -24.00 -0.81
C ASP A 122 -11.16 -22.54 -0.39
N LEU A 123 -10.60 -22.27 0.79
CA LEU A 123 -10.55 -20.90 1.30
C LEU A 123 -9.90 -19.96 0.29
N ASP A 124 -10.55 -18.81 0.10
CA ASP A 124 -10.02 -17.72 -0.74
C ASP A 124 -9.86 -18.13 -2.21
N HIS A 125 -10.65 -19.11 -2.68
CA HIS A 125 -10.68 -19.45 -4.09
C HIS A 125 -11.07 -18.23 -4.91
N ARG A 126 -10.36 -18.00 -6.01
CA ARG A 126 -10.66 -16.87 -6.88
C ARG A 126 -11.40 -17.30 -8.13
N GLY A 127 -11.91 -18.53 -8.16
CA GLY A 127 -12.67 -18.98 -9.29
C GLY A 127 -11.84 -19.40 -10.48
N THR A 128 -10.53 -19.58 -10.30
CA THR A 128 -9.68 -20.06 -11.38
C THR A 128 -8.89 -21.27 -10.88
N ASN A 129 -8.42 -22.09 -11.82
CA ASN A 129 -7.80 -23.36 -11.48
C ASN A 129 -6.28 -23.19 -11.32
N ASN A 130 -5.59 -24.31 -11.16
CA ASN A 130 -4.15 -24.28 -10.88
C ASN A 130 -3.37 -23.84 -12.11
N SER A 131 -3.72 -24.38 -13.29
CA SER A 131 -3.05 -23.98 -14.52
C SER A 131 -3.12 -22.48 -14.72
N PHE A 132 -4.27 -21.87 -14.42
CA PHE A 132 -4.42 -20.41 -14.60
C PHE A 132 -3.45 -19.62 -13.72
N GLN A 133 -3.24 -20.06 -12.47
CA GLN A 133 -2.29 -19.36 -11.62
C GLN A 133 -0.91 -19.32 -12.24
N VAL A 134 -0.46 -20.44 -12.80
CA VAL A 134 0.83 -20.47 -13.46
C VAL A 134 0.78 -19.63 -14.73
N ALA A 135 -0.29 -19.75 -15.51
CA ALA A 135 -0.35 -19.04 -16.78
C ALA A 135 -0.43 -17.53 -16.58
N SER A 136 -1.15 -17.09 -15.56
CA SER A 136 -1.28 -15.67 -15.27
C SER A 136 -0.16 -15.14 -14.40
N LYS A 137 0.82 -15.98 -14.05
CA LYS A 137 1.92 -15.59 -13.14
C LYS A 137 1.36 -14.91 -11.90
N SER A 138 0.42 -15.57 -11.25
CA SER A 138 -0.22 -15.01 -10.08
C SER A 138 0.73 -15.09 -8.88
N VAL A 139 0.40 -14.32 -7.85
CA VAL A 139 1.15 -14.37 -6.60
C VAL A 139 1.15 -15.78 -6.04
N LEU A 140 0.02 -16.49 -6.17
CA LEU A 140 -0.03 -17.85 -5.61
C LEU A 140 0.93 -18.77 -6.34
N ALA A 141 1.03 -18.65 -7.67
CA ALA A 141 2.00 -19.46 -8.39
C ALA A 141 3.43 -19.07 -8.03
N ALA A 142 3.69 -17.79 -7.77
CA ALA A 142 5.04 -17.40 -7.39
C ALA A 142 5.43 -18.07 -6.07
N LEU A 143 4.44 -18.30 -5.21
CA LEU A 143 4.68 -18.95 -3.91
C LEU A 143 4.84 -20.45 -4.04
N TYR A 144 3.94 -21.11 -4.79
CA TYR A 144 3.76 -22.55 -4.69
C TYR A 144 3.94 -23.34 -5.98
N SER A 145 4.13 -22.68 -7.13
CA SER A 145 4.10 -23.44 -8.38
C SER A 145 5.21 -24.48 -8.46
N SER A 146 6.32 -24.29 -7.72
CA SER A 146 7.38 -25.30 -7.73
C SER A 146 6.98 -26.58 -7.01
N GLU A 147 5.94 -26.52 -6.17
CA GLU A 147 5.46 -27.69 -5.44
C GLU A 147 4.21 -28.31 -6.07
N GLY A 148 3.52 -27.59 -6.94
CA GLY A 148 2.25 -28.08 -7.44
C GLY A 148 1.11 -27.82 -6.48
N SER A 149 -0.10 -28.16 -6.94
CA SER A 149 -1.33 -27.96 -6.19
C SER A 149 -1.37 -26.54 -5.61
N VAL A 150 -1.19 -25.56 -6.50
CA VAL A 150 -1.04 -24.17 -6.09
C VAL A 150 -2.23 -23.72 -5.25
N MET A 151 -3.44 -23.86 -5.79
CA MET A 151 -4.61 -23.38 -5.05
C MET A 151 -4.76 -24.10 -3.71
N GLU A 152 -4.58 -25.43 -3.71
CA GLU A 152 -4.81 -26.18 -2.47
C GLU A 152 -3.76 -25.84 -1.41
N ARG A 153 -2.53 -25.60 -1.82
CA ARG A 153 -1.55 -25.07 -0.87
C ARG A 153 -2.00 -23.73 -0.31
N HIS A 154 -2.57 -22.87 -1.17
CA HIS A 154 -3.10 -21.60 -0.65
C HIS A 154 -4.26 -21.82 0.32
N HIS A 155 -5.15 -22.76 0.02
CA HIS A 155 -6.29 -23.00 0.91
C HIS A 155 -5.80 -23.45 2.27
N PHE A 156 -4.83 -24.35 2.31
CA PHE A 156 -4.24 -24.79 3.57
C PHE A 156 -3.58 -23.62 4.28
N ALA A 157 -2.76 -22.84 3.56
CA ALA A 157 -2.13 -21.67 4.16
C ALA A 157 -3.16 -20.70 4.73
N GLN A 158 -4.30 -20.54 4.04
CA GLN A 158 -5.36 -19.69 4.55
C GLN A 158 -5.96 -20.24 5.83
N ALA A 159 -6.14 -21.56 5.91
CA ALA A 159 -6.69 -22.15 7.13
C ALA A 159 -5.76 -21.92 8.29
N ILE A 160 -4.44 -22.00 8.05
CA ILE A 160 -3.48 -21.78 9.12
C ILE A 160 -3.48 -20.31 9.54
N ALA A 161 -3.58 -19.41 8.58
CA ALA A 161 -3.65 -17.99 8.91
C ALA A 161 -4.87 -17.67 9.77
N ILE A 162 -5.98 -18.39 9.55
CA ILE A 162 -7.13 -18.22 10.43
C ILE A 162 -6.81 -18.73 11.82
N LEU A 163 -6.21 -19.93 11.92
CA LEU A 163 -5.83 -20.46 13.22
C LEU A 163 -4.84 -19.56 13.93
N ASN A 164 -3.95 -18.92 13.17
CA ASN A 164 -2.96 -18.02 13.76
C ASN A 164 -3.53 -16.65 14.08
N THR A 165 -4.80 -16.39 13.74
CA THR A 165 -5.44 -15.14 14.10
C THR A 165 -5.91 -15.20 15.55
N HIS A 166 -5.57 -14.18 16.33
CA HIS A 166 -5.84 -14.19 17.77
C HIS A 166 -7.31 -14.46 18.04
N GLY A 167 -7.57 -15.41 18.93
CA GLY A 167 -8.92 -15.75 19.31
C GLY A 167 -9.60 -16.78 18.43
N CYS A 168 -8.89 -17.35 17.45
CA CYS A 168 -9.48 -18.25 16.48
C CYS A 168 -8.85 -19.64 16.45
N ASN A 169 -7.85 -19.91 17.28
CA ASN A 169 -7.19 -21.21 17.24
C ASN A 169 -7.94 -22.21 18.12
N ILE A 170 -8.87 -22.91 17.51
CA ILE A 170 -9.66 -23.91 18.18
C ILE A 170 -8.82 -25.08 18.68
N PHE A 171 -7.56 -25.18 18.26
CA PHE A 171 -6.69 -26.27 18.69
C PHE A 171 -5.63 -25.83 19.70
N ASP A 172 -5.69 -24.61 20.22
CA ASP A 172 -4.49 -24.08 20.87
C ASP A 172 -4.24 -24.68 22.25
N HIS A 173 -5.18 -25.42 22.80
CA HIS A 173 -4.98 -26.14 24.04
C HIS A 173 -4.56 -27.59 23.82
N PHE A 174 -4.57 -28.08 22.58
CA PHE A 174 -4.09 -29.42 22.27
C PHE A 174 -2.66 -29.61 22.77
N SER A 175 -2.32 -30.88 23.07
CA SER A 175 -0.91 -31.20 23.28
C SER A 175 -0.11 -30.86 22.03
N ARG A 176 1.19 -30.68 22.20
CA ARG A 176 2.04 -30.36 21.06
C ARG A 176 1.95 -31.43 19.98
N LYS A 177 1.95 -32.70 20.39
CA LYS A 177 1.85 -33.78 19.41
C LYS A 177 0.49 -33.80 18.73
N ASP A 178 -0.60 -33.59 19.49
CA ASP A 178 -1.92 -33.57 18.87
C ASP A 178 -2.07 -32.37 17.96
N TYR A 179 -1.48 -31.23 18.32
CA TYR A 179 -1.55 -30.06 17.45
C TYR A 179 -0.82 -30.31 16.14
N GLN A 180 0.41 -30.81 16.24
CA GLN A 180 1.15 -31.17 15.02
C GLN A 180 0.38 -32.16 14.19
N ARG A 181 -0.26 -33.15 14.85
CA ARG A 181 -1.01 -34.16 14.13
C ARG A 181 -2.18 -33.53 13.37
N MET A 182 -2.93 -32.64 14.03
CA MET A 182 -4.09 -32.02 13.39
C MET A 182 -3.66 -31.22 12.16
N LEU A 183 -2.61 -30.42 12.29
CA LEU A 183 -2.25 -29.57 11.15
C LEU A 183 -1.65 -30.41 10.03
N ASP A 184 -0.94 -31.47 10.36
CA ASP A 184 -0.44 -32.39 9.35
C ASP A 184 -1.60 -33.03 8.59
N LEU A 185 -2.60 -33.51 9.33
CA LEU A 185 -3.79 -34.06 8.69
C LEU A 185 -4.44 -33.03 7.79
N MET A 186 -4.63 -31.80 8.29
CA MET A 186 -5.24 -30.78 7.43
C MET A 186 -4.44 -30.58 6.16
N ARG A 187 -3.11 -30.57 6.28
CA ARG A 187 -2.31 -30.46 5.07
C ARG A 187 -2.64 -31.58 4.08
N ASP A 188 -2.59 -32.83 4.55
CA ASP A 188 -2.76 -33.95 3.62
C ASP A 188 -4.17 -33.97 3.05
N ILE A 189 -5.17 -33.65 3.87
CA ILE A 189 -6.54 -33.76 3.42
C ILE A 189 -6.88 -32.64 2.45
N ILE A 190 -6.48 -31.40 2.75
CA ILE A 190 -6.74 -30.32 1.81
C ILE A 190 -5.95 -30.55 0.52
N LEU A 191 -4.69 -30.98 0.63
CA LEU A 191 -3.93 -31.25 -0.59
C LEU A 191 -4.55 -32.35 -1.44
N ALA A 192 -5.26 -33.30 -0.82
CA ALA A 192 -5.94 -34.35 -1.58
C ALA A 192 -7.09 -33.84 -2.45
N THR A 193 -7.56 -32.60 -2.26
CA THR A 193 -8.66 -32.08 -3.07
C THR A 193 -8.21 -31.70 -4.48
N ASP A 194 -6.91 -31.63 -4.73
CA ASP A 194 -6.39 -31.53 -6.08
C ASP A 194 -6.73 -32.84 -6.82
N LEU A 195 -7.63 -32.78 -7.80
CA LEU A 195 -7.97 -34.03 -8.49
C LEU A 195 -6.76 -34.68 -9.18
N ALA A 196 -5.71 -33.90 -9.48
CA ALA A 196 -4.47 -34.52 -9.97
C ALA A 196 -3.88 -35.44 -8.93
N HIS A 197 -4.03 -35.09 -7.66
CA HIS A 197 -3.59 -35.99 -6.60
C HIS A 197 -4.45 -37.25 -6.57
N HIS A 198 -5.76 -37.07 -6.58
CA HIS A 198 -6.66 -38.22 -6.62
C HIS A 198 -6.29 -39.18 -7.74
N LEU A 199 -6.11 -38.65 -8.96
CA LEU A 199 -5.73 -39.51 -10.09
C LEU A 199 -4.39 -40.21 -9.87
N ARG A 200 -3.44 -39.55 -9.21
CA ARG A 200 -2.18 -40.21 -8.89
C ARG A 200 -2.39 -41.41 -7.96
N ILE A 201 -3.22 -41.27 -6.92
CA ILE A 201 -3.35 -42.34 -5.93
C ILE A 201 -4.43 -43.35 -6.28
N PHE A 202 -5.14 -43.15 -7.40
CA PHE A 202 -6.35 -43.94 -7.67
C PHE A 202 -6.08 -45.44 -7.66
N LYS A 203 -4.96 -45.87 -8.26
CA LYS A 203 -4.65 -47.29 -8.27
C LYS A 203 -4.37 -47.81 -6.86
N ASP A 204 -3.77 -46.98 -6.01
CA ASP A 204 -3.59 -47.41 -4.62
C ASP A 204 -4.92 -47.48 -3.89
N LEU A 205 -5.86 -46.61 -4.25
CA LEU A 205 -7.21 -46.71 -3.70
C LEU A 205 -7.88 -48.00 -4.15
N GLN A 206 -7.81 -48.30 -5.44
CA GLN A 206 -8.29 -49.59 -5.94
C GLN A 206 -7.65 -50.75 -5.19
N LYS A 207 -6.32 -50.71 -5.03
CA LYS A 207 -5.64 -51.81 -4.36
C LYS A 207 -6.09 -51.95 -2.91
N MET A 208 -6.34 -50.82 -2.24
CA MET A 208 -6.81 -50.88 -0.85
C MET A 208 -8.19 -51.54 -0.76
N ALA A 209 -9.11 -51.16 -1.66
CA ALA A 209 -10.43 -51.78 -1.65
C ALA A 209 -10.38 -53.24 -2.03
N GLU A 210 -9.41 -53.63 -2.86
CA GLU A 210 -9.32 -55.02 -3.28
C GLU A 210 -8.87 -55.92 -2.13
N VAL A 211 -7.74 -55.59 -1.50
CA VAL A 211 -7.26 -56.41 -0.41
C VAL A 211 -8.10 -56.23 0.85
N GLY A 212 -8.80 -55.11 0.97
CA GLY A 212 -9.64 -54.88 2.13
C GLY A 212 -8.99 -53.97 3.13
N TYR A 213 -9.77 -53.02 3.66
CA TYR A 213 -9.25 -52.01 4.57
C TYR A 213 -8.64 -52.66 5.81
N ASP A 214 -7.43 -52.22 6.15
CA ASP A 214 -6.70 -52.65 7.34
C ASP A 214 -6.61 -51.47 8.31
N ARG A 215 -7.44 -51.51 9.37
CA ARG A 215 -7.44 -50.42 10.34
C ARG A 215 -6.08 -50.23 11.03
N ASN A 216 -5.22 -51.25 11.02
CA ASN A 216 -3.90 -51.10 11.61
C ASN A 216 -2.85 -50.60 10.62
N ASN A 217 -3.25 -50.30 9.39
CA ASN A 217 -2.32 -49.92 8.32
C ASN A 217 -2.40 -48.42 8.16
N LYS A 218 -1.33 -47.71 8.55
CA LYS A 218 -1.34 -46.26 8.55
C LYS A 218 -1.49 -45.70 7.15
N GLN A 219 -0.95 -46.39 6.13
CA GLN A 219 -1.15 -45.90 4.78
C GLN A 219 -2.62 -46.06 4.36
N HIS A 220 -3.30 -47.12 4.80
CA HIS A 220 -4.72 -47.24 4.50
C HIS A 220 -5.51 -46.08 5.09
N HIS A 221 -5.16 -45.64 6.30
CA HIS A 221 -5.85 -44.50 6.91
C HIS A 221 -5.69 -43.26 6.03
N ARG A 222 -4.46 -43.00 5.57
CA ARG A 222 -4.23 -41.81 4.76
C ARG A 222 -4.99 -41.90 3.45
N LEU A 223 -4.96 -43.07 2.83
CA LEU A 223 -5.65 -43.28 1.56
C LEU A 223 -7.15 -43.13 1.72
N LEU A 224 -7.69 -43.69 2.80
CA LEU A 224 -9.12 -43.56 3.05
C LEU A 224 -9.52 -42.12 3.27
N LEU A 225 -8.71 -41.36 4.02
CA LEU A 225 -8.99 -39.94 4.24
C LEU A 225 -9.04 -39.20 2.90
N CYS A 226 -8.10 -39.51 1.99
CA CYS A 226 -8.12 -38.85 0.68
C CYS A 226 -9.39 -39.18 -0.07
N LEU A 227 -9.79 -40.46 -0.08
CA LEU A 227 -11.00 -40.85 -0.81
C LEU A 227 -12.24 -40.20 -0.22
N LEU A 228 -12.33 -40.15 1.10
CA LEU A 228 -13.49 -39.53 1.75
C LEU A 228 -13.55 -38.04 1.43
N MET A 229 -12.41 -37.35 1.49
CA MET A 229 -12.40 -35.93 1.17
C MET A 229 -12.87 -35.69 -0.25
N THR A 230 -12.35 -36.49 -1.19
CA THR A 230 -12.78 -36.35 -2.58
C THR A 230 -14.28 -36.62 -2.70
N SER A 231 -14.76 -37.61 -1.95
CA SER A 231 -16.18 -37.94 -1.98
C SER A 231 -17.02 -36.78 -1.47
N CYS A 232 -16.56 -36.13 -0.41
CA CYS A 232 -17.21 -34.91 0.06
C CYS A 232 -17.14 -33.81 -1.00
N ASP A 233 -15.97 -33.62 -1.61
CA ASP A 233 -15.76 -32.52 -2.56
C ASP A 233 -16.72 -32.63 -3.75
N LEU A 234 -16.99 -33.84 -4.21
CA LEU A 234 -17.83 -34.06 -5.39
C LEU A 234 -19.27 -34.38 -5.03
N SER A 235 -19.65 -34.25 -3.75
CA SER A 235 -20.90 -34.82 -3.27
C SER A 235 -22.13 -34.17 -3.88
N ASP A 236 -21.97 -32.98 -4.48
CA ASP A 236 -23.08 -32.39 -5.24
C ASP A 236 -23.66 -33.34 -6.28
N GLN A 237 -22.84 -34.25 -6.80
CA GLN A 237 -23.30 -35.14 -7.85
C GLN A 237 -24.12 -36.32 -7.34
N THR A 238 -24.21 -36.49 -6.01
CA THR A 238 -24.91 -37.60 -5.38
C THR A 238 -26.34 -37.24 -4.99
N LYS A 239 -26.81 -36.06 -5.35
CA LYS A 239 -28.14 -35.60 -5.00
C LYS A 239 -29.06 -35.79 -6.21
N GLY A 240 -30.22 -35.15 -6.19
CA GLY A 240 -31.15 -35.28 -7.30
C GLY A 240 -30.67 -34.62 -8.58
N TRP A 241 -31.45 -34.82 -9.66
CA TRP A 241 -31.10 -34.21 -10.93
C TRP A 241 -31.10 -32.69 -10.85
N LYS A 242 -32.09 -32.11 -10.13
CA LYS A 242 -32.15 -30.66 -10.01
C LYS A 242 -30.85 -30.10 -9.44
N THR A 243 -30.29 -30.76 -8.44
CA THR A 243 -29.01 -30.30 -7.90
C THR A 243 -27.89 -30.43 -8.94
N THR A 244 -27.85 -31.57 -9.64
CA THR A 244 -26.79 -31.79 -10.63
C THR A 244 -26.85 -30.74 -11.74
N ARG A 245 -28.05 -30.41 -12.19
CA ARG A 245 -28.20 -29.41 -13.24
C ARG A 245 -27.76 -28.03 -12.76
N LYS A 246 -28.19 -27.63 -11.56
CA LYS A 246 -27.81 -26.32 -11.04
C LYS A 246 -26.30 -26.26 -10.78
N ILE A 247 -25.72 -27.34 -10.25
CA ILE A 247 -24.30 -27.34 -9.96
C ILE A 247 -23.50 -27.29 -11.27
N ALA A 248 -24.01 -27.95 -12.31
CA ALA A 248 -23.38 -27.83 -13.62
C ALA A 248 -23.39 -26.38 -14.10
N GLU A 249 -24.52 -25.69 -13.92
CA GLU A 249 -24.62 -24.29 -14.30
C GLU A 249 -23.58 -23.44 -13.58
N LEU A 250 -23.38 -23.70 -12.29
CA LEU A 250 -22.43 -22.91 -11.51
C LEU A 250 -20.99 -23.18 -11.93
N ILE A 251 -20.66 -24.45 -12.11
CA ILE A 251 -19.30 -24.82 -12.52
C ILE A 251 -18.96 -24.17 -13.86
N TYR A 252 -19.86 -24.28 -14.83
CA TYR A 252 -19.50 -23.77 -16.15
C TYR A 252 -19.53 -22.25 -16.20
N LYS A 253 -20.37 -21.58 -15.42
CA LYS A 253 -20.27 -20.13 -15.30
C LYS A 253 -18.88 -19.74 -14.83
N GLU A 254 -18.41 -20.41 -13.78
CA GLU A 254 -17.07 -20.16 -13.27
C GLU A 254 -16.02 -20.49 -14.32
N PHE A 255 -16.10 -21.70 -14.90
CA PHE A 255 -15.12 -22.13 -15.89
C PHE A 255 -15.07 -21.16 -17.07
N PHE A 256 -16.23 -20.85 -17.63
CA PHE A 256 -16.23 -20.01 -18.82
C PHE A 256 -15.72 -18.62 -18.52
N SER A 257 -15.94 -18.12 -17.30
CA SER A 257 -15.38 -16.82 -16.93
C SER A 257 -13.85 -16.87 -16.94
N GLN A 258 -13.27 -17.95 -16.41
CA GLN A 258 -11.82 -18.10 -16.53
C GLN A 258 -11.40 -18.20 -17.98
N GLY A 259 -12.13 -18.99 -18.78
CA GLY A 259 -11.81 -19.10 -20.19
C GLY A 259 -11.85 -17.75 -20.87
N ASP A 260 -12.84 -16.92 -20.53
CA ASP A 260 -12.89 -15.58 -21.11
C ASP A 260 -11.61 -14.82 -20.79
N LEU A 261 -11.09 -15.00 -19.57
CA LEU A 261 -9.86 -14.33 -19.18
C LEU A 261 -8.66 -14.88 -19.92
N GLU A 262 -8.61 -16.20 -20.12
CA GLU A 262 -7.50 -16.79 -20.86
C GLU A 262 -7.44 -16.24 -22.28
N LYS A 263 -8.60 -16.06 -22.92
CA LYS A 263 -8.67 -15.51 -24.28
C LYS A 263 -8.18 -14.07 -24.32
N ALA A 264 -8.55 -13.26 -23.32
CA ALA A 264 -8.06 -11.90 -23.28
C ALA A 264 -6.56 -11.82 -23.00
N MET A 265 -5.94 -12.92 -22.57
CA MET A 265 -4.49 -13.00 -22.42
C MET A 265 -3.81 -13.59 -23.64
N GLY A 266 -4.56 -13.95 -24.67
CA GLY A 266 -3.97 -14.56 -25.83
C GLY A 266 -3.76 -16.06 -25.72
N ASN A 267 -4.35 -16.69 -24.74
CA ASN A 267 -4.17 -18.11 -24.51
C ASN A 267 -5.42 -18.88 -24.95
N ARG A 268 -5.21 -20.10 -25.39
CA ARG A 268 -6.27 -21.02 -25.77
C ARG A 268 -6.80 -21.73 -24.54
N PRO A 269 -8.04 -21.46 -24.14
CA PRO A 269 -8.59 -22.17 -22.98
C PRO A 269 -8.77 -23.65 -23.29
N MET A 270 -8.73 -24.46 -22.24
CA MET A 270 -9.29 -25.80 -22.34
C MET A 270 -10.68 -25.71 -22.92
N GLU A 271 -11.06 -26.71 -23.71
CA GLU A 271 -12.37 -26.65 -24.33
C GLU A 271 -13.48 -26.65 -23.29
N MET A 272 -13.26 -27.30 -22.13
CA MET A 272 -14.30 -27.28 -21.11
C MET A 272 -14.44 -25.92 -20.44
N MET A 273 -13.52 -25.00 -20.68
CA MET A 273 -13.62 -23.64 -20.17
C MET A 273 -13.86 -22.61 -21.28
N ASP A 274 -14.07 -23.06 -22.50
CA ASP A 274 -14.33 -22.18 -23.62
C ASP A 274 -15.81 -22.24 -23.96
N ARG A 275 -16.54 -21.16 -23.66
CA ARG A 275 -17.97 -21.10 -23.90
C ARG A 275 -18.33 -21.24 -25.38
N GLU A 276 -17.36 -21.10 -26.28
CA GLU A 276 -17.64 -21.31 -27.70
C GLU A 276 -17.44 -22.75 -28.14
N LYS A 277 -16.80 -23.58 -27.32
CA LYS A 277 -16.52 -24.97 -27.67
C LYS A 277 -17.13 -25.99 -26.74
N ALA A 278 -17.28 -25.66 -25.46
CA ALA A 278 -17.77 -26.62 -24.47
C ALA A 278 -19.17 -27.07 -24.79
N TYR A 279 -19.36 -28.37 -24.88
CA TYR A 279 -20.67 -29.00 -25.03
C TYR A 279 -20.98 -29.68 -23.70
N ILE A 280 -21.82 -29.01 -22.91
CA ILE A 280 -21.99 -29.39 -21.50
C ILE A 280 -22.46 -30.82 -21.31
N PRO A 281 -23.47 -31.33 -22.05
CA PRO A 281 -23.89 -32.73 -21.82
C PRO A 281 -22.76 -33.72 -21.98
N GLU A 282 -21.92 -33.57 -23.00
CA GLU A 282 -20.81 -34.49 -23.22
C GLU A 282 -19.74 -34.34 -22.13
N LEU A 283 -19.45 -33.11 -21.71
CA LEU A 283 -18.51 -32.91 -20.62
C LEU A 283 -19.02 -33.49 -19.31
N GLN A 284 -20.33 -33.36 -19.04
CA GLN A 284 -20.85 -33.89 -17.79
C GLN A 284 -20.86 -35.41 -17.82
N ILE A 285 -21.22 -36.02 -18.97
CA ILE A 285 -21.16 -37.47 -19.07
C ILE A 285 -19.72 -37.95 -18.88
N SER A 286 -18.76 -37.28 -19.53
CA SER A 286 -17.35 -37.64 -19.38
C SER A 286 -16.90 -37.52 -17.93
N PHE A 287 -17.27 -36.41 -17.27
CA PHE A 287 -16.86 -36.22 -15.88
C PHE A 287 -17.47 -37.29 -14.99
N MET A 288 -18.73 -37.66 -15.23
CA MET A 288 -19.35 -38.68 -14.41
C MET A 288 -18.71 -40.03 -14.67
N GLU A 289 -18.48 -40.35 -15.94
CA GLU A 289 -17.97 -41.68 -16.31
C GLU A 289 -16.55 -41.90 -15.79
N HIS A 290 -15.68 -40.92 -15.99
CA HIS A 290 -14.26 -41.09 -15.78
C HIS A 290 -13.79 -40.63 -14.40
N ILE A 291 -14.53 -39.74 -13.74
CA ILE A 291 -14.08 -39.22 -12.46
C ILE A 291 -15.09 -39.51 -11.35
N ALA A 292 -16.35 -39.09 -11.53
CA ALA A 292 -17.29 -39.14 -10.41
C ALA A 292 -17.71 -40.58 -10.10
N MET A 293 -18.16 -41.32 -11.12
CA MET A 293 -18.63 -42.69 -10.87
C MET A 293 -17.55 -43.59 -10.28
N PRO A 294 -16.30 -43.59 -10.75
CA PRO A 294 -15.29 -44.45 -10.11
C PRO A 294 -15.03 -44.12 -8.65
N ILE A 295 -15.14 -42.85 -8.27
CA ILE A 295 -14.91 -42.48 -6.88
C ILE A 295 -15.98 -43.08 -5.98
N TYR A 296 -17.25 -42.99 -6.40
CA TYR A 296 -18.31 -43.50 -5.56
C TYR A 296 -18.45 -45.00 -5.67
N LYS A 297 -18.04 -45.60 -6.78
CA LYS A 297 -17.88 -47.04 -6.81
C LYS A 297 -16.89 -47.51 -5.74
N LEU A 298 -15.75 -46.82 -5.64
CA LEU A 298 -14.78 -47.19 -4.60
C LEU A 298 -15.38 -47.02 -3.22
N LEU A 299 -16.07 -45.90 -2.99
CA LEU A 299 -16.73 -45.70 -1.70
C LEU A 299 -17.70 -46.83 -1.39
N GLN A 300 -18.47 -47.27 -2.41
CA GLN A 300 -19.38 -48.40 -2.22
C GLN A 300 -18.62 -49.69 -1.93
N ASP A 301 -17.50 -49.92 -2.63
CA ASP A 301 -16.73 -51.14 -2.40
C ASP A 301 -16.25 -51.20 -0.95
N LEU A 302 -15.85 -50.07 -0.39
CA LEU A 302 -15.40 -50.05 0.99
C LEU A 302 -16.57 -50.02 1.97
N PHE A 303 -17.59 -49.22 1.69
CA PHE A 303 -18.75 -49.07 2.57
C PHE A 303 -19.99 -49.48 1.80
N PRO A 304 -20.50 -50.70 2.00
CA PRO A 304 -21.71 -51.10 1.26
C PRO A 304 -22.89 -50.17 1.45
N LYS A 305 -22.98 -49.50 2.60
CA LYS A 305 -24.09 -48.58 2.79
C LYS A 305 -23.99 -47.32 1.93
N ALA A 306 -22.87 -47.11 1.24
CA ALA A 306 -22.73 -46.01 0.29
C ALA A 306 -23.24 -46.38 -1.10
N ALA A 307 -23.91 -47.52 -1.26
CA ALA A 307 -24.34 -47.94 -2.59
C ALA A 307 -25.28 -46.92 -3.22
N GLU A 308 -26.17 -46.33 -2.42
CA GLU A 308 -27.15 -45.41 -2.99
C GLU A 308 -26.46 -44.19 -3.59
N LEU A 309 -25.30 -43.82 -3.07
CA LEU A 309 -24.57 -42.69 -3.62
C LEU A 309 -24.06 -43.00 -5.02
N TYR A 310 -23.45 -44.17 -5.21
CA TYR A 310 -22.99 -44.55 -6.54
C TYR A 310 -24.15 -44.63 -7.52
N GLU A 311 -25.28 -45.21 -7.11
CA GLU A 311 -26.42 -45.32 -7.99
C GLU A 311 -26.98 -43.96 -8.37
N ARG A 312 -26.90 -42.97 -7.47
CA ARG A 312 -27.34 -41.62 -7.79
C ARG A 312 -26.45 -40.99 -8.85
N VAL A 313 -25.13 -41.11 -8.68
CA VAL A 313 -24.22 -40.54 -9.68
C VAL A 313 -24.45 -41.21 -11.03
N ALA A 314 -24.61 -42.53 -11.03
CA ALA A 314 -24.91 -43.23 -12.28
C ALA A 314 -26.23 -42.74 -12.88
N SER A 315 -27.24 -42.50 -12.03
CA SER A 315 -28.53 -42.01 -12.52
C SER A 315 -28.38 -40.62 -13.14
N ASN A 316 -27.74 -39.70 -12.42
CA ASN A 316 -27.49 -38.37 -12.96
C ASN A 316 -26.73 -38.43 -14.28
N ARG A 317 -25.85 -39.43 -14.42
CA ARG A 317 -25.12 -39.59 -15.68
C ARG A 317 -26.07 -39.95 -16.80
N GLU A 318 -27.02 -40.84 -16.52
CA GLU A 318 -28.01 -41.23 -17.51
C GLU A 318 -28.93 -40.06 -17.87
N HIS A 319 -29.17 -39.16 -16.92
CA HIS A 319 -30.02 -38.00 -17.19
C HIS A 319 -29.39 -37.06 -18.23
N TRP A 320 -28.06 -36.90 -18.17
CA TRP A 320 -27.40 -36.03 -19.14
C TRP A 320 -27.57 -36.56 -20.55
N THR A 321 -27.44 -37.88 -20.74
CA THR A 321 -27.65 -38.44 -22.07
C THR A 321 -29.09 -38.24 -22.52
N LYS A 322 -30.05 -38.30 -21.59
CA LYS A 322 -31.46 -38.20 -21.96
C LYS A 322 -31.82 -36.78 -22.37
N VAL A 323 -31.20 -35.77 -21.76
CA VAL A 323 -31.51 -34.37 -22.08
C VAL A 323 -30.56 -33.79 -23.12
N SER A 324 -29.58 -34.56 -23.59
CA SER A 324 -28.58 -34.01 -24.50
C SER A 324 -29.23 -33.49 -25.78
N HIS A 325 -30.23 -34.20 -26.29
CA HIS A 325 -30.92 -33.78 -27.50
C HIS A 325 -31.46 -32.37 -27.40
N LYS A 326 -31.71 -31.85 -26.19
CA LYS A 326 -32.28 -30.53 -26.01
C LYS A 326 -31.28 -29.41 -26.22
N PHE A 327 -29.99 -29.72 -26.32
CA PHE A 327 -29.01 -28.69 -26.66
C PHE A 327 -28.95 -28.41 -28.17
N THR A 328 -29.64 -29.21 -28.98
CA THR A 328 -29.74 -28.95 -30.41
C THR A 328 -30.99 -28.13 -30.67
N ILE A 329 -30.85 -27.08 -31.47
CA ILE A 329 -31.95 -26.16 -31.75
C ILE A 329 -32.78 -26.74 -32.90
N ARG A 330 -33.95 -27.27 -32.59
CA ARG A 330 -34.90 -27.73 -33.58
C ARG A 330 -35.96 -26.66 -33.81
N GLY A 331 -36.47 -26.60 -35.03
CA GLY A 331 -37.34 -25.50 -35.37
C GLY A 331 -36.60 -24.18 -35.30
N LEU A 332 -37.34 -23.12 -35.03
CA LEU A 332 -36.77 -21.79 -34.87
C LEU A 332 -36.56 -21.50 -33.40
N PRO A 333 -35.62 -20.61 -33.08
CA PRO A 333 -35.51 -20.12 -31.70
C PRO A 333 -36.83 -19.49 -31.26
N SER A 334 -37.00 -19.40 -29.94
CA SER A 334 -38.30 -19.03 -29.38
C SER A 334 -38.75 -17.65 -29.82
N ASN A 335 -37.85 -16.83 -30.35
CA ASN A 335 -38.20 -15.52 -30.88
C ASN A 335 -38.56 -15.56 -32.37
N ASN A 336 -38.58 -16.74 -32.99
CA ASN A 336 -38.85 -16.93 -34.41
C ASN A 336 -37.78 -16.32 -35.31
N SER A 337 -36.63 -15.94 -34.76
CA SER A 337 -35.63 -15.20 -35.49
C SER A 337 -34.38 -16.05 -35.71
N LEU A 338 -33.80 -15.92 -36.90
CA LEU A 338 -32.50 -16.53 -37.20
C LEU A 338 -31.36 -15.53 -37.07
N ASP A 339 -31.59 -14.40 -36.39
CA ASP A 339 -30.58 -13.36 -36.26
C ASP A 339 -29.29 -13.88 -35.64
N PHE A 340 -29.38 -14.84 -34.72
CA PHE A 340 -28.18 -15.34 -34.06
C PHE A 340 -27.19 -15.97 -35.04
N LEU A 341 -27.63 -16.30 -36.26
CA LEU A 341 -26.73 -16.83 -37.27
C LEU A 341 -25.73 -15.77 -37.70
N MET B 3 5.32 4.46 16.37
CA MET B 3 5.10 3.62 15.19
C MET B 3 4.58 4.46 14.03
N ASP B 4 3.33 4.92 14.11
CA ASP B 4 2.87 5.91 13.16
C ASP B 4 3.61 7.23 13.32
N ASP B 5 4.03 7.54 14.55
CA ASP B 5 4.99 8.62 14.74
C ASP B 5 6.24 8.37 13.91
N GLU B 6 6.73 7.14 13.92
CA GLU B 6 7.90 6.84 13.11
C GLU B 6 7.58 7.00 11.63
N TYR B 7 6.37 6.61 11.22
CA TYR B 7 5.97 6.76 9.82
C TYR B 7 6.00 8.22 9.40
N THR B 8 5.40 9.07 10.23
CA THR B 8 5.33 10.49 9.90
C THR B 8 6.71 11.08 9.71
N LYS B 9 7.61 10.86 10.67
CA LYS B 9 8.95 11.41 10.53
C LYS B 9 9.68 10.79 9.35
N LEU B 10 9.50 9.48 9.16
CA LEU B 10 10.20 8.80 8.08
C LEU B 10 9.73 9.33 6.73
N LEU B 11 8.49 9.75 6.63
CA LEU B 11 7.98 10.21 5.36
C LEU B 11 8.16 11.71 5.15
N HIS B 12 7.98 12.53 6.18
CA HIS B 12 7.97 13.98 5.96
C HIS B 12 9.27 14.69 6.33
N ASP B 13 10.20 14.04 7.04
CA ASP B 13 11.52 14.61 7.22
C ASP B 13 12.40 14.28 6.02
N GLY B 14 13.38 15.15 5.76
CA GLY B 14 14.35 14.85 4.73
C GLY B 14 15.11 13.58 5.04
N ILE B 15 15.48 12.87 3.99
CA ILE B 15 16.36 11.70 4.14
C ILE B 15 17.77 12.20 4.41
N GLN B 16 18.30 11.87 5.58
CA GLN B 16 19.61 12.37 6.00
C GLN B 16 20.71 11.85 5.08
N PRO B 17 21.70 12.67 4.72
CA PRO B 17 22.87 12.13 4.00
C PRO B 17 23.56 11.07 4.85
N VAL B 18 24.11 10.03 4.20
CA VAL B 18 24.66 8.91 4.97
C VAL B 18 25.80 9.37 5.88
N ALA B 19 26.61 10.33 5.44
CA ALA B 19 27.72 10.78 6.26
C ALA B 19 27.26 11.52 7.51
N ALA B 20 26.00 11.96 7.55
CA ALA B 20 25.49 12.63 8.74
C ALA B 20 24.96 11.63 9.77
N ILE B 21 24.71 10.39 9.35
CA ILE B 21 24.46 9.31 10.31
C ILE B 21 25.73 9.03 11.11
N ASP B 22 26.84 8.84 10.40
CA ASP B 22 28.14 8.60 10.99
C ASP B 22 29.17 8.95 9.95
N SER B 23 30.27 9.58 10.38
CA SER B 23 31.33 9.94 9.45
C SER B 23 31.89 8.72 8.73
N ASN B 24 31.88 7.56 9.37
CA ASN B 24 32.45 6.34 8.80
C ASN B 24 31.38 5.39 8.29
N PHE B 25 30.19 5.90 7.97
CA PHE B 25 29.04 5.04 7.67
C PHE B 25 29.28 4.16 6.46
N ALA B 26 30.09 4.60 5.50
CA ALA B 26 30.29 3.84 4.28
C ALA B 26 31.62 3.09 4.26
N SER B 27 32.24 2.92 5.42
CA SER B 27 33.51 2.21 5.53
C SER B 27 33.30 0.79 6.02
N PHE B 28 34.18 -0.12 5.59
CA PHE B 28 34.12 -1.50 6.03
C PHE B 28 34.37 -1.64 7.53
N THR B 29 34.85 -0.58 8.19
CA THR B 29 35.09 -0.62 9.62
C THR B 29 33.87 -0.23 10.44
N TYR B 30 32.85 0.33 9.81
CA TYR B 30 31.63 0.70 10.52
C TYR B 30 30.88 -0.54 10.99
N THR B 31 30.35 -0.48 12.22
CA THR B 31 29.53 -1.55 12.76
C THR B 31 28.07 -1.11 12.81
N PRO B 32 27.24 -1.50 11.83
CA PRO B 32 25.86 -1.01 11.81
C PRO B 32 25.04 -1.40 13.02
N ARG B 33 25.40 -2.47 13.73
CA ARG B 33 24.69 -2.78 14.98
C ARG B 33 24.90 -1.73 16.07
N SER B 34 25.90 -0.84 15.90
CA SER B 34 26.04 0.30 16.82
C SER B 34 24.88 1.26 16.69
N LEU B 35 24.23 1.30 15.53
CA LEU B 35 23.19 2.28 15.26
C LEU B 35 21.94 1.96 16.07
N PRO B 36 21.36 2.93 16.77
CA PRO B 36 20.11 2.68 17.50
C PRO B 36 19.05 2.07 16.61
N GLU B 37 18.32 1.08 17.15
CA GLU B 37 17.28 0.44 16.35
C GLU B 37 16.25 1.44 15.85
N ASP B 38 15.96 2.50 16.62
CA ASP B 38 14.99 3.48 16.17
C ASP B 38 15.47 4.28 14.96
N ASP B 39 16.77 4.29 14.69
CA ASP B 39 17.32 5.01 13.56
C ASP B 39 17.55 4.14 12.32
N THR B 40 17.25 2.84 12.41
CA THR B 40 17.64 1.96 11.30
C THR B 40 16.75 2.17 10.07
N SER B 41 15.45 2.43 10.25
CA SER B 41 14.61 2.63 9.07
C SER B 41 14.99 3.91 8.33
N MET B 42 15.34 4.96 9.07
CA MET B 42 15.82 6.17 8.40
C MET B 42 17.13 5.88 7.66
N ALA B 43 17.98 5.03 8.24
CA ALA B 43 19.26 4.67 7.61
C ALA B 43 19.05 3.87 6.33
N ILE B 44 18.05 3.00 6.30
CA ILE B 44 17.73 2.31 5.04
C ILE B 44 17.41 3.33 3.96
N LEU B 45 16.57 4.32 4.29
CA LEU B 45 16.24 5.36 3.31
C LEU B 45 17.47 6.13 2.89
N SER B 46 18.38 6.37 3.83
CA SER B 46 19.62 7.08 3.49
C SER B 46 20.46 6.28 2.51
N MET B 47 20.52 4.96 2.70
CA MET B 47 21.31 4.14 1.79
C MET B 47 20.67 4.08 0.40
N LEU B 48 19.34 3.95 0.34
CA LEU B 48 18.66 3.92 -0.95
C LEU B 48 18.82 5.23 -1.69
N GLN B 49 18.72 6.35 -0.96
CA GLN B 49 18.93 7.65 -1.59
C GLN B 49 20.37 7.82 -2.07
N ASP B 50 21.34 7.30 -1.31
CA ASP B 50 22.73 7.44 -1.73
C ASP B 50 23.04 6.52 -2.90
N MET B 51 22.35 5.39 -3.01
CA MET B 51 22.50 4.55 -4.18
C MET B 51 21.64 5.03 -5.36
N ASN B 52 21.00 6.20 -5.19
CA ASN B 52 20.10 6.82 -6.17
C ASN B 52 18.98 5.91 -6.64
N PHE B 53 18.66 4.88 -5.85
CA PHE B 53 17.61 3.94 -6.26
C PHE B 53 16.23 4.57 -6.20
N ILE B 54 16.02 5.54 -5.31
CA ILE B 54 14.72 6.17 -5.20
C ILE B 54 14.40 6.90 -6.50
N ASN B 55 15.42 7.47 -7.15
CA ASN B 55 15.26 8.18 -8.41
C ASN B 55 15.20 7.22 -9.60
N ASN B 56 16.15 6.29 -9.69
CA ASN B 56 16.23 5.43 -10.87
C ASN B 56 14.93 4.65 -11.06
N TYR B 57 14.31 4.19 -9.97
CA TYR B 57 13.11 3.39 -10.02
C TYR B 57 11.87 4.15 -9.56
N LYS B 58 11.95 5.48 -9.54
CA LYS B 58 10.81 6.37 -9.30
C LYS B 58 9.98 5.90 -8.12
N ILE B 59 10.65 5.59 -7.02
CA ILE B 59 9.96 5.00 -5.88
C ILE B 59 9.15 6.08 -5.18
N ASP B 60 7.84 5.86 -5.09
CA ASP B 60 6.98 6.74 -4.30
C ASP B 60 7.44 6.74 -2.85
N CYS B 61 7.63 7.94 -2.29
CA CYS B 61 8.22 8.01 -0.95
C CYS B 61 7.30 7.47 0.14
N PRO B 62 5.99 7.78 0.17
CA PRO B 62 5.13 7.10 1.15
C PRO B 62 5.19 5.59 1.03
N THR B 63 5.15 5.10 -0.21
CA THR B 63 5.20 3.66 -0.42
C THR B 63 6.50 3.08 0.13
N LEU B 64 7.62 3.76 -0.13
CA LEU B 64 8.90 3.29 0.35
C LEU B 64 8.96 3.30 1.88
N ALA B 65 8.42 4.35 2.50
CA ALA B 65 8.42 4.42 3.96
C ALA B 65 7.57 3.31 4.56
N ARG B 66 6.40 3.05 3.96
CA ARG B 66 5.55 1.97 4.44
C ARG B 66 6.22 0.61 4.23
N PHE B 67 6.89 0.44 3.10
CA PHE B 67 7.61 -0.81 2.84
C PHE B 67 8.65 -1.08 3.91
N CYS B 68 9.54 -0.11 4.15
CA CYS B 68 10.58 -0.27 5.16
C CYS B 68 10.00 -0.62 6.53
N LEU B 69 8.89 0.00 6.90
CA LEU B 69 8.36 -0.25 8.24
C LEU B 69 7.69 -1.62 8.29
N MET B 70 6.97 -1.98 7.22
CA MET B 70 6.38 -3.32 7.15
C MET B 70 7.45 -4.39 7.19
N VAL B 71 8.57 -4.18 6.49
CA VAL B 71 9.66 -5.16 6.49
C VAL B 71 10.23 -5.32 7.91
N LYS B 72 10.46 -4.20 8.60
CA LYS B 72 11.00 -4.26 9.96
C LYS B 72 10.03 -4.98 10.88
N LYS B 73 8.74 -4.64 10.79
CA LYS B 73 7.70 -5.27 11.60
C LYS B 73 7.53 -6.73 11.26
N GLY B 74 7.99 -7.17 10.08
CA GLY B 74 7.89 -8.58 9.71
C GLY B 74 8.95 -9.49 10.28
N TYR B 75 9.87 -8.94 11.08
CA TYR B 75 10.84 -9.77 11.80
C TYR B 75 10.34 -10.00 13.21
N ARG B 76 10.50 -11.23 13.69
CA ARG B 76 10.30 -11.54 15.09
C ARG B 76 11.57 -11.16 15.86
N ASP B 77 11.65 -11.60 17.11
CA ASP B 77 12.79 -11.20 17.94
C ASP B 77 13.51 -12.43 18.54
N PRO B 78 13.92 -13.42 17.74
CA PRO B 78 14.85 -14.41 18.27
C PRO B 78 16.19 -13.75 18.52
N PRO B 79 17.09 -14.36 19.27
CA PRO B 79 18.35 -13.66 19.60
C PRO B 79 19.14 -13.16 18.39
N TYR B 80 19.25 -13.94 17.30
CA TYR B 80 20.04 -13.53 16.14
C TYR B 80 19.22 -13.15 14.92
N HIS B 81 18.23 -13.94 14.53
CA HIS B 81 17.56 -13.70 13.25
C HIS B 81 16.40 -12.70 13.42
N ASN B 82 16.78 -11.45 13.66
CA ASN B 82 15.84 -10.37 13.95
C ASN B 82 16.10 -9.21 12.98
N TRP B 83 15.38 -8.10 13.15
CA TRP B 83 15.53 -6.97 12.22
C TRP B 83 16.96 -6.43 12.22
N MET B 84 17.63 -6.42 13.39
CA MET B 84 18.98 -5.86 13.41
C MET B 84 19.93 -6.68 12.56
N HIS B 85 19.70 -7.98 12.46
CA HIS B 85 20.44 -8.78 11.49
C HIS B 85 20.17 -8.30 10.06
N ALA B 86 18.89 -8.23 9.68
CA ALA B 86 18.55 -7.82 8.33
C ALA B 86 19.11 -6.46 8.00
N PHE B 87 19.01 -5.52 8.94
CA PHE B 87 19.56 -4.18 8.71
C PHE B 87 21.06 -4.25 8.51
N SER B 88 21.76 -5.01 9.34
CA SER B 88 23.21 -5.04 9.21
C SER B 88 23.64 -5.75 7.94
N VAL B 89 22.88 -6.77 7.53
CA VAL B 89 23.13 -7.43 6.24
C VAL B 89 22.89 -6.45 5.10
N SER B 90 21.82 -5.64 5.21
CA SER B 90 21.54 -4.62 4.19
C SER B 90 22.60 -3.53 4.17
N HIS B 91 23.10 -3.16 5.36
CA HIS B 91 24.16 -2.17 5.38
C HIS B 91 25.40 -2.69 4.68
N PHE B 92 25.69 -3.99 4.82
CA PHE B 92 26.87 -4.50 4.15
C PHE B 92 26.70 -4.45 2.64
N CYS B 93 25.48 -4.69 2.15
CA CYS B 93 25.23 -4.57 0.71
C CYS B 93 25.60 -3.18 0.24
N TYR B 94 25.15 -2.17 0.98
CA TYR B 94 25.51 -0.81 0.68
C TYR B 94 27.03 -0.63 0.67
N LEU B 95 27.72 -1.22 1.66
CA LEU B 95 29.18 -1.12 1.68
C LEU B 95 29.80 -1.71 0.41
N LEU B 96 29.30 -2.85 -0.04
CA LEU B 96 29.84 -3.44 -1.27
C LEU B 96 29.56 -2.53 -2.45
N TYR B 97 28.35 -1.96 -2.52
CA TYR B 97 28.04 -0.99 -3.56
C TYR B 97 29.04 0.17 -3.55
N LYS B 98 29.29 0.74 -2.37
CA LYS B 98 30.12 1.93 -2.28
C LYS B 98 31.59 1.62 -2.45
N ASN B 99 32.04 0.47 -1.98
CA ASN B 99 33.47 0.18 -1.91
C ASN B 99 33.98 -0.68 -3.06
N LEU B 100 33.13 -1.52 -3.65
CA LEU B 100 33.54 -2.38 -4.75
C LEU B 100 33.05 -1.88 -6.10
N GLU B 101 32.28 -0.79 -6.14
CA GLU B 101 31.76 -0.23 -7.38
C GLU B 101 31.01 -1.28 -8.20
N LEU B 102 29.93 -1.79 -7.58
CA LEU B 102 29.16 -2.87 -8.19
C LEU B 102 28.52 -2.48 -9.51
N THR B 103 28.31 -1.19 -9.77
CA THR B 103 27.72 -0.80 -11.06
C THR B 103 28.61 -1.16 -12.24
N ASN B 104 29.87 -1.50 -12.00
CA ASN B 104 30.74 -2.00 -13.06
C ASN B 104 30.67 -3.51 -13.26
N TYR B 105 29.94 -4.22 -12.41
CA TYR B 105 29.80 -5.68 -12.51
C TYR B 105 28.37 -6.13 -12.72
N LEU B 106 27.40 -5.47 -12.11
CA LEU B 106 26.03 -5.92 -12.11
C LEU B 106 25.12 -4.87 -12.73
N GLU B 107 24.02 -5.33 -13.33
CA GLU B 107 23.02 -4.38 -13.79
C GLU B 107 22.42 -3.66 -12.59
N ASP B 108 21.89 -2.46 -12.83
CA ASP B 108 21.35 -1.69 -11.70
C ASP B 108 20.17 -2.42 -11.06
N ILE B 109 19.28 -2.99 -11.88
CA ILE B 109 18.14 -3.75 -11.36
C ILE B 109 18.62 -4.91 -10.49
N GLU B 110 19.78 -5.49 -10.80
CA GLU B 110 20.30 -6.58 -10.00
C GLU B 110 20.79 -6.10 -8.65
N ILE B 111 21.49 -4.96 -8.62
CA ILE B 111 21.94 -4.41 -7.34
C ILE B 111 20.75 -4.05 -6.48
N PHE B 112 19.72 -3.46 -7.10
CA PHE B 112 18.50 -3.09 -6.38
C PHE B 112 17.82 -4.32 -5.80
N ALA B 113 17.70 -5.39 -6.60
CA ALA B 113 17.15 -6.65 -6.10
C ALA B 113 17.99 -7.20 -4.94
N LEU B 114 19.32 -7.09 -5.05
CA LEU B 114 20.17 -7.55 -3.96
C LEU B 114 19.86 -6.82 -2.67
N PHE B 115 19.78 -5.49 -2.73
CA PHE B 115 19.59 -4.73 -1.50
C PHE B 115 18.21 -4.98 -0.89
N ILE B 116 17.17 -5.01 -1.71
CA ILE B 116 15.84 -5.29 -1.20
C ILE B 116 15.78 -6.70 -0.62
N SER B 117 16.40 -7.65 -1.31
CA SER B 117 16.53 -9.01 -0.80
C SER B 117 17.20 -9.03 0.57
N CYS B 118 18.27 -8.25 0.75
CA CYS B 118 18.95 -8.26 2.06
C CYS B 118 17.98 -7.82 3.15
N MET B 119 17.18 -6.80 2.87
CA MET B 119 16.19 -6.33 3.85
C MET B 119 15.23 -7.45 4.22
N CYS B 120 14.88 -8.31 3.26
CA CYS B 120 13.77 -9.23 3.43
C CYS B 120 14.20 -10.66 3.71
N HIS B 121 15.50 -10.96 3.65
CA HIS B 121 15.93 -12.33 3.43
C HIS B 121 15.69 -13.24 4.63
N ASP B 122 15.37 -12.71 5.82
CA ASP B 122 15.08 -13.56 6.98
C ASP B 122 13.69 -13.30 7.54
N LEU B 123 12.79 -12.73 6.73
CA LEU B 123 11.49 -12.27 7.25
C LEU B 123 10.77 -13.39 7.97
N ASP B 124 10.23 -13.05 9.15
CA ASP B 124 9.41 -13.99 9.94
C ASP B 124 10.18 -15.23 10.39
N HIS B 125 11.51 -15.09 10.48
CA HIS B 125 12.30 -16.16 11.05
C HIS B 125 11.85 -16.43 12.48
N ARG B 126 11.82 -17.71 12.85
CA ARG B 126 11.34 -18.10 14.18
C ARG B 126 12.47 -18.59 15.07
N GLY B 127 13.71 -18.48 14.63
CA GLY B 127 14.81 -18.92 15.46
C GLY B 127 15.06 -20.40 15.37
N THR B 128 14.56 -21.04 14.31
CA THR B 128 14.82 -22.46 14.07
C THR B 128 15.29 -22.64 12.63
N ASN B 129 16.02 -23.73 12.41
CA ASN B 129 16.64 -23.95 11.11
C ASN B 129 15.73 -24.77 10.20
N ASN B 130 16.23 -25.08 9.00
CA ASN B 130 15.39 -25.80 8.06
C ASN B 130 15.14 -27.22 8.53
N SER B 131 16.16 -27.85 9.11
CA SER B 131 15.99 -29.21 9.62
C SER B 131 14.86 -29.29 10.64
N PHE B 132 14.76 -28.29 11.52
CA PHE B 132 13.69 -28.27 12.49
C PHE B 132 12.32 -28.24 11.82
N GLN B 133 12.16 -27.42 10.76
CA GLN B 133 10.89 -27.37 10.06
C GLN B 133 10.48 -28.75 9.56
N VAL B 134 11.41 -29.46 8.92
CA VAL B 134 11.09 -30.77 8.36
C VAL B 134 10.81 -31.77 9.46
N ALA B 135 11.67 -31.82 10.48
CA ALA B 135 11.53 -32.82 11.53
C ALA B 135 10.25 -32.64 12.31
N SER B 136 9.88 -31.39 12.60
CA SER B 136 8.67 -31.10 13.35
C SER B 136 7.42 -31.04 12.46
N LYS B 137 7.57 -31.35 11.17
CA LYS B 137 6.46 -31.25 10.22
C LYS B 137 5.71 -29.94 10.41
N SER B 138 6.47 -28.86 10.41
CA SER B 138 5.89 -27.53 10.52
C SER B 138 5.02 -27.22 9.31
N VAL B 139 4.17 -26.20 9.46
CA VAL B 139 3.36 -25.80 8.32
C VAL B 139 4.23 -25.25 7.20
N LEU B 140 5.41 -24.69 7.52
CA LEU B 140 6.28 -24.19 6.45
C LEU B 140 6.83 -25.34 5.63
N ALA B 141 7.24 -26.43 6.28
CA ALA B 141 7.68 -27.63 5.59
C ALA B 141 6.54 -28.34 4.87
N ALA B 142 5.32 -28.23 5.41
CA ALA B 142 4.14 -28.80 4.76
C ALA B 142 3.89 -28.13 3.42
N LEU B 143 4.10 -26.83 3.34
CA LEU B 143 3.90 -26.12 2.09
C LEU B 143 5.06 -26.36 1.13
N TYR B 144 6.29 -26.19 1.61
CA TYR B 144 7.47 -26.35 0.77
C TYR B 144 8.05 -27.74 0.98
N SER B 145 7.26 -28.72 0.57
CA SER B 145 7.53 -30.11 0.91
C SER B 145 8.58 -30.76 0.02
N SER B 146 8.96 -30.13 -1.08
CA SER B 146 10.17 -30.55 -1.79
C SER B 146 11.41 -30.06 -1.06
N GLU B 147 11.20 -29.34 0.05
CA GLU B 147 12.12 -28.99 1.11
C GLU B 147 13.51 -28.59 0.68
N GLY B 148 14.46 -28.79 1.59
CA GLY B 148 15.69 -28.06 1.55
C GLY B 148 15.45 -26.70 2.19
N SER B 149 15.34 -25.68 1.34
CA SER B 149 15.39 -24.29 1.81
C SER B 149 14.00 -23.83 2.25
N VAL B 150 13.47 -24.53 3.26
CA VAL B 150 12.12 -24.27 3.72
C VAL B 150 11.99 -22.83 4.21
N MET B 151 12.84 -22.41 5.15
CA MET B 151 12.73 -21.04 5.69
C MET B 151 12.94 -20.00 4.60
N GLU B 152 13.89 -20.24 3.70
CA GLU B 152 14.17 -19.27 2.65
C GLU B 152 12.99 -19.11 1.68
N ARG B 153 12.31 -20.21 1.37
CA ARG B 153 11.07 -20.11 0.60
C ARG B 153 10.05 -19.26 1.34
N HIS B 154 9.97 -19.41 2.65
CA HIS B 154 9.03 -18.61 3.42
C HIS B 154 9.45 -17.13 3.47
N HIS B 155 10.75 -16.85 3.67
CA HIS B 155 11.17 -15.45 3.70
C HIS B 155 10.78 -14.75 2.40
N PHE B 156 11.03 -15.41 1.26
CA PHE B 156 10.57 -14.87 -0.02
C PHE B 156 9.05 -14.64 0.00
N ALA B 157 8.30 -15.62 0.49
CA ALA B 157 6.84 -15.51 0.48
C ALA B 157 6.38 -14.30 1.29
N GLN B 158 7.03 -14.04 2.43
CA GLN B 158 6.69 -12.87 3.24
C GLN B 158 7.05 -11.59 2.51
N ALA B 159 8.16 -11.59 1.77
CA ALA B 159 8.52 -10.40 0.99
C ALA B 159 7.46 -10.12 -0.07
N ILE B 160 7.00 -11.17 -0.75
CA ILE B 160 5.95 -10.98 -1.76
C ILE B 160 4.66 -10.49 -1.11
N ALA B 161 4.32 -11.02 0.07
CA ALA B 161 3.10 -10.58 0.74
C ALA B 161 3.19 -9.11 1.12
N ILE B 162 4.37 -8.66 1.54
CA ILE B 162 4.53 -7.23 1.81
C ILE B 162 4.36 -6.43 0.53
N LEU B 163 4.98 -6.88 -0.57
CA LEU B 163 4.87 -6.11 -1.81
C LEU B 163 3.43 -6.04 -2.30
N ASN B 164 2.64 -7.05 -2.01
CA ASN B 164 1.25 -7.07 -2.43
C ASN B 164 0.31 -6.42 -1.43
N THR B 165 0.84 -5.89 -0.34
CA THR B 165 0.03 -5.15 0.62
C THR B 165 -0.18 -3.73 0.09
N HIS B 166 -1.42 -3.27 0.15
CA HIS B 166 -1.77 -1.92 -0.31
C HIS B 166 -0.77 -0.91 0.21
N GLY B 167 -0.23 -0.10 -0.69
CA GLY B 167 0.66 0.98 -0.30
C GLY B 167 2.10 0.59 -0.03
N CYS B 168 2.50 -0.64 -0.33
CA CYS B 168 3.84 -1.11 -0.04
C CYS B 168 4.59 -1.58 -1.28
N ASN B 169 4.01 -1.46 -2.48
CA ASN B 169 4.65 -2.04 -3.66
C ASN B 169 5.67 -1.05 -4.20
N ILE B 170 6.88 -1.11 -3.66
CA ILE B 170 7.94 -0.25 -4.15
C ILE B 170 8.37 -0.58 -5.56
N PHE B 171 7.85 -1.66 -6.16
CA PHE B 171 8.13 -2.02 -7.54
C PHE B 171 7.00 -1.61 -8.48
N ASP B 172 6.11 -0.71 -8.03
CA ASP B 172 5.06 -0.14 -8.88
C ASP B 172 5.59 0.37 -10.21
N HIS B 173 6.78 0.98 -10.21
CA HIS B 173 7.30 1.62 -11.41
C HIS B 173 7.61 0.64 -12.53
N PHE B 174 7.82 -0.62 -12.22
CA PHE B 174 8.31 -1.58 -13.20
C PHE B 174 7.22 -1.99 -14.16
N SER B 175 7.60 -2.17 -15.43
CA SER B 175 6.74 -2.87 -16.38
C SER B 175 6.48 -4.27 -15.86
N ARG B 176 5.43 -4.90 -16.36
CA ARG B 176 5.15 -6.28 -15.92
C ARG B 176 6.32 -7.20 -16.19
N LYS B 177 7.08 -6.96 -17.25
CA LYS B 177 8.27 -7.78 -17.50
C LYS B 177 9.31 -7.60 -16.40
N ASP B 178 9.62 -6.35 -16.06
CA ASP B 178 10.66 -6.10 -15.06
C ASP B 178 10.17 -6.42 -13.66
N TYR B 179 8.85 -6.33 -13.43
CA TYR B 179 8.30 -6.75 -12.16
C TYR B 179 8.55 -8.24 -11.95
N GLN B 180 8.26 -9.05 -12.97
CA GLN B 180 8.53 -10.49 -12.90
C GLN B 180 10.03 -10.74 -12.70
N ARG B 181 10.87 -10.06 -13.48
CA ARG B 181 12.31 -10.22 -13.32
C ARG B 181 12.77 -9.89 -11.90
N MET B 182 12.18 -8.86 -11.28
CA MET B 182 12.58 -8.51 -9.92
C MET B 182 12.14 -9.58 -8.94
N LEU B 183 10.91 -10.10 -9.08
CA LEU B 183 10.46 -11.17 -8.19
C LEU B 183 11.36 -12.39 -8.32
N ASP B 184 11.75 -12.74 -9.56
CA ASP B 184 12.57 -13.93 -9.75
C ASP B 184 13.99 -13.70 -9.22
N LEU B 185 14.51 -12.49 -9.38
CA LEU B 185 15.78 -12.13 -8.75
C LEU B 185 15.70 -12.27 -7.23
N MET B 186 14.65 -11.71 -6.62
CA MET B 186 14.52 -11.80 -5.17
C MET B 186 14.46 -13.25 -4.72
N ARG B 187 13.70 -14.09 -5.41
CA ARG B 187 13.65 -15.50 -5.03
C ARG B 187 15.02 -16.16 -5.13
N ASP B 188 15.75 -15.93 -6.23
CA ASP B 188 17.06 -16.56 -6.37
C ASP B 188 18.02 -16.07 -5.30
N ILE B 189 17.97 -14.77 -4.99
CA ILE B 189 18.93 -14.22 -4.04
C ILE B 189 18.59 -14.69 -2.64
N ILE B 190 17.31 -14.69 -2.28
CA ILE B 190 16.93 -15.14 -0.93
C ILE B 190 17.21 -16.63 -0.77
N LEU B 191 16.97 -17.41 -1.83
CA LEU B 191 17.24 -18.84 -1.74
C LEU B 191 18.73 -19.11 -1.56
N ALA B 192 19.57 -18.29 -2.16
CA ALA B 192 21.01 -18.35 -1.99
C ALA B 192 21.46 -18.23 -0.53
N THR B 193 20.66 -17.62 0.35
CA THR B 193 21.07 -17.49 1.75
C THR B 193 21.06 -18.82 2.49
N ASP B 194 20.48 -19.88 1.91
CA ASP B 194 20.63 -21.21 2.48
C ASP B 194 22.06 -21.66 2.30
N LEU B 195 22.81 -21.83 3.41
CA LEU B 195 24.19 -22.23 3.26
C LEU B 195 24.36 -23.57 2.54
N ALA B 196 23.33 -24.43 2.54
CA ALA B 196 23.40 -25.65 1.73
C ALA B 196 23.48 -25.32 0.27
N HIS B 197 22.80 -24.24 -0.14
CA HIS B 197 22.88 -23.80 -1.52
C HIS B 197 24.29 -23.31 -1.83
N HIS B 198 24.82 -22.46 -0.95
CA HIS B 198 26.20 -21.99 -1.10
C HIS B 198 27.19 -23.12 -1.27
N LEU B 199 27.11 -24.15 -0.41
CA LEU B 199 28.03 -25.26 -0.53
C LEU B 199 27.87 -25.97 -1.88
N ARG B 200 26.63 -26.09 -2.36
CA ARG B 200 26.40 -26.73 -3.66
C ARG B 200 27.06 -25.96 -4.79
N ILE B 201 27.03 -24.62 -4.75
CA ILE B 201 27.57 -23.84 -5.86
C ILE B 201 29.02 -23.44 -5.64
N PHE B 202 29.64 -23.84 -4.52
CA PHE B 202 30.96 -23.33 -4.17
C PHE B 202 31.99 -23.60 -5.27
N LYS B 203 31.99 -24.82 -5.82
CA LYS B 203 32.95 -25.11 -6.88
C LYS B 203 32.74 -24.20 -8.09
N ASP B 204 31.48 -23.90 -8.43
CA ASP B 204 31.23 -22.98 -9.52
C ASP B 204 31.72 -21.57 -9.19
N LEU B 205 31.53 -21.12 -7.94
CA LEU B 205 32.08 -19.84 -7.52
C LEU B 205 33.60 -19.84 -7.64
N GLN B 206 34.25 -20.93 -7.19
CA GLN B 206 35.70 -21.05 -7.33
C GLN B 206 36.11 -20.92 -8.79
N LYS B 207 35.44 -21.66 -9.69
CA LYS B 207 35.77 -21.57 -11.11
C LYS B 207 35.61 -20.15 -11.62
N MET B 208 34.55 -19.47 -11.22
CA MET B 208 34.36 -18.10 -11.68
C MET B 208 35.51 -17.21 -11.21
N ALA B 209 35.91 -17.35 -9.95
CA ALA B 209 37.00 -16.52 -9.43
C ALA B 209 38.31 -16.84 -10.16
N GLU B 210 38.53 -18.10 -10.50
CA GLU B 210 39.76 -18.47 -11.17
C GLU B 210 39.79 -17.94 -12.60
N VAL B 211 38.66 -18.00 -13.30
CA VAL B 211 38.65 -17.58 -14.71
C VAL B 211 38.47 -16.08 -14.84
N GLY B 212 37.87 -15.45 -13.83
CA GLY B 212 37.67 -14.01 -13.87
C GLY B 212 36.23 -13.67 -14.20
N TYR B 213 35.67 -12.72 -13.47
CA TYR B 213 34.28 -12.36 -13.67
C TYR B 213 34.08 -11.78 -15.06
N ASP B 214 33.01 -12.21 -15.73
CA ASP B 214 32.68 -11.75 -17.08
C ASP B 214 31.27 -11.18 -17.03
N ARG B 215 31.16 -9.85 -17.15
CA ARG B 215 29.86 -9.20 -17.06
C ARG B 215 28.93 -9.58 -18.21
N ASN B 216 29.45 -10.11 -19.31
CA ASN B 216 28.59 -10.55 -20.40
C ASN B 216 28.22 -12.02 -20.26
N ASN B 217 28.53 -12.64 -19.14
CA ASN B 217 28.21 -14.04 -18.87
C ASN B 217 27.07 -14.03 -17.85
N LYS B 218 25.86 -14.39 -18.29
CA LYS B 218 24.72 -14.28 -17.39
C LYS B 218 24.85 -15.21 -16.19
N GLN B 219 25.51 -16.34 -16.35
CA GLN B 219 25.71 -17.24 -15.22
C GLN B 219 26.65 -16.64 -14.19
N HIS B 220 27.63 -15.84 -14.64
CA HIS B 220 28.45 -15.12 -13.68
C HIS B 220 27.65 -14.11 -12.90
N HIS B 221 26.67 -13.44 -13.54
CA HIS B 221 25.78 -12.55 -12.78
C HIS B 221 25.08 -13.30 -11.66
N ARG B 222 24.48 -14.46 -11.98
CA ARG B 222 23.74 -15.22 -10.98
C ARG B 222 24.64 -15.66 -9.83
N LEU B 223 25.79 -16.24 -10.17
CA LEU B 223 26.73 -16.69 -9.15
C LEU B 223 27.23 -15.53 -8.31
N LEU B 224 27.57 -14.40 -8.95
CA LEU B 224 28.04 -13.25 -8.19
C LEU B 224 26.98 -12.76 -7.22
N LEU B 225 25.73 -12.70 -7.68
CA LEU B 225 24.63 -12.35 -6.79
C LEU B 225 24.58 -13.28 -5.60
N CYS B 226 24.75 -14.59 -5.82
CA CYS B 226 24.76 -15.53 -4.71
C CYS B 226 25.89 -15.24 -3.74
N LEU B 227 27.10 -15.04 -4.27
CA LEU B 227 28.25 -14.80 -3.40
C LEU B 227 28.09 -13.51 -2.61
N LEU B 228 27.65 -12.45 -3.27
CA LEU B 228 27.46 -11.18 -2.58
C LEU B 228 26.43 -11.30 -1.46
N MET B 229 25.32 -11.99 -1.73
CA MET B 229 24.30 -12.18 -0.71
C MET B 229 24.88 -12.93 0.49
N THR B 230 25.55 -14.05 0.23
CA THR B 230 26.24 -14.78 1.31
C THR B 230 27.23 -13.89 2.04
N SER B 231 28.02 -13.11 1.30
CA SER B 231 28.99 -12.20 1.93
C SER B 231 28.29 -11.23 2.86
N CYS B 232 27.11 -10.75 2.47
CA CYS B 232 26.35 -9.85 3.34
C CYS B 232 25.78 -10.60 4.55
N ASP B 233 25.26 -11.81 4.33
CA ASP B 233 24.63 -12.57 5.40
C ASP B 233 25.63 -12.90 6.51
N LEU B 234 26.90 -13.14 6.17
CA LEU B 234 27.91 -13.47 7.18
C LEU B 234 28.76 -12.27 7.58
N SER B 235 28.42 -11.06 7.14
CA SER B 235 29.32 -9.91 7.29
C SER B 235 29.61 -9.52 8.72
N ASP B 236 28.81 -10.01 9.69
CA ASP B 236 29.15 -9.82 11.10
C ASP B 236 30.57 -10.27 11.38
N GLN B 237 31.07 -11.25 10.64
CA GLN B 237 32.39 -11.80 10.90
C GLN B 237 33.51 -10.93 10.34
N THR B 238 33.19 -9.87 9.61
CA THR B 238 34.20 -9.00 9.05
C THR B 238 34.43 -7.76 9.91
N LYS B 239 33.79 -7.67 11.07
CA LYS B 239 33.94 -6.55 11.99
C LYS B 239 35.02 -6.90 13.04
N GLY B 240 35.01 -6.19 14.17
CA GLY B 240 36.01 -6.43 15.20
C GLY B 240 35.70 -7.65 16.04
N TRP B 241 36.63 -8.00 16.93
CA TRP B 241 36.42 -9.19 17.75
C TRP B 241 35.17 -9.05 18.61
N LYS B 242 34.88 -7.84 19.07
CA LYS B 242 33.74 -7.62 19.95
C LYS B 242 32.42 -7.96 19.25
N THR B 243 32.29 -7.58 17.96
CA THR B 243 31.09 -7.96 17.21
C THR B 243 30.99 -9.47 17.04
N THR B 244 32.09 -10.11 16.68
CA THR B 244 32.07 -11.55 16.47
C THR B 244 31.76 -12.29 17.75
N ARG B 245 32.23 -11.77 18.89
CA ARG B 245 31.93 -12.38 20.18
C ARG B 245 30.46 -12.25 20.51
N LYS B 246 29.91 -11.04 20.37
CA LYS B 246 28.49 -10.86 20.66
C LYS B 246 27.61 -11.68 19.72
N ILE B 247 27.98 -11.75 18.44
CA ILE B 247 27.14 -12.49 17.50
C ILE B 247 27.22 -13.99 17.77
N ALA B 248 28.37 -14.48 18.26
CA ALA B 248 28.43 -15.87 18.72
C ALA B 248 27.43 -16.10 19.84
N GLU B 249 27.40 -15.19 20.82
CA GLU B 249 26.46 -15.28 21.93
C GLU B 249 25.03 -15.39 21.43
N LEU B 250 24.65 -14.56 20.44
CA LEU B 250 23.27 -14.54 19.96
C LEU B 250 22.94 -15.80 19.20
N ILE B 251 23.85 -16.20 18.31
CA ILE B 251 23.65 -17.40 17.52
C ILE B 251 23.46 -18.62 18.41
N TYR B 252 24.33 -18.80 19.40
CA TYR B 252 24.26 -20.04 20.17
C TYR B 252 23.09 -20.04 21.13
N LYS B 253 22.74 -18.88 21.68
CA LYS B 253 21.48 -18.76 22.41
C LYS B 253 20.31 -19.23 21.56
N GLU B 254 20.25 -18.80 20.30
CA GLU B 254 19.15 -19.20 19.43
C GLU B 254 19.20 -20.70 19.15
N PHE B 255 20.38 -21.20 18.75
CA PHE B 255 20.56 -22.63 18.54
C PHE B 255 20.10 -23.43 19.74
N PHE B 256 20.60 -23.07 20.94
CA PHE B 256 20.32 -23.88 22.12
C PHE B 256 18.84 -23.85 22.50
N SER B 257 18.13 -22.76 22.19
CA SER B 257 16.68 -22.79 22.39
C SER B 257 16.02 -23.82 21.48
N GLN B 258 16.48 -23.91 20.22
CA GLN B 258 15.95 -24.95 19.35
C GLN B 258 16.29 -26.33 19.91
N GLY B 259 17.51 -26.50 20.40
CA GLY B 259 17.90 -27.79 20.95
C GLY B 259 17.04 -28.19 22.14
N ASP B 260 16.75 -27.23 23.02
CA ASP B 260 15.94 -27.54 24.20
C ASP B 260 14.57 -28.03 23.79
N LEU B 261 13.96 -27.37 22.81
CA LEU B 261 12.67 -27.79 22.32
C LEU B 261 12.73 -29.17 21.68
N GLU B 262 13.70 -29.40 20.81
CA GLU B 262 13.88 -30.73 20.21
C GLU B 262 14.00 -31.81 21.27
N LYS B 263 14.78 -31.57 22.33
CA LYS B 263 14.87 -32.57 23.39
C LYS B 263 13.52 -32.80 24.06
N ALA B 264 12.75 -31.73 24.23
CA ALA B 264 11.42 -31.87 24.82
C ALA B 264 10.53 -32.74 23.94
N MET B 265 10.55 -32.49 22.63
CA MET B 265 9.77 -33.23 21.66
C MET B 265 10.23 -34.68 21.52
N GLY B 266 11.41 -35.02 22.05
CA GLY B 266 11.93 -36.35 21.90
C GLY B 266 12.89 -36.56 20.75
N ASN B 267 13.38 -35.50 20.12
CA ASN B 267 14.32 -35.62 19.03
C ASN B 267 15.72 -35.27 19.52
N ARG B 268 16.72 -35.89 18.90
CA ARG B 268 18.10 -35.59 19.26
C ARG B 268 18.56 -34.38 18.46
N PRO B 269 18.93 -33.29 19.11
CA PRO B 269 19.41 -32.11 18.37
C PRO B 269 20.81 -32.34 17.83
N MET B 270 21.13 -31.62 16.75
CA MET B 270 22.53 -31.47 16.35
C MET B 270 23.38 -31.12 17.56
N GLU B 271 24.64 -31.56 17.55
CA GLU B 271 25.53 -31.25 18.68
C GLU B 271 25.66 -29.75 18.90
N MET B 272 25.79 -28.97 17.81
CA MET B 272 26.00 -27.53 17.95
C MET B 272 24.77 -26.82 18.49
N MET B 273 23.63 -27.51 18.57
CA MET B 273 22.45 -26.94 19.18
C MET B 273 22.13 -27.53 20.54
N ASP B 274 22.96 -28.47 21.02
CA ASP B 274 22.77 -29.07 22.33
C ASP B 274 23.68 -28.35 23.32
N ARG B 275 23.07 -27.58 24.24
CA ARG B 275 23.87 -26.79 25.15
C ARG B 275 24.71 -27.66 26.08
N GLU B 276 24.35 -28.93 26.24
CA GLU B 276 25.13 -29.82 27.10
C GLU B 276 26.32 -30.43 26.37
N LYS B 277 26.37 -30.34 25.05
CA LYS B 277 27.46 -30.91 24.25
C LYS B 277 28.27 -29.86 23.54
N ALA B 278 27.63 -28.81 23.03
CA ALA B 278 28.29 -27.83 22.19
C ALA B 278 29.49 -27.20 22.90
N TYR B 279 30.62 -27.21 22.23
CA TYR B 279 31.82 -26.53 22.71
C TYR B 279 32.05 -25.35 21.75
N ILE B 280 31.62 -24.17 22.19
CA ILE B 280 31.52 -23.02 21.30
C ILE B 280 32.82 -22.68 20.59
N PRO B 281 33.98 -22.60 21.25
CA PRO B 281 35.18 -22.16 20.51
C PRO B 281 35.53 -23.07 19.36
N GLU B 282 35.38 -24.37 19.55
CA GLU B 282 35.69 -25.32 18.49
C GLU B 282 34.70 -25.22 17.35
N LEU B 283 33.41 -25.03 17.68
CA LEU B 283 32.41 -24.84 16.64
C LEU B 283 32.70 -23.58 15.85
N GLN B 284 33.08 -22.50 16.55
CA GLN B 284 33.37 -21.24 15.89
C GLN B 284 34.58 -21.35 14.98
N ILE B 285 35.68 -21.98 15.45
CA ILE B 285 36.87 -22.11 14.61
C ILE B 285 36.51 -22.85 13.33
N SER B 286 35.80 -23.98 13.45
CA SER B 286 35.41 -24.76 12.29
C SER B 286 34.57 -23.92 11.33
N PHE B 287 33.58 -23.19 11.86
CA PHE B 287 32.74 -22.38 10.97
C PHE B 287 33.56 -21.29 10.27
N MET B 288 34.45 -20.63 11.01
CA MET B 288 35.29 -19.60 10.40
C MET B 288 36.24 -20.20 9.38
N GLU B 289 36.92 -21.30 9.73
CA GLU B 289 37.89 -21.92 8.85
C GLU B 289 37.23 -22.44 7.57
N HIS B 290 36.12 -23.16 7.73
CA HIS B 290 35.58 -23.96 6.64
C HIS B 290 34.44 -23.29 5.89
N ILE B 291 33.80 -22.29 6.48
CA ILE B 291 32.68 -21.66 5.81
C ILE B 291 32.98 -20.19 5.55
N ALA B 292 33.24 -19.42 6.62
CA ALA B 292 33.33 -17.97 6.46
C ALA B 292 34.59 -17.56 5.68
N MET B 293 35.75 -18.09 6.07
CA MET B 293 36.97 -17.67 5.38
C MET B 293 36.96 -17.99 3.89
N PRO B 294 36.51 -19.16 3.42
CA PRO B 294 36.50 -19.37 1.97
C PRO B 294 35.57 -18.43 1.24
N ILE B 295 34.48 -17.98 1.88
CA ILE B 295 33.58 -17.02 1.24
C ILE B 295 34.31 -15.70 0.98
N TYR B 296 35.01 -15.18 1.97
CA TYR B 296 35.66 -13.88 1.81
C TYR B 296 36.95 -13.99 1.02
N LYS B 297 37.55 -15.18 0.97
CA LYS B 297 38.62 -15.43 0.01
C LYS B 297 38.11 -15.33 -1.42
N LEU B 298 36.99 -15.99 -1.72
CA LEU B 298 36.36 -15.86 -3.03
C LEU B 298 36.09 -14.39 -3.36
N LEU B 299 35.52 -13.64 -2.41
CA LEU B 299 35.25 -12.22 -2.65
C LEU B 299 36.54 -11.46 -2.92
N GLN B 300 37.59 -11.73 -2.14
CA GLN B 300 38.88 -11.11 -2.39
C GLN B 300 39.45 -11.49 -3.75
N ASP B 301 39.30 -12.76 -4.16
CA ASP B 301 39.82 -13.16 -5.47
C ASP B 301 39.11 -12.42 -6.59
N LEU B 302 37.83 -12.09 -6.41
CA LEU B 302 37.08 -11.36 -7.42
C LEU B 302 37.25 -9.86 -7.31
N PHE B 303 37.41 -9.34 -6.10
CA PHE B 303 37.53 -7.91 -5.85
C PHE B 303 38.72 -7.67 -4.94
N PRO B 304 39.85 -7.19 -5.47
CA PRO B 304 41.01 -6.95 -4.58
C PRO B 304 40.72 -6.00 -3.43
N LYS B 305 39.82 -5.03 -3.62
CA LYS B 305 39.46 -4.12 -2.55
C LYS B 305 38.71 -4.81 -1.40
N ALA B 306 38.24 -6.04 -1.59
CA ALA B 306 37.63 -6.78 -0.49
C ALA B 306 38.66 -7.56 0.30
N ALA B 307 39.95 -7.34 0.05
CA ALA B 307 40.98 -8.10 0.75
C ALA B 307 40.92 -7.90 2.26
N GLU B 308 40.62 -6.67 2.73
CA GLU B 308 40.60 -6.43 4.16
C GLU B 308 39.49 -7.21 4.86
N LEU B 309 38.42 -7.53 4.13
CA LEU B 309 37.37 -8.34 4.73
C LEU B 309 37.88 -9.73 5.05
N TYR B 310 38.58 -10.36 4.10
CA TYR B 310 39.13 -11.68 4.36
C TYR B 310 40.14 -11.62 5.51
N GLU B 311 40.94 -10.56 5.56
CA GLU B 311 41.92 -10.45 6.64
C GLU B 311 41.26 -10.33 8.00
N ARG B 312 40.14 -9.61 8.08
CA ARG B 312 39.46 -9.50 9.37
C ARG B 312 38.87 -10.84 9.80
N VAL B 313 38.19 -11.51 8.87
CA VAL B 313 37.60 -12.82 9.18
C VAL B 313 38.69 -13.78 9.65
N ALA B 314 39.82 -13.81 8.95
CA ALA B 314 40.93 -14.66 9.37
C ALA B 314 41.46 -14.24 10.74
N SER B 315 41.57 -12.92 10.97
CA SER B 315 41.99 -12.43 12.28
C SER B 315 41.00 -12.84 13.36
N ASN B 316 39.70 -12.81 13.06
CA ASN B 316 38.71 -13.19 14.07
C ASN B 316 38.79 -14.69 14.38
N ARG B 317 39.10 -15.52 13.38
CA ARG B 317 39.33 -16.92 13.63
C ARG B 317 40.49 -17.12 14.60
N GLU B 318 41.62 -16.46 14.32
CA GLU B 318 42.77 -16.59 15.20
C GLU B 318 42.43 -16.17 16.62
N HIS B 319 41.61 -15.14 16.77
CA HIS B 319 41.25 -14.67 18.10
C HIS B 319 40.46 -15.73 18.87
N TRP B 320 39.60 -16.48 18.18
CA TRP B 320 38.86 -17.54 18.85
C TRP B 320 39.80 -18.65 19.34
N THR B 321 40.83 -18.99 18.55
CA THR B 321 41.79 -20.00 19.00
C THR B 321 42.55 -19.52 20.23
N LYS B 322 42.83 -18.23 20.29
CA LYS B 322 43.60 -17.73 21.42
C LYS B 322 42.76 -17.69 22.70
N VAL B 323 41.44 -17.44 22.57
CA VAL B 323 40.58 -17.44 23.75
C VAL B 323 39.93 -18.79 24.00
N SER B 324 40.16 -19.79 23.15
CA SER B 324 39.49 -21.08 23.28
C SER B 324 39.74 -21.68 24.64
N HIS B 325 40.97 -21.58 25.14
CA HIS B 325 41.33 -22.16 26.42
C HIS B 325 40.46 -21.64 27.56
N LYS B 326 39.88 -20.44 27.42
CA LYS B 326 39.07 -19.87 28.49
C LYS B 326 37.77 -20.62 28.72
N PHE B 327 37.36 -21.51 27.81
CA PHE B 327 36.16 -22.31 28.02
C PHE B 327 36.41 -23.52 28.90
N THR B 328 37.65 -23.76 29.29
CA THR B 328 38.00 -24.74 30.31
C THR B 328 38.41 -23.98 31.55
N ILE B 329 37.67 -24.17 32.64
CA ILE B 329 37.82 -23.34 33.83
C ILE B 329 39.14 -23.70 34.51
N ARG B 330 40.11 -22.80 34.44
CA ARG B 330 41.31 -22.91 35.26
C ARG B 330 41.21 -21.94 36.42
N GLY B 331 41.81 -22.33 37.54
CA GLY B 331 41.57 -21.55 38.72
C GLY B 331 40.17 -21.82 39.23
N LEU B 332 39.64 -20.86 39.96
CA LEU B 332 38.29 -20.89 40.47
C LEU B 332 37.40 -20.02 39.60
N PRO B 333 36.09 -20.30 39.56
CA PRO B 333 35.15 -19.35 38.95
C PRO B 333 35.21 -17.99 39.63
N SER B 334 34.52 -17.02 39.02
CA SER B 334 34.50 -15.66 39.56
C SER B 334 34.05 -15.63 41.01
N ASN B 335 33.29 -16.64 41.44
CA ASN B 335 32.77 -16.67 42.81
C ASN B 335 33.83 -16.91 43.86
N ASN B 336 34.98 -17.49 43.49
CA ASN B 336 35.85 -18.24 44.40
C ASN B 336 35.18 -19.51 44.89
N SER B 337 34.12 -19.94 44.22
CA SER B 337 33.28 -21.02 44.71
C SER B 337 33.20 -22.16 43.72
N LEU B 338 33.26 -23.38 44.25
CA LEU B 338 33.05 -24.61 43.51
C LEU B 338 31.62 -25.11 43.64
N ASP B 339 30.68 -24.20 43.94
CA ASP B 339 29.30 -24.61 44.15
C ASP B 339 28.71 -25.23 42.90
N PHE B 340 29.18 -24.82 41.72
CA PHE B 340 28.67 -25.39 40.48
C PHE B 340 28.96 -26.87 40.34
N LEU B 341 29.82 -27.45 41.17
CA LEU B 341 30.02 -28.89 41.15
C LEU B 341 28.80 -29.60 41.76
N ILE C 15 12.02 54.84 -5.93
CA ILE C 15 12.93 53.70 -5.79
C ILE C 15 14.35 54.21 -5.84
N GLN C 16 15.13 53.93 -4.80
CA GLN C 16 16.43 54.58 -4.77
C GLN C 16 17.51 53.65 -5.29
N PRO C 17 18.59 54.21 -5.84
CA PRO C 17 19.68 53.38 -6.34
C PRO C 17 20.26 52.50 -5.24
N VAL C 18 20.75 51.32 -5.65
CA VAL C 18 21.35 50.38 -4.71
C VAL C 18 22.53 51.03 -3.98
N ALA C 19 23.23 51.95 -4.65
CA ALA C 19 24.33 52.64 -4.00
C ALA C 19 23.86 53.57 -2.88
N ALA C 20 22.63 54.05 -2.96
CA ALA C 20 22.09 54.90 -1.90
C ALA C 20 21.77 54.11 -0.64
N ILE C 21 21.68 52.79 -0.73
CA ILE C 21 21.43 51.96 0.45
C ILE C 21 22.73 51.64 1.18
N ASP C 22 23.72 51.15 0.45
CA ASP C 22 25.01 50.81 1.01
C ASP C 22 26.01 50.70 -0.12
N SER C 23 27.23 51.17 0.11
CA SER C 23 28.27 51.07 -0.90
C SER C 23 28.58 49.62 -1.25
N ASN C 24 28.37 48.70 -0.30
CA ASN C 24 28.72 47.30 -0.46
C ASN C 24 27.51 46.42 -0.75
N PHE C 25 26.38 47.03 -1.15
CA PHE C 25 25.11 46.31 -1.16
C PHE C 25 25.12 45.11 -2.11
N ALA C 26 25.95 45.14 -3.16
CA ALA C 26 25.99 44.05 -4.12
C ALA C 26 27.19 43.13 -3.93
N SER C 27 27.89 43.22 -2.79
CA SER C 27 28.99 42.32 -2.51
C SER C 27 28.52 41.11 -1.70
N PHE C 28 29.18 39.97 -1.91
CA PHE C 28 28.94 38.79 -1.08
C PHE C 28 29.28 39.03 0.38
N THR C 29 30.15 39.99 0.69
CA THR C 29 30.47 40.27 2.08
C THR C 29 29.36 41.03 2.79
N TYR C 30 28.44 41.63 2.05
CA TYR C 30 27.34 42.37 2.67
C TYR C 30 26.43 41.42 3.43
N THR C 31 26.03 41.84 4.63
CA THR C 31 25.09 41.07 5.44
C THR C 31 23.74 41.78 5.41
N PRO C 32 22.78 41.30 4.60
CA PRO C 32 21.51 42.02 4.48
C PRO C 32 20.74 42.13 5.78
N ARG C 33 20.97 41.24 6.74
CA ARG C 33 20.28 41.37 8.02
C ARG C 33 20.72 42.61 8.77
N SER C 34 21.79 43.28 8.32
CA SER C 34 22.19 44.56 8.88
C SER C 34 21.27 45.68 8.45
N LEU C 35 20.47 45.48 7.42
CA LEU C 35 19.58 46.56 6.98
C LEU C 35 18.39 46.63 7.93
N PRO C 36 18.02 47.81 8.40
CA PRO C 36 16.83 47.92 9.27
C PRO C 36 15.61 47.32 8.56
N GLU C 37 14.78 46.63 9.34
CA GLU C 37 13.64 45.94 8.75
C GLU C 37 12.70 46.90 8.04
N ASP C 38 12.63 48.16 8.50
CA ASP C 38 11.80 49.17 7.88
C ASP C 38 12.34 49.65 6.54
N ASP C 39 13.60 49.36 6.22
CA ASP C 39 14.16 49.71 4.93
C ASP C 39 14.10 48.57 3.92
N THR C 40 13.61 47.39 4.32
CA THR C 40 13.76 46.20 3.48
C THR C 40 12.85 46.23 2.25
N SER C 41 11.65 46.80 2.34
CA SER C 41 10.78 46.88 1.17
C SER C 41 11.37 47.78 0.09
N MET C 42 11.87 48.96 0.47
CA MET C 42 12.55 49.80 -0.50
C MET C 42 13.74 49.06 -1.10
N ALA C 43 14.44 48.25 -0.30
CA ALA C 43 15.53 47.45 -0.83
C ALA C 43 15.03 46.42 -1.84
N ILE C 44 13.87 45.80 -1.58
CA ILE C 44 13.29 44.89 -2.57
C ILE C 44 13.05 45.63 -3.88
N LEU C 45 12.33 46.77 -3.84
CA LEU C 45 12.09 47.54 -5.06
C LEU C 45 13.39 47.92 -5.74
N SER C 46 14.38 48.34 -4.95
CA SER C 46 15.65 48.79 -5.51
C SER C 46 16.37 47.66 -6.21
N MET C 47 16.25 46.44 -5.69
CA MET C 47 16.87 45.29 -6.33
C MET C 47 16.16 44.93 -7.63
N LEU C 48 14.82 44.93 -7.62
CA LEU C 48 14.07 44.68 -8.85
C LEU C 48 14.36 45.76 -9.88
N GLN C 49 14.51 47.00 -9.44
CA GLN C 49 14.93 48.09 -10.33
C GLN C 49 16.33 47.85 -10.85
N ASP C 50 17.28 47.63 -9.94
CA ASP C 50 18.68 47.45 -10.32
C ASP C 50 18.84 46.33 -11.34
N MET C 51 18.05 45.27 -11.21
CA MET C 51 18.03 44.19 -12.19
C MET C 51 17.18 44.53 -13.41
N ASN C 52 16.50 45.69 -13.39
CA ASN C 52 15.66 46.21 -14.48
C ASN C 52 14.49 45.29 -14.81
N PHE C 53 13.97 44.53 -13.84
CA PHE C 53 12.79 43.72 -14.11
C PHE C 53 11.54 44.58 -14.24
N ILE C 54 11.47 45.68 -13.48
CA ILE C 54 10.28 46.54 -13.52
C ILE C 54 10.07 47.08 -14.92
N ASN C 55 11.12 47.70 -15.48
CA ASN C 55 11.06 48.25 -16.84
C ASN C 55 10.87 47.13 -17.85
N ASN C 56 11.69 46.07 -17.75
CA ASN C 56 11.69 45.04 -18.77
C ASN C 56 10.34 44.34 -18.90
N TYR C 57 9.69 44.04 -17.77
CA TYR C 57 8.41 43.36 -17.79
C TYR C 57 7.23 44.33 -17.59
N LYS C 58 7.51 45.64 -17.55
CA LYS C 58 6.47 46.67 -17.45
C LYS C 58 5.66 46.53 -16.17
N ILE C 59 6.34 46.19 -15.06
CA ILE C 59 5.65 46.03 -13.80
C ILE C 59 5.08 47.38 -13.35
N ASP C 60 3.81 47.38 -12.97
CA ASP C 60 3.20 48.56 -12.39
C ASP C 60 3.77 48.78 -11.00
N CYS C 61 4.39 49.94 -10.76
CA CYS C 61 5.09 50.18 -9.51
C CYS C 61 4.16 50.21 -8.29
N PRO C 62 3.00 50.88 -8.35
CA PRO C 62 2.08 50.79 -7.20
C PRO C 62 1.68 49.36 -6.87
N THR C 63 1.31 48.57 -7.88
CA THR C 63 1.01 47.16 -7.63
C THR C 63 2.19 46.45 -6.99
N LEU C 64 3.41 46.76 -7.44
CA LEU C 64 4.59 46.09 -6.91
C LEU C 64 4.83 46.44 -5.46
N ALA C 65 4.62 47.70 -5.09
CA ALA C 65 4.80 48.11 -3.70
C ALA C 65 3.76 47.47 -2.81
N ARG C 66 2.51 47.37 -3.28
CA ARG C 66 1.47 46.69 -2.52
C ARG C 66 1.80 45.22 -2.37
N PHE C 67 2.24 44.58 -3.45
CA PHE C 67 2.65 43.19 -3.38
C PHE C 67 3.77 43.01 -2.37
N CYS C 68 4.82 43.82 -2.47
CA CYS C 68 5.95 43.69 -1.54
C CYS C 68 5.49 43.84 -0.10
N LEU C 69 4.61 44.79 0.18
CA LEU C 69 4.12 44.97 1.55
C LEU C 69 3.27 43.79 2.01
N MET C 70 2.40 43.28 1.14
CA MET C 70 1.61 42.11 1.48
C MET C 70 2.51 40.92 1.79
N VAL C 71 3.55 40.71 0.99
CA VAL C 71 4.44 39.58 1.24
C VAL C 71 5.14 39.76 2.58
N LYS C 72 5.71 40.96 2.82
CA LYS C 72 6.34 41.22 4.11
C LYS C 72 5.38 40.95 5.26
N LYS C 73 4.16 41.51 5.17
CA LYS C 73 3.15 41.30 6.21
C LYS C 73 2.75 39.83 6.32
N GLY C 74 2.93 39.04 5.26
CA GLY C 74 2.53 37.66 5.25
C GLY C 74 3.39 36.73 6.10
N TYR C 75 4.47 37.23 6.68
CA TYR C 75 5.32 36.43 7.55
C TYR C 75 4.96 36.65 9.01
N ARG C 76 5.05 35.57 9.79
CA ARG C 76 4.93 35.64 11.23
C ARG C 76 6.31 35.89 11.83
N ASP C 77 6.44 35.70 13.14
CA ASP C 77 7.65 36.08 13.85
C ASP C 77 8.23 34.95 14.70
N PRO C 78 8.43 33.77 14.13
CA PRO C 78 9.25 32.78 14.81
C PRO C 78 10.69 33.24 14.76
N PRO C 79 11.57 32.64 15.55
CA PRO C 79 12.94 33.16 15.64
C PRO C 79 13.68 33.22 14.31
N TYR C 80 13.53 32.21 13.45
CA TYR C 80 14.27 32.17 12.20
C TYR C 80 13.41 32.44 10.97
N HIS C 81 12.27 31.76 10.83
CA HIS C 81 11.49 31.81 9.58
C HIS C 81 10.52 33.00 9.56
N ASN C 82 11.10 34.18 9.50
CA ASN C 82 10.36 35.43 9.53
C ASN C 82 10.68 36.21 8.25
N TRP C 83 10.21 37.45 8.19
CA TRP C 83 10.47 38.25 6.97
C TRP C 83 11.94 38.58 6.79
N MET C 84 12.71 38.73 7.88
CA MET C 84 14.13 39.03 7.70
C MET C 84 14.86 37.89 7.02
N HIS C 85 14.42 36.64 7.25
CA HIS C 85 14.94 35.50 6.49
C HIS C 85 14.61 35.64 5.01
N ALA C 86 13.32 35.78 4.71
CA ALA C 86 12.90 35.91 3.31
C ALA C 86 13.59 37.10 2.64
N PHE C 87 13.73 38.22 3.35
CA PHE C 87 14.45 39.34 2.75
C PHE C 87 15.90 38.98 2.48
N SER C 88 16.57 38.34 3.43
CA SER C 88 17.99 38.03 3.23
C SER C 88 18.16 36.96 2.16
N VAL C 89 17.19 36.06 2.03
CA VAL C 89 17.24 35.09 0.95
C VAL C 89 17.10 35.78 -0.39
N SER C 90 16.18 36.74 -0.47
CA SER C 90 15.98 37.49 -1.70
C SER C 90 17.21 38.31 -2.06
N HIS C 91 17.85 38.88 -1.04
CA HIS C 91 19.08 39.63 -1.30
C HIS C 91 20.16 38.74 -1.87
N PHE C 92 20.22 37.47 -1.46
CA PHE C 92 21.26 36.59 -2.00
C PHE C 92 20.97 36.27 -3.46
N CYS C 93 19.69 36.07 -3.80
CA CYS C 93 19.34 35.90 -5.20
C CYS C 93 19.86 37.05 -6.04
N TYR C 94 19.66 38.27 -5.54
CA TYR C 94 20.21 39.46 -6.17
C TYR C 94 21.73 39.37 -6.27
N LEU C 95 22.40 38.96 -5.19
CA LEU C 95 23.85 38.82 -5.25
C LEU C 95 24.27 37.81 -6.31
N LEU C 96 23.51 36.73 -6.45
CA LEU C 96 23.81 35.74 -7.49
C LEU C 96 23.70 36.38 -8.87
N TYR C 97 22.68 37.20 -9.07
CA TYR C 97 22.50 37.89 -10.35
C TYR C 97 23.66 38.85 -10.61
N LYS C 98 24.03 39.64 -9.60
CA LYS C 98 25.02 40.69 -9.80
C LYS C 98 26.43 40.13 -9.91
N ASN C 99 26.72 39.01 -9.23
CA ASN C 99 28.08 38.49 -9.15
C ASN C 99 28.33 37.28 -10.04
N LEU C 100 27.32 36.47 -10.32
CA LEU C 100 27.54 35.26 -11.08
C LEU C 100 27.12 35.37 -12.54
N GLU C 101 26.52 36.50 -12.92
CA GLU C 101 26.18 36.75 -14.32
C GLU C 101 25.14 35.73 -14.79
N LEU C 102 24.03 35.66 -14.05
CA LEU C 102 23.04 34.60 -14.26
C LEU C 102 22.39 34.69 -15.64
N THR C 103 22.33 35.89 -16.23
CA THR C 103 21.65 36.04 -17.50
C THR C 103 22.31 35.28 -18.63
N ASN C 104 23.46 34.66 -18.38
CA ASN C 104 24.11 33.80 -19.37
C ASN C 104 23.73 32.34 -19.22
N TYR C 105 22.93 31.99 -18.20
CA TYR C 105 22.59 30.59 -17.96
C TYR C 105 21.08 30.40 -17.87
N LEU C 106 20.36 31.44 -17.44
CA LEU C 106 18.92 31.38 -17.21
C LEU C 106 18.20 32.46 -17.99
N GLU C 107 16.96 32.17 -18.36
CA GLU C 107 16.12 33.18 -19.00
C GLU C 107 15.74 34.26 -17.99
N ASP C 108 15.45 35.46 -18.51
CA ASP C 108 15.06 36.56 -17.66
C ASP C 108 13.90 36.18 -16.75
N ILE C 109 12.90 35.50 -17.30
CA ILE C 109 11.71 35.21 -16.51
C ILE C 109 12.02 34.19 -15.41
N GLU C 110 12.97 33.29 -15.64
CA GLU C 110 13.34 32.34 -14.60
C GLU C 110 14.05 33.04 -13.45
N ILE C 111 14.95 33.97 -13.76
CA ILE C 111 15.63 34.72 -12.71
C ILE C 111 14.65 35.60 -11.97
N PHE C 112 13.69 36.20 -12.68
CA PHE C 112 12.62 36.95 -12.02
C PHE C 112 11.85 36.05 -11.07
N ALA C 113 11.45 34.86 -11.55
CA ALA C 113 10.65 33.96 -10.72
C ALA C 113 11.43 33.48 -9.50
N LEU C 114 12.73 33.26 -9.67
CA LEU C 114 13.58 32.91 -8.53
C LEU C 114 13.52 34.00 -7.47
N PHE C 115 13.65 35.27 -7.89
CA PHE C 115 13.64 36.35 -6.90
C PHE C 115 12.29 36.48 -6.23
N ILE C 116 11.20 36.43 -7.02
CA ILE C 116 9.87 36.48 -6.44
C ILE C 116 9.64 35.29 -5.51
N SER C 117 10.10 34.11 -5.91
CA SER C 117 9.95 32.94 -5.06
C SER C 117 10.71 33.13 -3.75
N CYS C 118 11.94 33.67 -3.81
CA CYS C 118 12.67 33.92 -2.57
C CYS C 118 11.86 34.78 -1.61
N MET C 119 11.20 35.81 -2.15
CA MET C 119 10.39 36.69 -1.31
C MET C 119 9.28 35.92 -0.61
N CYS C 120 8.67 34.95 -1.30
CA CYS C 120 7.46 34.30 -0.82
C CYS C 120 7.68 32.94 -0.24
N HIS C 121 8.91 32.42 -0.24
CA HIS C 121 9.09 30.97 -0.13
C HIS C 121 8.82 30.43 1.26
N ASP C 122 8.74 31.27 2.30
CA ASP C 122 8.40 30.81 3.65
C ASP C 122 7.15 31.51 4.19
N LEU C 123 6.28 32.02 3.31
CA LEU C 123 5.14 32.81 3.79
C LEU C 123 4.32 32.03 4.81
N ASP C 124 3.97 32.72 5.90
CA ASP C 124 3.11 32.18 6.95
C ASP C 124 3.73 30.97 7.63
N HIS C 125 5.07 30.90 7.67
CA HIS C 125 5.73 29.81 8.41
C HIS C 125 5.37 29.92 9.89
N ARG C 126 5.15 28.76 10.53
CA ARG C 126 4.74 28.73 11.93
C ARG C 126 5.85 28.27 12.85
N GLY C 127 7.08 28.30 12.39
CA GLY C 127 8.18 27.88 13.24
C GLY C 127 8.28 26.40 13.49
N THR C 128 7.64 25.56 12.66
CA THR C 128 7.72 24.11 12.78
C THR C 128 7.98 23.49 11.42
N ASN C 129 8.55 22.28 11.43
CA ASN C 129 8.88 21.57 10.21
C ASN C 129 7.63 20.86 9.68
N ASN C 130 7.80 20.05 8.63
CA ASN C 130 6.64 19.45 7.99
C ASN C 130 6.07 18.31 8.83
N SER C 131 6.92 17.46 9.39
CA SER C 131 6.37 16.33 10.13
C SER C 131 5.59 16.81 11.36
N PHE C 132 5.93 17.97 11.92
CA PHE C 132 5.17 18.48 13.04
C PHE C 132 3.73 18.78 12.64
N GLN C 133 3.54 19.43 11.48
CA GLN C 133 2.19 19.63 10.99
C GLN C 133 1.44 18.32 10.88
N VAL C 134 2.10 17.28 10.35
CA VAL C 134 1.42 16.00 10.18
C VAL C 134 1.14 15.36 11.54
N ALA C 135 2.12 15.42 12.45
CA ALA C 135 1.95 14.80 13.75
C ALA C 135 0.86 15.49 14.57
N SER C 136 0.75 16.81 14.45
CA SER C 136 -0.24 17.57 15.20
C SER C 136 -1.58 17.65 14.49
N LYS C 137 -1.69 17.08 13.29
CA LYS C 137 -2.93 17.05 12.53
C LYS C 137 -3.50 18.45 12.35
N SER C 138 -2.62 19.38 11.99
CA SER C 138 -3.02 20.74 11.68
C SER C 138 -3.84 20.76 10.40
N VAL C 139 -4.54 21.87 10.18
CA VAL C 139 -5.29 22.04 8.95
C VAL C 139 -4.38 21.97 7.73
N LEU C 140 -3.14 22.46 7.86
CA LEU C 140 -2.20 22.38 6.74
C LEU C 140 -1.91 20.94 6.38
N ALA C 141 -1.76 20.08 7.39
CA ALA C 141 -1.54 18.67 7.14
C ALA C 141 -2.76 18.05 6.46
N ALA C 142 -3.97 18.40 6.93
CA ALA C 142 -5.18 17.88 6.29
C ALA C 142 -5.21 18.24 4.81
N LEU C 143 -4.73 19.44 4.48
CA LEU C 143 -4.77 19.91 3.09
C LEU C 143 -3.66 19.32 2.23
N TYR C 144 -2.46 19.12 2.80
CA TYR C 144 -1.27 18.89 2.00
C TYR C 144 -0.49 17.62 2.31
N SER C 145 -0.82 16.88 3.38
CA SER C 145 0.11 15.81 3.80
C SER C 145 0.19 14.68 2.79
N SER C 146 -0.90 14.38 2.07
CA SER C 146 -0.87 13.36 1.03
C SER C 146 -0.02 13.76 -0.15
N GLU C 147 0.24 15.05 -0.32
CA GLU C 147 1.09 15.50 -1.41
C GLU C 147 2.54 15.70 -0.99
N GLY C 148 2.82 15.76 0.31
CA GLY C 148 4.16 16.05 0.79
C GLY C 148 4.49 17.54 0.75
N SER C 149 5.63 17.88 1.36
CA SER C 149 6.10 19.27 1.47
C SER C 149 4.99 20.18 1.98
N VAL C 150 4.46 19.83 3.15
CA VAL C 150 3.27 20.48 3.68
C VAL C 150 3.44 21.99 3.72
N MET C 151 4.50 22.47 4.39
CA MET C 151 4.63 23.91 4.57
C MET C 151 4.89 24.61 3.24
N GLU C 152 5.68 23.97 2.37
CA GLU C 152 6.03 24.59 1.10
C GLU C 152 4.81 24.75 0.21
N ARG C 153 3.89 23.78 0.25
CA ARG C 153 2.63 23.96 -0.47
C ARG C 153 1.80 25.10 0.12
N HIS C 154 1.85 25.26 1.44
CA HIS C 154 1.14 26.38 2.07
C HIS C 154 1.79 27.70 1.67
N HIS C 155 3.13 27.78 1.67
CA HIS C 155 3.77 29.03 1.25
C HIS C 155 3.35 29.39 -0.18
N PHE C 156 3.42 28.42 -1.11
CA PHE C 156 2.99 28.71 -2.47
C PHE C 156 1.53 29.17 -2.49
N ALA C 157 0.65 28.48 -1.75
CA ALA C 157 -0.75 28.89 -1.75
C ALA C 157 -0.93 30.29 -1.17
N GLN C 158 -0.09 30.69 -0.20
CA GLN C 158 -0.19 32.06 0.32
C GLN C 158 0.25 33.06 -0.74
N ALA C 159 1.30 32.73 -1.49
CA ALA C 159 1.75 33.58 -2.58
C ALA C 159 0.63 33.77 -3.61
N ILE C 160 -0.10 32.70 -3.92
CA ILE C 160 -1.23 32.78 -4.84
C ILE C 160 -2.33 33.67 -4.27
N ALA C 161 -2.64 33.52 -2.97
CA ALA C 161 -3.67 34.34 -2.35
C ALA C 161 -3.29 35.82 -2.34
N ILE C 162 -2.00 36.12 -2.20
CA ILE C 162 -1.56 37.51 -2.30
C ILE C 162 -1.75 38.02 -3.72
N LEU C 163 -1.28 37.27 -4.72
CA LEU C 163 -1.48 37.67 -6.12
C LEU C 163 -2.96 37.78 -6.45
N ASN C 164 -3.81 37.01 -5.80
CA ASN C 164 -5.25 37.11 -6.02
C ASN C 164 -5.90 38.21 -5.19
N THR C 165 -5.13 39.01 -4.44
CA THR C 165 -5.69 40.13 -3.69
C THR C 165 -5.75 41.37 -4.57
N HIS C 166 -6.83 42.14 -4.45
CA HIS C 166 -7.01 43.32 -5.29
C HIS C 166 -5.79 44.24 -5.18
N GLY C 167 -5.33 44.71 -6.35
CA GLY C 167 -4.22 45.66 -6.40
C GLY C 167 -2.83 45.09 -6.15
N CYS C 168 -2.68 43.75 -6.17
CA CYS C 168 -1.43 43.11 -5.81
C CYS C 168 -0.87 42.17 -6.87
N ASN C 169 -1.55 42.00 -8.01
CA ASN C 169 -1.13 40.99 -8.98
C ASN C 169 -0.13 41.62 -9.93
N ILE C 170 1.15 41.57 -9.56
CA ILE C 170 2.21 42.16 -10.36
C ILE C 170 2.33 41.55 -11.74
N PHE C 171 1.68 40.40 -12.01
CA PHE C 171 1.78 39.74 -13.30
C PHE C 171 0.53 39.83 -14.16
N ASP C 172 -0.51 40.55 -13.73
CA ASP C 172 -1.79 40.41 -14.42
C ASP C 172 -1.83 41.03 -15.81
N HIS C 173 -0.78 41.75 -16.23
CA HIS C 173 -0.65 42.25 -17.61
C HIS C 173 0.31 41.40 -18.45
N PHE C 174 0.93 40.38 -17.85
CA PHE C 174 1.84 39.50 -18.59
C PHE C 174 1.12 38.82 -19.74
N SER C 175 1.89 38.40 -20.74
CA SER C 175 1.33 37.51 -21.74
C SER C 175 0.83 36.24 -21.05
N ARG C 176 -0.07 35.55 -21.75
CA ARG C 176 -0.56 34.28 -21.22
C ARG C 176 0.59 33.32 -20.96
N LYS C 177 1.56 33.24 -21.89
CA LYS C 177 2.66 32.32 -21.70
C LYS C 177 3.53 32.73 -20.51
N ASP C 178 3.89 34.01 -20.41
CA ASP C 178 4.74 34.47 -19.30
C ASP C 178 4.04 34.35 -17.95
N TYR C 179 2.73 34.53 -17.92
CA TYR C 179 1.98 34.41 -16.68
C TYR C 179 2.00 32.99 -16.17
N GLN C 180 1.72 32.03 -17.07
CA GLN C 180 1.74 30.63 -16.70
C GLN C 180 3.14 30.18 -16.32
N ARG C 181 4.14 30.64 -17.09
CA ARG C 181 5.53 30.34 -16.76
C ARG C 181 5.86 30.80 -15.35
N MET C 182 5.43 32.00 -14.99
CA MET C 182 5.75 32.54 -13.68
C MET C 182 5.16 31.68 -12.58
N LEU C 183 3.85 31.38 -12.68
CA LEU C 183 3.21 30.58 -11.64
C LEU C 183 3.84 29.20 -11.56
N ASP C 184 4.14 28.60 -12.72
CA ASP C 184 4.76 27.27 -12.71
C ASP C 184 6.15 27.32 -12.09
N LEU C 185 6.94 28.36 -12.41
CA LEU C 185 8.26 28.48 -11.81
C LEU C 185 8.16 28.71 -10.31
N MET C 186 7.28 29.60 -9.88
CA MET C 186 7.14 29.83 -8.45
C MET C 186 6.77 28.55 -7.72
N ARG C 187 5.88 27.75 -8.30
CA ARG C 187 5.52 26.49 -7.66
C ARG C 187 6.73 25.59 -7.53
N ASP C 188 7.46 25.39 -8.62
CA ASP C 188 8.60 24.48 -8.58
C ASP C 188 9.68 24.99 -7.66
N ILE C 189 9.93 26.30 -7.69
CA ILE C 189 11.04 26.84 -6.91
C ILE C 189 10.70 26.82 -5.43
N ILE C 190 9.45 27.15 -5.07
CA ILE C 190 9.09 27.15 -3.67
C ILE C 190 9.05 25.73 -3.13
N LEU C 191 8.58 24.77 -3.94
CA LEU C 191 8.64 23.37 -3.54
C LEU C 191 10.07 22.87 -3.38
N ALA C 192 11.01 23.38 -4.19
CA ALA C 192 12.42 23.02 -4.08
C ALA C 192 13.05 23.43 -2.76
N THR C 193 12.41 24.32 -1.99
CA THR C 193 12.93 24.77 -0.70
C THR C 193 12.77 23.73 0.39
N ASP C 194 11.95 22.71 0.19
CA ASP C 194 11.96 21.58 1.10
C ASP C 194 13.31 20.89 0.99
N LEU C 195 14.07 20.86 2.10
CA LEU C 195 15.37 20.20 2.05
C LEU C 195 15.24 18.73 1.69
N ALA C 196 14.09 18.11 2.00
CA ALA C 196 13.82 16.75 1.56
C ALA C 196 13.93 16.63 0.04
N HIS C 197 13.48 17.67 -0.67
CA HIS C 197 13.57 17.67 -2.13
C HIS C 197 15.01 17.85 -2.59
N HIS C 198 15.72 18.80 -2.01
CA HIS C 198 17.12 18.99 -2.35
C HIS C 198 17.90 17.68 -2.18
N LEU C 199 17.67 16.98 -1.07
CA LEU C 199 18.41 15.74 -0.83
C LEU C 199 18.06 14.66 -1.85
N ARG C 200 16.84 14.71 -2.41
CA ARG C 200 16.47 13.70 -3.41
C ARG C 200 17.18 13.94 -4.73
N ILE C 201 17.34 15.22 -5.11
CA ILE C 201 17.80 15.54 -6.44
C ILE C 201 19.30 15.82 -6.43
N PHE C 202 19.93 15.65 -5.27
CA PHE C 202 21.32 16.06 -5.11
C PHE C 202 22.25 15.39 -6.13
N LYS C 203 21.97 14.14 -6.49
CA LYS C 203 22.81 13.45 -7.46
C LYS C 203 22.56 13.93 -8.88
N ASP C 204 21.33 14.30 -9.20
CA ASP C 204 21.07 14.95 -10.49
C ASP C 204 21.79 16.28 -10.58
N LEU C 205 21.85 17.02 -9.47
CA LEU C 205 22.63 18.25 -9.45
C LEU C 205 24.08 17.99 -9.81
N GLN C 206 24.65 16.90 -9.29
CA GLN C 206 26.04 16.58 -9.58
C GLN C 206 26.22 16.22 -11.06
N LYS C 207 25.33 15.36 -11.57
CA LYS C 207 25.44 14.92 -12.96
C LYS C 207 25.51 16.13 -13.89
N MET C 208 24.62 17.09 -13.68
CA MET C 208 24.64 18.30 -14.48
C MET C 208 25.98 19.05 -14.35
N ALA C 209 26.61 19.01 -13.17
CA ALA C 209 27.85 19.72 -12.94
C ALA C 209 29.05 19.05 -13.60
N GLU C 210 28.98 17.73 -13.84
CA GLU C 210 30.06 17.05 -14.57
C GLU C 210 29.89 17.20 -16.07
N VAL C 211 28.70 16.90 -16.58
CA VAL C 211 28.44 16.98 -18.02
C VAL C 211 28.57 18.42 -18.50
N GLY C 212 28.24 19.40 -17.65
CA GLY C 212 28.27 20.80 -18.01
C GLY C 212 26.88 21.36 -18.22
N TYR C 213 26.60 22.51 -17.59
CA TYR C 213 25.30 23.14 -17.77
C TYR C 213 25.04 23.44 -19.25
N ASP C 214 23.92 22.95 -19.74
CA ASP C 214 23.52 23.08 -21.13
C ASP C 214 22.44 24.15 -21.19
N ARG C 215 22.83 25.36 -21.61
CA ARG C 215 21.91 26.50 -21.64
C ARG C 215 20.67 26.20 -22.48
N ASN C 216 20.81 25.36 -23.51
CA ASN C 216 19.68 24.99 -24.36
C ASN C 216 18.92 23.78 -23.83
N ASN C 217 19.28 23.25 -22.66
CA ASN C 217 18.56 22.15 -22.03
C ASN C 217 17.63 22.75 -20.98
N LYS C 218 16.32 22.69 -21.25
CA LYS C 218 15.35 23.26 -20.31
C LYS C 218 15.40 22.56 -18.96
N GLN C 219 15.69 21.25 -18.95
CA GLN C 219 15.74 20.56 -17.66
C GLN C 219 16.91 21.08 -16.82
N HIS C 220 18.05 21.36 -17.44
CA HIS C 220 19.15 21.95 -16.70
C HIS C 220 18.74 23.28 -16.07
N HIS C 221 17.93 24.07 -16.78
CA HIS C 221 17.39 25.28 -16.18
C HIS C 221 16.67 24.95 -14.87
N ARG C 222 15.89 23.87 -14.87
CA ARG C 222 15.10 23.51 -13.70
C ARG C 222 15.98 23.06 -12.54
N LEU C 223 16.96 22.19 -12.82
CA LEU C 223 17.91 21.77 -11.81
C LEU C 223 18.65 22.95 -11.21
N LEU C 224 19.21 23.80 -12.06
CA LEU C 224 19.96 24.96 -11.59
C LEU C 224 19.09 25.86 -10.71
N LEU C 225 17.84 26.09 -11.12
CA LEU C 225 16.97 26.91 -10.28
C LEU C 225 16.80 26.29 -8.89
N CYS C 226 16.70 24.96 -8.80
CA CYS C 226 16.60 24.34 -7.48
C CYS C 226 17.86 24.59 -6.65
N LEU C 227 19.02 24.35 -7.26
CA LEU C 227 20.27 24.59 -6.54
C LEU C 227 20.40 26.05 -6.13
N LEU C 228 20.05 26.98 -7.03
CA LEU C 228 20.18 28.40 -6.72
C LEU C 228 19.24 28.79 -5.59
N MET C 229 18.00 28.28 -5.61
CA MET C 229 17.05 28.54 -4.54
C MET C 229 17.60 28.05 -3.19
N THR C 230 18.12 26.82 -3.16
CA THR C 230 18.68 26.28 -1.93
C THR C 230 19.89 27.08 -1.48
N SER C 231 20.73 27.51 -2.43
CA SER C 231 21.87 28.35 -2.07
C SER C 231 21.40 29.64 -1.43
N CYS C 232 20.27 30.19 -1.88
CA CYS C 232 19.75 31.41 -1.27
C CYS C 232 19.17 31.14 0.12
N ASP C 233 18.42 30.04 0.26
CA ASP C 233 17.81 29.68 1.54
C ASP C 233 18.86 29.48 2.63
N LEU C 234 20.02 28.94 2.29
CA LEU C 234 21.06 28.64 3.28
C LEU C 234 22.14 29.71 3.35
N SER C 235 21.99 30.83 2.63
CA SER C 235 23.07 31.79 2.41
C SER C 235 23.52 32.53 3.66
N ASP C 236 22.75 32.47 4.75
CA ASP C 236 23.26 32.96 6.03
C ASP C 236 24.61 32.34 6.36
N GLN C 237 24.82 31.08 5.96
CA GLN C 237 26.09 30.42 6.26
C GLN C 237 27.26 30.93 5.44
N THR C 238 27.04 31.78 4.43
CA THR C 238 28.12 32.30 3.60
C THR C 238 28.66 33.63 4.07
N LYS C 239 28.17 34.14 5.21
CA LYS C 239 28.61 35.39 5.79
C LYS C 239 29.69 35.11 6.84
N GLY C 240 29.96 36.09 7.70
CA GLY C 240 30.96 35.93 8.74
C GLY C 240 30.48 35.05 9.89
N TRP C 241 31.39 34.84 10.83
CA TRP C 241 31.10 33.99 11.98
C TRP C 241 29.95 34.55 12.82
N LYS C 242 29.92 35.87 13.02
CA LYS C 242 28.89 36.46 13.88
C LYS C 242 27.50 36.16 13.34
N THR C 243 27.33 36.19 12.01
CA THR C 243 26.04 35.88 11.41
C THR C 243 25.65 34.43 11.64
N THR C 244 26.56 33.48 11.35
CA THR C 244 26.23 32.07 11.52
C THR C 244 26.00 31.73 12.99
N ARG C 245 26.77 32.32 13.90
CA ARG C 245 26.52 32.11 15.32
C ARG C 245 25.12 32.59 15.71
N LYS C 246 24.77 33.80 15.28
CA LYS C 246 23.45 34.34 15.57
C LYS C 246 22.35 33.51 14.93
N ILE C 247 22.58 33.05 13.68
CA ILE C 247 21.52 32.30 13.00
C ILE C 247 21.33 30.94 13.64
N ALA C 248 22.41 30.30 14.12
CA ALA C 248 22.25 29.03 14.82
C ALA C 248 21.44 29.23 16.10
N GLU C 249 21.66 30.35 16.77
CA GLU C 249 20.84 30.71 17.92
C GLU C 249 19.36 30.76 17.55
N LEU C 250 19.01 31.50 16.49
CA LEU C 250 17.60 31.59 16.07
C LEU C 250 17.06 30.22 15.66
N ILE C 251 17.84 29.45 14.89
CA ILE C 251 17.39 28.13 14.44
C ILE C 251 17.08 27.24 15.64
N TYR C 252 18.00 27.18 16.59
CA TYR C 252 17.81 26.20 17.66
C TYR C 252 16.72 26.64 18.64
N LYS C 253 16.57 27.95 18.86
CA LYS C 253 15.38 28.43 19.59
C LYS C 253 14.11 27.92 18.92
N GLU C 254 14.00 28.14 17.61
CA GLU C 254 12.82 27.67 16.90
C GLU C 254 12.66 26.17 17.03
N PHE C 255 13.75 25.42 16.80
CA PHE C 255 13.67 23.96 16.89
C PHE C 255 13.24 23.51 18.28
N PHE C 256 13.86 24.07 19.32
CA PHE C 256 13.61 23.60 20.68
C PHE C 256 12.17 23.90 21.11
N SER C 257 11.57 24.97 20.59
CA SER C 257 10.15 25.19 20.85
C SER C 257 9.31 24.06 20.25
N GLN C 258 9.59 23.69 19.00
CA GLN C 258 8.81 22.60 18.41
C GLN C 258 8.99 21.31 19.19
N GLY C 259 10.22 21.06 19.67
CA GLY C 259 10.43 19.87 20.48
C GLY C 259 9.62 19.87 21.76
N ASP C 260 9.56 21.02 22.44
CA ASP C 260 8.75 21.14 23.66
C ASP C 260 7.29 20.82 23.35
N LEU C 261 6.77 21.30 22.22
CA LEU C 261 5.41 20.94 21.83
C LEU C 261 5.29 19.44 21.61
N GLU C 262 6.27 18.82 20.95
CA GLU C 262 6.20 17.40 20.67
C GLU C 262 6.20 16.58 21.95
N LYS C 263 7.10 16.91 22.88
CA LYS C 263 7.08 16.25 24.19
C LYS C 263 5.72 16.42 24.87
N ALA C 264 5.12 17.61 24.78
CA ALA C 264 3.81 17.80 25.35
C ALA C 264 2.73 17.02 24.60
N MET C 265 3.00 16.61 23.36
CA MET C 265 2.08 15.76 22.63
C MET C 265 2.31 14.28 22.90
N GLY C 266 3.20 13.94 23.82
CA GLY C 266 3.52 12.55 24.08
C GLY C 266 4.40 11.89 23.05
N ASN C 267 5.15 12.67 22.28
CA ASN C 267 6.04 12.17 21.25
C ASN C 267 7.49 12.49 21.60
N ARG C 268 8.41 11.81 20.91
CA ARG C 268 9.82 12.12 21.07
C ARG C 268 10.26 12.97 19.90
N PRO C 269 10.64 14.22 20.11
CA PRO C 269 11.14 15.03 19.00
C PRO C 269 12.46 14.47 18.51
N MET C 270 12.81 14.83 17.28
CA MET C 270 14.14 14.48 16.81
C MET C 270 15.19 15.14 17.72
N GLU C 271 16.38 14.54 17.75
CA GLU C 271 17.34 14.96 18.77
C GLU C 271 17.78 16.41 18.57
N MET C 272 17.83 16.88 17.33
CA MET C 272 18.20 18.28 17.12
C MET C 272 17.12 19.26 17.58
N MET C 273 15.91 18.78 17.89
CA MET C 273 14.86 19.64 18.41
C MET C 273 14.61 19.44 19.90
N ASP C 274 15.40 18.59 20.55
CA ASP C 274 15.24 18.30 21.98
C ASP C 274 16.32 19.09 22.74
N ARG C 275 15.90 20.13 23.46
CA ARG C 275 16.87 20.96 24.19
C ARG C 275 17.59 20.20 25.30
N GLU C 276 17.12 19.01 25.66
CA GLU C 276 17.81 18.20 26.67
C GLU C 276 18.79 17.21 26.05
N LYS C 277 18.74 16.99 24.74
CA LYS C 277 19.62 16.06 24.05
C LYS C 277 20.52 16.71 23.01
N ALA C 278 20.08 17.81 22.39
CA ALA C 278 20.82 18.39 21.28
C ALA C 278 22.16 18.94 21.73
N TYR C 279 23.21 18.61 20.99
CA TYR C 279 24.56 19.11 21.21
C TYR C 279 24.87 20.02 20.03
N ILE C 280 24.59 21.32 20.20
CA ILE C 280 24.65 22.26 19.08
C ILE C 280 25.94 22.16 18.27
N PRO C 281 27.14 22.09 18.89
CA PRO C 281 28.36 22.09 18.06
C PRO C 281 28.43 20.96 17.04
N GLU C 282 28.19 19.72 17.44
CA GLU C 282 28.32 18.66 16.45
C GLU C 282 27.14 18.66 15.49
N LEU C 283 25.95 19.08 15.94
CA LEU C 283 24.83 19.25 15.04
C LEU C 283 25.15 20.28 13.97
N GLN C 284 25.70 21.42 14.38
CA GLN C 284 26.09 22.44 13.42
C GLN C 284 27.22 21.96 12.52
N ILE C 285 28.21 21.28 13.08
CA ILE C 285 29.31 20.78 12.26
C ILE C 285 28.78 19.80 11.23
N SER C 286 27.89 18.89 11.65
CA SER C 286 27.28 17.96 10.72
C SER C 286 26.49 18.69 9.65
N PHE C 287 25.63 19.62 10.07
CA PHE C 287 24.85 20.37 9.09
C PHE C 287 25.75 21.08 8.09
N MET C 288 26.82 21.73 8.58
CA MET C 288 27.71 22.46 7.69
C MET C 288 28.47 21.52 6.77
N GLU C 289 29.01 20.44 7.32
CA GLU C 289 29.89 19.56 6.54
C GLU C 289 29.09 18.72 5.54
N HIS C 290 27.89 18.28 5.92
CA HIS C 290 27.16 17.28 5.14
C HIS C 290 25.98 17.84 4.37
N ILE C 291 25.55 19.08 4.63
CA ILE C 291 24.47 19.65 3.85
C ILE C 291 24.90 20.96 3.22
N ALA C 292 25.37 21.92 4.04
CA ALA C 292 25.64 23.26 3.52
C ALA C 292 26.85 23.26 2.58
N MET C 293 27.98 22.71 3.04
CA MET C 293 29.17 22.72 2.19
C MET C 293 28.96 22.01 0.86
N PRO C 294 28.34 20.83 0.78
CA PRO C 294 28.18 20.20 -0.54
C PRO C 294 27.34 21.02 -1.50
N ILE C 295 26.40 21.81 -0.99
CA ILE C 295 25.63 22.71 -1.85
C ILE C 295 26.53 23.77 -2.46
N TYR C 296 27.28 24.48 -1.61
CA TYR C 296 28.15 25.54 -2.13
C TYR C 296 29.33 24.98 -2.92
N LYS C 297 29.68 23.71 -2.72
CA LYS C 297 30.65 23.07 -3.60
C LYS C 297 30.07 22.89 -5.01
N LEU C 298 28.85 22.36 -5.10
CA LEU C 298 28.15 22.34 -6.37
C LEU C 298 28.13 23.72 -7.02
N LEU C 299 27.75 24.74 -6.24
CA LEU C 299 27.67 26.09 -6.77
C LEU C 299 29.02 26.54 -7.34
N GLN C 300 30.10 26.25 -6.62
CA GLN C 300 31.43 26.60 -7.12
C GLN C 300 31.77 25.78 -8.36
N ASP C 301 31.32 24.51 -8.43
CA ASP C 301 31.63 23.68 -9.58
C ASP C 301 30.97 24.22 -10.84
N LEU C 302 29.82 24.87 -10.71
CA LEU C 302 29.11 25.45 -11.85
C LEU C 302 29.57 26.88 -12.13
N PHE C 303 29.84 27.66 -11.08
CA PHE C 303 30.25 29.05 -11.21
C PHE C 303 31.56 29.23 -10.46
N PRO C 304 32.70 29.27 -11.15
CA PRO C 304 33.99 29.48 -10.45
C PRO C 304 34.02 30.69 -9.53
N LYS C 305 33.29 31.76 -9.86
CA LYS C 305 33.24 32.96 -9.03
C LYS C 305 32.55 32.72 -7.69
N ALA C 306 31.83 31.61 -7.53
CA ALA C 306 31.21 31.29 -6.25
C ALA C 306 32.17 30.60 -5.29
N ALA C 307 33.44 30.47 -5.66
CA ALA C 307 34.41 29.78 -4.81
C ALA C 307 34.46 30.38 -3.41
N GLU C 308 34.35 31.71 -3.30
CA GLU C 308 34.48 32.35 -2.00
C GLU C 308 33.33 31.99 -1.08
N LEU C 309 32.16 31.67 -1.64
CA LEU C 309 31.03 31.26 -0.83
C LEU C 309 31.31 29.93 -0.15
N TYR C 310 31.79 28.94 -0.92
CA TYR C 310 32.16 27.65 -0.34
C TYR C 310 33.27 27.81 0.70
N GLU C 311 34.29 28.61 0.38
CA GLU C 311 35.38 28.83 1.33
C GLU C 311 34.86 29.41 2.63
N ARG C 312 33.88 30.32 2.55
CA ARG C 312 33.36 30.94 3.76
C ARG C 312 32.54 29.94 4.59
N VAL C 313 31.73 29.11 3.94
CA VAL C 313 30.99 28.08 4.66
C VAL C 313 31.95 27.14 5.37
N ALA C 314 32.94 26.64 4.63
CA ALA C 314 33.93 25.74 5.22
C ALA C 314 34.68 26.44 6.37
N SER C 315 34.98 27.72 6.22
CA SER C 315 35.67 28.42 7.32
C SER C 315 34.76 28.52 8.53
N ASN C 316 33.46 28.76 8.31
CA ASN C 316 32.55 28.78 9.44
C ASN C 316 32.42 27.39 10.07
N ARG C 317 32.46 26.34 9.25
CA ARG C 317 32.44 24.99 9.80
C ARG C 317 33.66 24.74 10.69
N GLU C 318 34.83 25.17 10.24
CA GLU C 318 36.03 25.02 11.06
C GLU C 318 35.93 25.81 12.35
N HIS C 319 35.24 26.94 12.34
CA HIS C 319 35.16 27.73 13.56
C HIS C 319 34.27 27.05 14.60
N TRP C 320 33.20 26.36 14.16
CA TRP C 320 32.41 25.57 15.10
C TRP C 320 33.25 24.53 15.81
N THR C 321 34.17 23.89 15.08
CA THR C 321 35.10 22.96 15.70
C THR C 321 35.97 23.68 16.73
N LYS C 322 36.37 24.91 16.43
CA LYS C 322 37.27 25.64 17.34
C LYS C 322 36.57 26.11 18.61
N VAL C 323 35.24 26.30 18.57
CA VAL C 323 34.51 26.75 19.75
C VAL C 323 33.73 25.63 20.41
N SER C 324 33.81 24.40 19.88
CA SER C 324 33.01 23.30 20.41
C SER C 324 33.32 23.03 21.87
N HIS C 325 34.57 23.23 22.28
CA HIS C 325 34.95 22.93 23.66
C HIS C 325 34.22 23.79 24.67
N LYS C 326 33.72 24.95 24.25
CA LYS C 326 33.05 25.87 25.16
C LYS C 326 31.71 25.35 25.63
N PHE C 327 31.16 24.32 25.00
CA PHE C 327 29.90 23.74 25.46
C PHE C 327 30.10 22.72 26.56
N THR C 328 31.34 22.47 26.98
CA THR C 328 31.64 21.71 28.17
C THR C 328 32.09 22.69 29.24
N ILE C 329 31.53 22.57 30.44
CA ILE C 329 31.83 23.51 31.51
C ILE C 329 33.13 23.07 32.16
N ARG C 330 34.18 23.85 31.93
CA ARG C 330 35.45 23.69 32.62
C ARG C 330 35.58 24.77 33.68
N GLY C 331 36.44 24.50 34.68
CA GLY C 331 36.38 25.35 35.84
C GLY C 331 35.02 25.30 36.51
N LEU C 332 34.67 26.39 37.17
CA LEU C 332 33.34 26.53 37.73
C LEU C 332 32.46 27.31 36.78
N PRO C 333 31.14 27.19 36.91
CA PRO C 333 30.25 28.14 36.23
C PRO C 333 30.54 29.56 36.68
N SER C 334 30.01 30.53 35.93
CA SER C 334 30.36 31.93 36.18
C SER C 334 30.04 32.35 37.62
N ASN C 335 28.92 31.88 38.15
CA ASN C 335 28.55 32.25 39.53
C ASN C 335 29.43 31.60 40.57
N ASN C 336 30.38 30.75 40.16
CA ASN C 336 31.29 30.06 41.08
C ASN C 336 30.58 29.08 41.99
N SER C 337 29.39 28.62 41.60
CA SER C 337 28.69 27.59 42.34
C SER C 337 28.46 26.38 41.46
N LEU C 338 28.49 25.21 42.08
CA LEU C 338 28.00 23.98 41.48
C LEU C 338 26.53 23.78 41.75
N ASP C 339 25.78 24.87 41.95
CA ASP C 339 24.34 24.83 42.17
C ASP C 339 23.64 23.94 41.16
N PHE C 340 23.95 24.12 39.87
CA PHE C 340 23.19 23.50 38.80
C PHE C 340 23.18 21.97 38.86
N LEU C 341 24.00 21.36 39.69
CA LEU C 341 23.98 19.90 39.82
C LEU C 341 22.79 19.48 40.68
N ILE D 15 -35.04 15.13 13.90
CA ILE D 15 -34.64 13.78 13.51
C ILE D 15 -35.85 12.85 13.55
N GLN D 16 -36.51 12.68 12.38
CA GLN D 16 -37.72 11.90 12.18
C GLN D 16 -37.37 10.50 11.67
N PRO D 17 -38.22 9.51 11.94
CA PRO D 17 -38.07 8.22 11.26
C PRO D 17 -38.29 8.40 9.77
N VAL D 18 -37.50 7.68 8.97
CA VAL D 18 -37.55 7.89 7.53
C VAL D 18 -38.94 7.58 6.98
N ALA D 19 -39.68 6.67 7.63
CA ALA D 19 -41.05 6.41 7.20
C ALA D 19 -41.93 7.65 7.34
N ALA D 20 -41.59 8.55 8.27
CA ALA D 20 -42.33 9.81 8.37
C ALA D 20 -42.09 10.72 7.19
N ILE D 21 -40.93 10.57 6.52
CA ILE D 21 -40.65 11.36 5.32
C ILE D 21 -41.41 10.81 4.13
N ASP D 22 -41.31 9.50 3.91
CA ASP D 22 -41.98 8.82 2.81
C ASP D 22 -41.91 7.32 3.06
N SER D 23 -43.03 6.61 2.89
CA SER D 23 -43.03 5.19 3.16
C SER D 23 -42.07 4.42 2.28
N ASN D 24 -41.66 4.99 1.15
CA ASN D 24 -40.69 4.35 0.26
C ASN D 24 -39.35 5.07 0.25
N PHE D 25 -39.02 5.73 1.36
CA PHE D 25 -37.81 6.55 1.42
C PHE D 25 -36.55 5.72 1.22
N ALA D 26 -36.57 4.46 1.65
CA ALA D 26 -35.40 3.61 1.58
C ALA D 26 -35.44 2.66 0.39
N SER D 27 -36.32 2.94 -0.58
CA SER D 27 -36.46 2.15 -1.79
C SER D 27 -35.68 2.78 -2.95
N PHE D 28 -35.12 1.92 -3.81
CA PHE D 28 -34.48 2.36 -5.04
C PHE D 28 -35.44 3.10 -5.96
N THR D 29 -36.75 2.96 -5.75
CA THR D 29 -37.71 3.63 -6.60
C THR D 29 -37.91 5.09 -6.20
N TYR D 30 -37.44 5.48 -5.01
CA TYR D 30 -37.70 6.81 -4.50
C TYR D 30 -36.82 7.83 -5.20
N THR D 31 -37.43 8.96 -5.55
CA THR D 31 -36.71 10.05 -6.20
C THR D 31 -36.43 11.12 -5.16
N PRO D 32 -35.24 11.17 -4.57
CA PRO D 32 -34.97 12.16 -3.52
C PRO D 32 -35.13 13.61 -3.97
N ARG D 33 -34.99 13.90 -5.27
CA ARG D 33 -35.23 15.27 -5.71
C ARG D 33 -36.69 15.68 -5.52
N SER D 34 -37.59 14.72 -5.30
CA SER D 34 -38.98 15.06 -5.02
C SER D 34 -39.18 15.67 -3.65
N LEU D 35 -38.18 15.61 -2.78
CA LEU D 35 -38.30 16.18 -1.44
C LEU D 35 -38.09 17.69 -1.50
N PRO D 36 -38.94 18.48 -0.85
CA PRO D 36 -38.70 19.93 -0.78
C PRO D 36 -37.31 20.23 -0.21
N GLU D 37 -36.67 21.25 -0.77
CA GLU D 37 -35.28 21.54 -0.41
C GLU D 37 -35.14 21.96 1.04
N ASP D 38 -36.16 22.62 1.59
CA ASP D 38 -36.14 23.03 2.99
C ASP D 38 -36.22 21.87 3.96
N ASP D 39 -36.50 20.65 3.47
CA ASP D 39 -36.55 19.47 4.32
C ASP D 39 -35.35 18.56 4.13
N THR D 40 -34.39 18.92 3.30
CA THR D 40 -33.32 17.98 2.96
C THR D 40 -32.31 17.85 4.09
N SER D 41 -32.10 18.91 4.88
CA SER D 41 -31.18 18.79 6.01
C SER D 41 -31.70 17.80 7.03
N MET D 42 -33.00 17.86 7.35
CA MET D 42 -33.56 16.89 8.28
C MET D 42 -33.55 15.48 7.68
N ALA D 43 -33.69 15.36 6.36
CA ALA D 43 -33.53 14.05 5.74
C ALA D 43 -32.15 13.49 5.98
N ILE D 44 -31.11 14.35 5.89
CA ILE D 44 -29.75 13.91 6.17
C ILE D 44 -29.65 13.36 7.59
N LEU D 45 -30.10 14.14 8.58
CA LEU D 45 -30.09 13.64 9.95
C LEU D 45 -30.92 12.37 10.09
N SER D 46 -32.08 12.31 9.43
CA SER D 46 -32.91 11.12 9.53
C SER D 46 -32.22 9.90 8.94
N MET D 47 -31.45 10.09 7.86
CA MET D 47 -30.73 8.98 7.28
C MET D 47 -29.60 8.53 8.21
N LEU D 48 -28.82 9.47 8.72
CA LEU D 48 -27.79 9.12 9.68
C LEU D 48 -28.38 8.42 10.90
N GLN D 49 -29.59 8.79 11.30
CA GLN D 49 -30.17 8.10 12.45
C GLN D 49 -30.73 6.73 12.07
N ASP D 50 -31.32 6.63 10.87
CA ASP D 50 -31.80 5.33 10.41
C ASP D 50 -30.66 4.33 10.28
N MET D 51 -29.50 4.80 9.81
CA MET D 51 -28.31 3.96 9.79
C MET D 51 -27.69 3.80 11.18
N ASN D 52 -28.19 4.57 12.16
CA ASN D 52 -27.77 4.54 13.57
C ASN D 52 -26.32 5.00 13.75
N PHE D 53 -25.86 5.88 12.87
CA PHE D 53 -24.50 6.41 13.01
C PHE D 53 -24.39 7.48 14.09
N ILE D 54 -25.47 8.21 14.35
CA ILE D 54 -25.42 9.25 15.37
C ILE D 54 -25.13 8.64 16.74
N ASN D 55 -25.89 7.61 17.10
CA ASN D 55 -25.71 6.95 18.39
C ASN D 55 -24.42 6.12 18.40
N ASN D 56 -24.22 5.29 17.37
CA ASN D 56 -23.08 4.38 17.37
C ASN D 56 -21.74 5.13 17.34
N TYR D 57 -21.68 6.27 16.66
CA TYR D 57 -20.46 7.06 16.64
C TYR D 57 -20.46 8.20 17.64
N LYS D 58 -21.51 8.34 18.45
CA LYS D 58 -21.57 9.33 19.51
C LYS D 58 -21.42 10.74 18.93
N ILE D 59 -22.03 10.96 17.77
CA ILE D 59 -21.96 12.25 17.11
C ILE D 59 -22.82 13.23 17.90
N ASP D 60 -22.28 14.42 18.13
CA ASP D 60 -23.04 15.46 18.80
C ASP D 60 -24.04 16.06 17.81
N CYS D 61 -25.33 15.93 18.11
CA CYS D 61 -26.35 16.36 17.17
C CYS D 61 -26.30 17.85 16.86
N PRO D 62 -26.17 18.76 17.85
CA PRO D 62 -26.00 20.19 17.50
C PRO D 62 -24.86 20.43 16.53
N THR D 63 -23.69 19.83 16.77
CA THR D 63 -22.57 19.92 15.83
C THR D 63 -22.95 19.34 14.47
N LEU D 64 -23.64 18.20 14.46
CA LEU D 64 -24.02 17.60 13.19
C LEU D 64 -25.00 18.48 12.44
N ALA D 65 -25.92 19.13 13.16
CA ALA D 65 -26.86 20.04 12.52
C ALA D 65 -26.14 21.24 11.91
N ARG D 66 -25.16 21.79 12.63
CA ARG D 66 -24.42 22.92 12.07
C ARG D 66 -23.61 22.47 10.87
N PHE D 67 -23.01 21.29 10.96
CA PHE D 67 -22.25 20.75 9.84
C PHE D 67 -23.13 20.62 8.60
N CYS D 68 -24.29 19.99 8.74
CA CYS D 68 -25.18 19.78 7.61
C CYS D 68 -25.58 21.10 6.97
N LEU D 69 -25.97 22.09 7.79
CA LEU D 69 -26.32 23.40 7.28
C LEU D 69 -25.13 24.05 6.56
N MET D 70 -23.94 23.97 7.15
CA MET D 70 -22.76 24.56 6.52
C MET D 70 -22.45 23.90 5.19
N VAL D 71 -22.60 22.57 5.12
CA VAL D 71 -22.37 21.85 3.87
C VAL D 71 -23.40 22.30 2.82
N LYS D 72 -24.68 22.32 3.21
CA LYS D 72 -25.74 22.82 2.33
C LYS D 72 -25.40 24.23 1.83
N LYS D 73 -25.07 25.12 2.76
CA LYS D 73 -24.73 26.50 2.44
C LYS D 73 -23.49 26.61 1.55
N GLY D 74 -22.70 25.55 1.45
CA GLY D 74 -21.49 25.63 0.66
C GLY D 74 -21.64 25.34 -0.81
N TYR D 75 -22.86 25.08 -1.27
CA TYR D 75 -23.12 24.86 -2.69
C TYR D 75 -23.63 26.14 -3.29
N ARG D 76 -23.24 26.40 -4.55
CA ARG D 76 -23.81 27.50 -5.31
C ARG D 76 -25.02 26.95 -6.05
N ASP D 77 -25.52 27.69 -7.04
CA ASP D 77 -26.73 27.31 -7.78
C ASP D 77 -26.53 27.25 -9.29
N PRO D 78 -25.53 26.50 -9.78
CA PRO D 78 -25.55 26.11 -11.19
C PRO D 78 -26.69 25.15 -11.43
N PRO D 79 -27.05 24.88 -12.69
CA PRO D 79 -28.26 24.06 -12.94
C PRO D 79 -28.19 22.66 -12.33
N TYR D 80 -27.03 21.99 -12.41
CA TYR D 80 -26.90 20.61 -11.91
C TYR D 80 -26.13 20.51 -10.61
N HIS D 81 -24.92 21.06 -10.54
CA HIS D 81 -24.00 20.81 -9.42
C HIS D 81 -24.33 21.73 -8.24
N ASN D 82 -25.49 21.49 -7.66
CA ASN D 82 -25.98 22.26 -6.52
C ASN D 82 -26.29 21.31 -5.37
N TRP D 83 -26.83 21.86 -4.29
CA TRP D 83 -27.03 21.05 -3.08
C TRP D 83 -28.01 19.89 -3.32
N MET D 84 -29.02 20.09 -4.17
CA MET D 84 -29.95 18.99 -4.42
C MET D 84 -29.25 17.83 -5.11
N HIS D 85 -28.19 18.10 -5.87
CA HIS D 85 -27.37 17.00 -6.41
C HIS D 85 -26.67 16.28 -5.27
N ALA D 86 -25.97 17.05 -4.43
CA ALA D 86 -25.25 16.44 -3.31
C ALA D 86 -26.20 15.73 -2.37
N PHE D 87 -27.35 16.34 -2.10
CA PHE D 87 -28.35 15.66 -1.29
C PHE D 87 -28.81 14.36 -1.92
N SER D 88 -29.11 14.37 -3.22
CA SER D 88 -29.63 13.14 -3.82
C SER D 88 -28.53 12.08 -3.96
N VAL D 89 -27.27 12.51 -4.08
CA VAL D 89 -26.14 11.58 -4.09
C VAL D 89 -25.99 10.94 -2.72
N SER D 90 -26.16 11.74 -1.67
CA SER D 90 -26.09 11.22 -0.31
C SER D 90 -27.25 10.27 -0.04
N HIS D 91 -28.44 10.59 -0.56
CA HIS D 91 -29.57 9.69 -0.38
C HIS D 91 -29.30 8.33 -1.04
N PHE D 92 -28.62 8.34 -2.19
CA PHE D 92 -28.33 7.04 -2.83
C PHE D 92 -27.34 6.22 -2.01
N CYS D 93 -26.32 6.87 -1.43
CA CYS D 93 -25.44 6.16 -0.51
C CYS D 93 -26.25 5.47 0.58
N TYR D 94 -27.19 6.19 1.18
CA TYR D 94 -28.09 5.59 2.17
C TYR D 94 -28.87 4.41 1.58
N LEU D 95 -29.36 4.54 0.33
CA LEU D 95 -30.09 3.43 -0.27
C LEU D 95 -29.20 2.21 -0.46
N LEU D 96 -27.92 2.44 -0.79
CA LEU D 96 -26.99 1.33 -0.96
C LEU D 96 -26.85 0.58 0.35
N TYR D 97 -26.76 1.33 1.44
CA TYR D 97 -26.68 0.74 2.78
C TYR D 97 -27.96 -0.04 3.11
N LYS D 98 -29.12 0.53 2.79
CA LYS D 98 -30.38 -0.08 3.20
C LYS D 98 -30.68 -1.33 2.40
N ASN D 99 -30.23 -1.39 1.15
CA ASN D 99 -30.64 -2.42 0.21
C ASN D 99 -29.56 -3.42 -0.13
N LEU D 100 -28.29 -3.06 0.01
CA LEU D 100 -27.18 -3.94 -0.27
C LEU D 100 -26.51 -4.30 1.04
N GLU D 101 -25.83 -5.43 1.05
CA GLU D 101 -25.14 -5.86 2.27
C GLU D 101 -23.75 -5.24 2.28
N LEU D 102 -23.72 -3.91 2.40
CA LEU D 102 -22.47 -3.16 2.42
C LEU D 102 -21.58 -3.59 3.57
N THR D 103 -22.17 -3.87 4.74
CA THR D 103 -21.41 -4.22 5.93
C THR D 103 -20.75 -5.60 5.83
N ASN D 104 -21.13 -6.40 4.83
CA ASN D 104 -20.41 -7.62 4.53
C ASN D 104 -19.03 -7.34 3.94
N TYR D 105 -18.87 -6.21 3.25
CA TYR D 105 -17.65 -5.88 2.52
C TYR D 105 -16.88 -4.67 3.05
N LEU D 106 -17.56 -3.72 3.68
CA LEU D 106 -16.94 -2.48 4.10
C LEU D 106 -17.06 -2.29 5.60
N GLU D 107 -16.06 -1.63 6.18
CA GLU D 107 -16.09 -1.24 7.57
C GLU D 107 -17.09 -0.11 7.78
N ASP D 108 -17.66 -0.06 8.98
CA ASP D 108 -18.62 0.99 9.32
C ASP D 108 -18.05 2.38 9.10
N ILE D 109 -16.78 2.59 9.48
CA ILE D 109 -16.21 3.92 9.29
C ILE D 109 -16.06 4.24 7.80
N GLU D 110 -15.90 3.22 6.95
CA GLU D 110 -15.80 3.43 5.51
C GLU D 110 -17.14 3.84 4.92
N ILE D 111 -18.22 3.21 5.38
CA ILE D 111 -19.55 3.59 4.92
C ILE D 111 -19.90 4.99 5.39
N PHE D 112 -19.53 5.30 6.63
CA PHE D 112 -19.78 6.64 7.19
C PHE D 112 -19.04 7.69 6.39
N ALA D 113 -17.75 7.45 6.13
CA ALA D 113 -16.95 8.40 5.36
C ALA D 113 -17.51 8.55 3.95
N LEU D 114 -18.03 7.47 3.38
CA LEU D 114 -18.68 7.55 2.07
C LEU D 114 -19.87 8.50 2.12
N PHE D 115 -20.73 8.38 3.13
CA PHE D 115 -21.92 9.23 3.19
C PHE D 115 -21.54 10.69 3.41
N ILE D 116 -20.63 10.96 4.35
CA ILE D 116 -20.14 12.32 4.56
C ILE D 116 -19.48 12.87 3.29
N SER D 117 -18.70 12.03 2.60
CA SER D 117 -18.09 12.49 1.35
C SER D 117 -19.15 12.83 0.33
N CYS D 118 -20.21 12.02 0.25
CA CYS D 118 -21.30 12.34 -0.69
C CYS D 118 -21.86 13.73 -0.41
N MET D 119 -22.05 14.07 0.86
CA MET D 119 -22.58 15.39 1.18
C MET D 119 -21.63 16.48 0.71
N CYS D 120 -20.33 16.24 0.78
CA CYS D 120 -19.34 17.28 0.57
C CYS D 120 -18.76 17.31 -0.84
N HIS D 121 -19.13 16.36 -1.69
CA HIS D 121 -18.21 16.00 -2.78
C HIS D 121 -18.16 17.00 -3.93
N ASP D 122 -19.10 17.93 -3.99
CA ASP D 122 -19.12 18.96 -5.05
C ASP D 122 -19.19 20.36 -4.43
N LEU D 123 -18.76 20.52 -3.17
CA LEU D 123 -18.81 21.82 -2.50
C LEU D 123 -18.20 22.93 -3.36
N ASP D 124 -18.96 24.02 -3.46
CA ASP D 124 -18.55 25.24 -4.14
C ASP D 124 -18.33 25.04 -5.64
N HIS D 125 -18.96 24.01 -6.22
CA HIS D 125 -18.89 23.82 -7.66
C HIS D 125 -19.40 25.07 -8.39
N ARG D 126 -18.74 25.42 -9.48
CA ARG D 126 -19.03 26.63 -10.22
C ARG D 126 -19.76 26.32 -11.52
N GLY D 127 -20.16 25.07 -11.73
CA GLY D 127 -20.79 24.76 -12.99
C GLY D 127 -19.82 24.66 -14.15
N THR D 128 -18.52 24.56 -13.87
CA THR D 128 -17.52 24.34 -14.90
C THR D 128 -16.67 23.14 -14.54
N ASN D 129 -16.05 22.53 -15.55
CA ASN D 129 -15.27 21.31 -15.36
C ASN D 129 -13.82 21.66 -15.04
N ASN D 130 -12.96 20.64 -15.00
CA ASN D 130 -11.59 20.86 -14.57
C ASN D 130 -10.78 21.57 -15.63
N SER D 131 -10.93 21.18 -16.90
CA SER D 131 -10.13 21.84 -17.92
C SER D 131 -10.49 23.32 -18.03
N PHE D 132 -11.74 23.69 -17.74
CA PHE D 132 -12.11 25.10 -17.79
C PHE D 132 -11.35 25.91 -16.76
N GLN D 133 -11.31 25.43 -15.51
CA GLN D 133 -10.48 26.06 -14.49
C GLN D 133 -9.06 26.31 -14.99
N VAL D 134 -8.46 25.33 -15.66
CA VAL D 134 -7.07 25.50 -16.13
C VAL D 134 -7.01 26.53 -17.25
N ALA D 135 -7.94 26.43 -18.22
CA ALA D 135 -7.91 27.34 -19.36
C ALA D 135 -8.18 28.77 -18.94
N SER D 136 -9.09 28.96 -17.98
CA SER D 136 -9.40 30.31 -17.55
C SER D 136 -8.40 30.82 -16.52
N LYS D 137 -7.41 30.02 -16.15
CA LYS D 137 -6.37 30.40 -15.20
C LYS D 137 -7.00 30.90 -13.89
N SER D 138 -7.99 30.15 -13.42
CA SER D 138 -8.63 30.48 -12.16
C SER D 138 -7.66 30.24 -11.00
N VAL D 139 -7.98 30.81 -9.85
CA VAL D 139 -7.18 30.57 -8.66
C VAL D 139 -7.18 29.10 -8.28
N LEU D 140 -8.26 28.39 -8.60
CA LEU D 140 -8.25 26.95 -8.32
C LEU D 140 -7.22 26.24 -9.18
N ALA D 141 -7.09 26.66 -10.43
CA ALA D 141 -6.07 26.09 -11.30
C ALA D 141 -4.67 26.39 -10.78
N ALA D 142 -4.46 27.62 -10.32
CA ALA D 142 -3.15 27.99 -9.78
C ALA D 142 -2.79 27.10 -8.59
N LEU D 143 -3.79 26.77 -7.77
CA LEU D 143 -3.53 25.96 -6.58
C LEU D 143 -3.36 24.48 -6.90
N TYR D 144 -4.11 23.95 -7.89
CA TYR D 144 -4.29 22.51 -8.03
C TYR D 144 -3.94 21.90 -9.38
N SER D 145 -3.76 22.70 -10.43
CA SER D 145 -3.68 22.13 -11.78
C SER D 145 -2.52 21.15 -11.93
N SER D 146 -1.41 21.37 -11.22
CA SER D 146 -0.25 20.50 -11.42
C SER D 146 -0.46 19.12 -10.80
N GLU D 147 -1.34 18.99 -9.82
CA GLU D 147 -1.63 17.71 -9.19
C GLU D 147 -2.85 17.02 -9.77
N GLY D 148 -3.63 17.72 -10.59
CA GLY D 148 -4.82 17.15 -11.20
C GLY D 148 -6.06 17.25 -10.34
N SER D 149 -7.19 16.99 -10.97
CA SER D 149 -8.51 16.96 -10.35
C SER D 149 -8.78 18.26 -9.59
N VAL D 150 -8.74 19.35 -10.36
CA VAL D 150 -8.74 20.68 -9.77
C VAL D 150 -9.97 20.90 -8.90
N MET D 151 -11.16 20.69 -9.45
CA MET D 151 -12.37 20.94 -8.68
C MET D 151 -12.45 20.03 -7.46
N GLU D 152 -12.11 18.76 -7.65
CA GLU D 152 -12.28 17.81 -6.55
C GLU D 152 -11.32 18.12 -5.41
N ARG D 153 -10.11 18.56 -5.73
CA ARG D 153 -9.22 19.03 -4.68
C ARG D 153 -9.82 20.25 -3.95
N HIS D 154 -10.57 21.08 -4.66
CA HIS D 154 -11.25 22.21 -4.03
C HIS D 154 -12.41 21.75 -3.16
N HIS D 155 -13.19 20.77 -3.64
CA HIS D 155 -14.31 20.27 -2.84
C HIS D 155 -13.83 19.73 -1.50
N PHE D 156 -12.78 18.90 -1.53
CA PHE D 156 -12.17 18.41 -0.30
C PHE D 156 -11.66 19.56 0.57
N ALA D 157 -10.93 20.51 -0.03
CA ALA D 157 -10.43 21.63 0.77
C ALA D 157 -11.58 22.40 1.40
N GLN D 158 -12.70 22.54 0.67
CA GLN D 158 -13.86 23.18 1.29
C GLN D 158 -14.42 22.33 2.43
N ALA D 159 -14.39 21.01 2.28
CA ALA D 159 -14.88 20.18 3.38
C ALA D 159 -13.99 20.32 4.61
N ILE D 160 -12.68 20.39 4.40
CA ILE D 160 -11.76 20.62 5.52
C ILE D 160 -12.07 21.96 6.20
N ALA D 161 -12.34 23.00 5.42
CA ALA D 161 -12.64 24.30 6.02
C ALA D 161 -13.92 24.28 6.83
N ILE D 162 -14.91 23.49 6.42
CA ILE D 162 -16.12 23.37 7.24
C ILE D 162 -15.81 22.65 8.54
N LEU D 163 -15.15 21.49 8.44
CA LEU D 163 -14.74 20.76 9.63
C LEU D 163 -13.89 21.59 10.56
N ASN D 164 -13.10 22.52 10.01
CA ASN D 164 -12.26 23.41 10.80
C ASN D 164 -13.00 24.65 11.29
N THR D 165 -14.29 24.77 11.02
CA THR D 165 -15.08 25.88 11.51
C THR D 165 -15.58 25.58 12.91
N HIS D 166 -15.52 26.58 13.78
CA HIS D 166 -15.87 26.36 15.18
C HIS D 166 -17.27 25.75 15.30
N GLY D 167 -17.37 24.68 16.08
CA GLY D 167 -18.64 24.02 16.33
C GLY D 167 -19.14 23.13 15.23
N CYS D 168 -18.32 22.80 14.24
CA CYS D 168 -18.76 22.04 13.08
C CYS D 168 -18.02 20.72 12.90
N ASN D 169 -17.06 20.41 13.77
CA ASN D 169 -16.24 19.22 13.53
C ASN D 169 -16.92 18.01 14.15
N ILE D 170 -17.77 17.36 13.35
CA ILE D 170 -18.48 16.18 13.82
C ILE D 170 -17.56 15.03 14.20
N PHE D 171 -16.28 15.07 13.82
CA PHE D 171 -15.33 14.00 14.13
C PHE D 171 -14.42 14.30 15.31
N ASP D 172 -14.54 15.46 15.96
CA ASP D 172 -13.43 15.88 16.81
C ASP D 172 -13.27 15.03 18.06
N HIS D 173 -14.27 14.23 18.43
CA HIS D 173 -14.16 13.30 19.55
C HIS D 173 -13.64 11.93 19.15
N PHE D 174 -13.46 11.66 17.85
CA PHE D 174 -12.87 10.39 17.43
C PHE D 174 -11.46 10.25 17.99
N SER D 175 -11.05 9.01 18.22
CA SER D 175 -9.65 8.75 18.49
C SER D 175 -8.79 9.32 17.37
N ARG D 176 -7.53 9.65 17.70
CA ARG D 176 -6.65 10.20 16.69
C ARG D 176 -6.62 9.31 15.45
N LYS D 177 -6.53 7.99 15.66
CA LYS D 177 -6.50 7.06 14.54
C LYS D 177 -7.78 7.16 13.70
N ASP D 178 -8.94 7.15 14.36
CA ASP D 178 -10.21 7.19 13.64
C ASP D 178 -10.43 8.54 12.98
N TYR D 179 -10.02 9.61 13.67
CA TYR D 179 -10.06 10.93 13.06
C TYR D 179 -9.24 10.95 11.77
N GLN D 180 -8.03 10.39 11.82
CA GLN D 180 -7.19 10.41 10.63
C GLN D 180 -7.78 9.53 9.54
N ARG D 181 -8.39 8.42 9.93
CA ARG D 181 -9.07 7.57 8.94
C ARG D 181 -10.18 8.33 8.22
N MET D 182 -10.95 9.14 8.95
CA MET D 182 -12.02 9.91 8.30
C MET D 182 -11.45 10.87 7.26
N LEU D 183 -10.36 11.54 7.58
CA LEU D 183 -9.81 12.51 6.64
C LEU D 183 -9.26 11.82 5.42
N ASP D 184 -8.52 10.74 5.63
CA ASP D 184 -7.94 9.98 4.53
C ASP D 184 -9.02 9.40 3.62
N LEU D 185 -10.05 8.79 4.22
CA LEU D 185 -11.18 8.28 3.44
C LEU D 185 -11.86 9.41 2.65
N MET D 186 -12.25 10.51 3.33
CA MET D 186 -12.91 11.61 2.59
C MET D 186 -12.05 12.10 1.42
N ARG D 187 -10.74 12.28 1.63
CA ARG D 187 -9.87 12.71 0.53
C ARG D 187 -9.91 11.73 -0.62
N ASP D 188 -9.72 10.43 -0.34
CA ASP D 188 -9.67 9.45 -1.42
C ASP D 188 -11.00 9.39 -2.14
N ILE D 189 -12.09 9.48 -1.38
CA ILE D 189 -13.41 9.28 -1.98
C ILE D 189 -13.80 10.50 -2.79
N ILE D 190 -13.52 11.70 -2.28
CA ILE D 190 -13.90 12.89 -3.04
C ILE D 190 -13.05 13.02 -4.30
N LEU D 191 -11.75 12.76 -4.20
CA LEU D 191 -10.90 12.74 -5.40
C LEU D 191 -11.41 11.72 -6.43
N ALA D 192 -11.98 10.60 -5.98
CA ALA D 192 -12.47 9.56 -6.88
C ALA D 192 -13.67 10.01 -7.72
N THR D 193 -14.27 11.15 -7.38
CA THR D 193 -15.44 11.66 -8.11
C THR D 193 -15.05 12.26 -9.44
N ASP D 194 -13.76 12.54 -9.66
CA ASP D 194 -13.31 12.96 -10.97
C ASP D 194 -13.48 11.81 -11.95
N LEU D 195 -14.32 11.98 -12.97
CA LEU D 195 -14.52 10.84 -13.86
C LEU D 195 -13.24 10.46 -14.58
N ALA D 196 -12.29 11.38 -14.69
CA ALA D 196 -10.98 11.04 -15.21
C ALA D 196 -10.29 10.00 -14.32
N HIS D 197 -10.50 10.09 -13.01
CA HIS D 197 -9.97 9.09 -12.08
C HIS D 197 -10.67 7.75 -12.29
N HIS D 198 -12.00 7.74 -12.28
CA HIS D 198 -12.74 6.52 -12.52
C HIS D 198 -12.28 5.83 -13.80
N LEU D 199 -12.13 6.57 -14.89
CA LEU D 199 -11.70 5.93 -16.14
C LEU D 199 -10.29 5.34 -16.02
N ARG D 200 -9.41 5.95 -15.21
CA ARG D 200 -8.07 5.42 -15.04
C ARG D 200 -8.07 4.11 -14.24
N ILE D 201 -8.95 3.99 -13.25
CA ILE D 201 -8.94 2.83 -12.35
C ILE D 201 -9.95 1.79 -12.80
N PHE D 202 -10.58 2.01 -13.95
CA PHE D 202 -11.63 1.08 -14.37
C PHE D 202 -11.10 -0.34 -14.50
N LYS D 203 -9.90 -0.49 -15.09
CA LYS D 203 -9.34 -1.84 -15.24
C LYS D 203 -9.08 -2.47 -13.88
N ASP D 204 -8.79 -1.67 -12.86
CA ASP D 204 -8.58 -2.25 -11.52
C ASP D 204 -9.90 -2.67 -10.89
N LEU D 205 -10.97 -1.90 -11.13
CA LEU D 205 -12.30 -2.33 -10.71
C LEU D 205 -12.67 -3.65 -11.39
N GLN D 206 -12.42 -3.73 -12.70
CA GLN D 206 -12.79 -4.95 -13.40
C GLN D 206 -12.00 -6.13 -12.87
N LYS D 207 -10.71 -5.93 -12.59
CA LYS D 207 -9.88 -7.02 -12.08
C LYS D 207 -10.37 -7.47 -10.71
N MET D 208 -10.75 -6.52 -9.87
CA MET D 208 -11.32 -6.85 -8.58
C MET D 208 -12.56 -7.69 -8.74
N ALA D 209 -13.45 -7.29 -9.66
CA ALA D 209 -14.65 -8.06 -9.91
C ALA D 209 -14.35 -9.44 -10.48
N GLU D 210 -13.27 -9.56 -11.26
CA GLU D 210 -12.93 -10.85 -11.85
C GLU D 210 -12.40 -11.82 -10.79
N VAL D 211 -11.51 -11.37 -9.91
CA VAL D 211 -10.99 -12.28 -8.90
C VAL D 211 -11.97 -12.47 -7.74
N GLY D 212 -12.95 -11.58 -7.61
CA GLY D 212 -13.82 -11.59 -6.45
C GLY D 212 -13.32 -10.68 -5.36
N TYR D 213 -14.26 -10.00 -4.72
CA TYR D 213 -13.92 -9.08 -3.64
C TYR D 213 -13.27 -9.83 -2.48
N ASP D 214 -12.12 -9.32 -2.03
CA ASP D 214 -11.39 -9.86 -0.87
C ASP D 214 -11.57 -8.88 0.29
N ARG D 215 -12.44 -9.26 1.24
CA ARG D 215 -12.68 -8.46 2.45
C ARG D 215 -11.41 -8.08 3.20
N ASN D 216 -10.34 -8.85 3.05
CA ASN D 216 -9.12 -8.59 3.80
C ASN D 216 -8.10 -7.82 2.99
N ASN D 217 -8.42 -7.48 1.75
CA ASN D 217 -7.54 -6.73 0.85
C ASN D 217 -7.89 -5.26 1.00
N LYS D 218 -6.98 -4.48 1.58
CA LYS D 218 -7.29 -3.06 1.76
C LYS D 218 -7.43 -2.35 0.43
N GLN D 219 -6.78 -2.83 -0.62
CA GLN D 219 -6.96 -2.14 -1.90
C GLN D 219 -8.35 -2.39 -2.46
N HIS D 220 -8.91 -3.57 -2.23
CA HIS D 220 -10.29 -3.81 -2.64
C HIS D 220 -11.26 -2.88 -1.90
N HIS D 221 -11.05 -2.67 -0.60
CA HIS D 221 -11.86 -1.68 0.10
C HIS D 221 -11.79 -0.33 -0.60
N ARG D 222 -10.56 0.14 -0.87
CA ARG D 222 -10.33 1.41 -1.56
C ARG D 222 -11.10 1.46 -2.89
N LEU D 223 -10.93 0.42 -3.71
CA LEU D 223 -11.55 0.39 -5.03
C LEU D 223 -13.07 0.35 -4.92
N LEU D 224 -13.61 -0.45 -4.00
CA LEU D 224 -15.05 -0.55 -3.83
C LEU D 224 -15.63 0.78 -3.39
N LEU D 225 -14.94 1.50 -2.50
CA LEU D 225 -15.40 2.85 -2.13
C LEU D 225 -15.45 3.78 -3.34
N CYS D 226 -14.44 3.71 -4.22
CA CYS D 226 -14.48 4.54 -5.43
C CYS D 226 -15.67 4.18 -6.28
N LEU D 227 -15.88 2.88 -6.51
CA LEU D 227 -17.02 2.41 -7.30
C LEU D 227 -18.34 2.90 -6.72
N LEU D 228 -18.51 2.73 -5.41
CA LEU D 228 -19.76 3.15 -4.80
C LEU D 228 -19.95 4.66 -4.88
N MET D 229 -18.87 5.42 -4.70
CA MET D 229 -18.97 6.88 -4.83
C MET D 229 -19.41 7.28 -6.23
N THR D 230 -18.80 6.69 -7.25
CA THR D 230 -19.24 6.94 -8.62
C THR D 230 -20.68 6.50 -8.83
N SER D 231 -21.06 5.36 -8.25
CA SER D 231 -22.43 4.88 -8.38
C SER D 231 -23.41 5.87 -7.77
N CYS D 232 -23.03 6.51 -6.66
CA CYS D 232 -23.91 7.52 -6.05
C CYS D 232 -23.94 8.79 -6.90
N ASP D 233 -22.79 9.22 -7.41
CA ASP D 233 -22.70 10.45 -8.19
C ASP D 233 -23.57 10.39 -9.44
N LEU D 234 -23.73 9.19 -10.00
CA LEU D 234 -24.44 9.00 -11.25
C LEU D 234 -25.85 8.46 -11.04
N SER D 235 -26.30 8.35 -9.79
CA SER D 235 -27.51 7.60 -9.50
C SER D 235 -28.79 8.26 -10.00
N ASP D 236 -28.74 9.51 -10.49
CA ASP D 236 -29.92 10.06 -11.17
C ASP D 236 -30.35 9.17 -12.31
N GLN D 237 -29.41 8.46 -12.94
CA GLN D 237 -29.69 7.60 -14.06
C GLN D 237 -30.32 6.27 -13.67
N THR D 238 -30.45 5.98 -12.37
CA THR D 238 -31.15 4.78 -11.92
C THR D 238 -32.58 5.07 -11.54
N LYS D 239 -33.07 6.28 -11.79
CA LYS D 239 -34.47 6.59 -11.52
C LYS D 239 -35.29 6.35 -12.79
N GLY D 240 -36.53 6.81 -12.79
CA GLY D 240 -37.38 6.71 -13.96
C GLY D 240 -36.94 7.66 -15.08
N TRP D 241 -37.50 7.41 -16.26
CA TRP D 241 -37.19 8.23 -17.43
C TRP D 241 -37.36 9.71 -17.16
N LYS D 242 -38.45 10.10 -16.49
CA LYS D 242 -38.74 11.52 -16.29
C LYS D 242 -37.62 12.19 -15.48
N THR D 243 -37.07 11.48 -14.51
CA THR D 243 -35.92 12.01 -13.79
C THR D 243 -34.72 12.20 -14.71
N THR D 244 -34.43 11.19 -15.52
CA THR D 244 -33.22 11.28 -16.33
C THR D 244 -33.37 12.29 -17.45
N ARG D 245 -34.59 12.48 -17.96
CA ARG D 245 -34.84 13.54 -18.94
C ARG D 245 -34.55 14.90 -18.31
N LYS D 246 -35.13 15.14 -17.13
CA LYS D 246 -34.94 16.40 -16.44
C LYS D 246 -33.47 16.63 -16.12
N ILE D 247 -32.76 15.60 -15.65
CA ILE D 247 -31.37 15.80 -15.27
C ILE D 247 -30.52 16.06 -16.50
N ALA D 248 -30.85 15.45 -17.64
CA ALA D 248 -30.15 15.81 -18.87
C ALA D 248 -30.30 17.29 -19.18
N GLU D 249 -31.50 17.84 -18.97
CA GLU D 249 -31.73 19.27 -19.21
C GLU D 249 -30.83 20.13 -18.34
N LEU D 250 -30.73 19.79 -17.06
CA LEU D 250 -29.86 20.55 -16.16
C LEU D 250 -28.41 20.44 -16.57
N ILE D 251 -27.96 19.23 -16.91
CA ILE D 251 -26.55 19.01 -17.20
C ILE D 251 -26.13 19.78 -18.46
N TYR D 252 -26.95 19.68 -19.51
CA TYR D 252 -26.60 20.37 -20.76
C TYR D 252 -26.74 21.87 -20.62
N LYS D 253 -27.71 22.33 -19.84
CA LYS D 253 -27.80 23.74 -19.51
C LYS D 253 -26.49 24.23 -18.91
N GLU D 254 -25.96 23.48 -17.94
CA GLU D 254 -24.69 23.83 -17.33
C GLU D 254 -23.54 23.72 -18.33
N PHE D 255 -23.46 22.58 -19.05
CA PHE D 255 -22.41 22.41 -20.07
C PHE D 255 -22.42 23.55 -21.07
N PHE D 256 -23.59 23.85 -21.65
CA PHE D 256 -23.65 24.83 -22.73
C PHE D 256 -23.30 26.23 -22.25
N SER D 257 -23.58 26.54 -20.98
CA SER D 257 -23.14 27.82 -20.43
C SER D 257 -21.61 27.88 -20.36
N GLN D 258 -20.96 26.77 -20.00
CA GLN D 258 -19.51 26.75 -20.03
C GLN D 258 -18.99 26.93 -21.45
N GLY D 259 -19.60 26.22 -22.41
CA GLY D 259 -19.15 26.33 -23.79
C GLY D 259 -19.28 27.73 -24.33
N ASP D 260 -20.39 28.40 -24.04
CA ASP D 260 -20.54 29.80 -24.43
C ASP D 260 -19.40 30.64 -23.87
N LEU D 261 -19.01 30.41 -22.61
CA LEU D 261 -17.92 31.19 -22.03
C LEU D 261 -16.61 30.91 -22.76
N GLU D 262 -16.37 29.64 -23.08
CA GLU D 262 -15.14 29.27 -23.79
C GLU D 262 -15.07 29.93 -25.15
N LYS D 263 -16.20 29.98 -25.87
CA LYS D 263 -16.22 30.67 -27.15
C LYS D 263 -15.92 32.16 -26.96
N ALA D 264 -16.47 32.77 -25.91
CA ALA D 264 -16.21 34.19 -25.67
C ALA D 264 -14.74 34.43 -25.36
N MET D 265 -14.08 33.46 -24.73
CA MET D 265 -12.67 33.56 -24.44
C MET D 265 -11.79 33.21 -25.63
N GLY D 266 -12.38 32.79 -26.75
CA GLY D 266 -11.61 32.38 -27.90
C GLY D 266 -11.26 30.91 -27.94
N ASN D 267 -11.77 30.12 -27.01
CA ASN D 267 -11.48 28.69 -26.96
C ASN D 267 -12.56 27.89 -27.68
N ARG D 268 -12.17 26.70 -28.13
CA ARG D 268 -13.09 25.76 -28.77
C ARG D 268 -13.57 24.78 -27.73
N PRO D 269 -14.84 24.84 -27.32
CA PRO D 269 -15.34 23.87 -26.33
C PRO D 269 -15.36 22.46 -26.89
N MET D 270 -15.27 21.50 -25.96
CA MET D 270 -15.55 20.11 -26.34
C MET D 270 -16.94 20.04 -26.95
N GLU D 271 -17.16 19.01 -27.76
CA GLU D 271 -18.42 18.87 -28.49
C GLU D 271 -19.62 18.91 -27.58
N MET D 272 -19.59 18.13 -26.49
CA MET D 272 -20.76 18.01 -25.63
C MET D 272 -21.08 19.29 -24.88
N MET D 273 -20.23 20.31 -24.94
CA MET D 273 -20.49 21.59 -24.30
C MET D 273 -20.77 22.70 -25.32
N ASP D 274 -20.84 22.34 -26.60
CA ASP D 274 -21.06 23.30 -27.67
C ASP D 274 -22.51 23.16 -28.14
N ARG D 275 -23.35 24.13 -27.78
CA ARG D 275 -24.77 23.99 -28.05
C ARG D 275 -25.06 23.97 -29.55
N GLU D 276 -24.08 24.28 -30.39
CA GLU D 276 -24.23 24.22 -31.84
C GLU D 276 -23.80 22.88 -32.43
N LYS D 277 -23.08 22.06 -31.66
CA LYS D 277 -22.63 20.76 -32.14
C LYS D 277 -23.19 19.59 -31.32
N ALA D 278 -23.57 19.83 -30.08
CA ALA D 278 -23.92 18.74 -29.17
C ALA D 278 -25.25 18.13 -29.58
N TYR D 279 -25.23 16.87 -29.99
CA TYR D 279 -26.43 16.13 -30.34
C TYR D 279 -26.82 15.30 -29.12
N ILE D 280 -27.70 15.87 -28.29
CA ILE D 280 -27.99 15.31 -26.97
C ILE D 280 -28.35 13.83 -26.99
N PRO D 281 -29.25 13.33 -27.84
CA PRO D 281 -29.59 11.89 -27.74
C PRO D 281 -28.39 10.97 -27.94
N GLU D 282 -27.52 11.31 -28.89
CA GLU D 282 -26.34 10.50 -29.15
C GLU D 282 -25.36 10.57 -27.99
N LEU D 283 -25.21 11.76 -27.41
CA LEU D 283 -24.30 11.92 -26.28
C LEU D 283 -24.81 11.18 -25.07
N GLN D 284 -26.11 11.23 -24.81
CA GLN D 284 -26.70 10.49 -23.69
C GLN D 284 -26.57 8.98 -23.90
N ILE D 285 -26.81 8.51 -25.12
CA ILE D 285 -26.72 7.08 -25.37
C ILE D 285 -25.30 6.58 -25.14
N SER D 286 -24.32 7.34 -25.62
CA SER D 286 -22.92 6.95 -25.44
C SER D 286 -22.54 6.98 -23.97
N PHE D 287 -22.93 8.03 -23.27
CA PHE D 287 -22.64 8.12 -21.85
C PHE D 287 -23.29 6.97 -21.09
N MET D 288 -24.54 6.66 -21.40
CA MET D 288 -25.23 5.61 -20.68
C MET D 288 -24.62 4.24 -20.99
N GLU D 289 -24.35 3.97 -22.27
CA GLU D 289 -23.82 2.67 -22.64
C GLU D 289 -22.39 2.46 -22.15
N HIS D 290 -21.55 3.48 -22.27
CA HIS D 290 -20.11 3.29 -22.16
C HIS D 290 -19.52 3.81 -20.87
N ILE D 291 -20.26 4.59 -20.10
CA ILE D 291 -19.81 5.04 -18.79
C ILE D 291 -20.73 4.57 -17.67
N ALA D 292 -22.02 4.87 -17.76
CA ALA D 292 -22.94 4.56 -16.66
C ALA D 292 -23.20 3.05 -16.54
N MET D 293 -23.59 2.40 -17.63
CA MET D 293 -23.88 0.97 -17.56
C MET D 293 -22.68 0.14 -17.09
N PRO D 294 -21.44 0.36 -17.57
CA PRO D 294 -20.32 -0.41 -17.01
C PRO D 294 -20.15 -0.23 -15.52
N ILE D 295 -20.48 0.94 -14.98
CA ILE D 295 -20.40 1.17 -13.54
C ILE D 295 -21.40 0.29 -12.80
N TYR D 296 -22.65 0.34 -13.22
CA TYR D 296 -23.66 -0.44 -12.53
C TYR D 296 -23.56 -1.92 -12.88
N LYS D 297 -22.88 -2.26 -13.97
CA LYS D 297 -22.58 -3.67 -14.23
C LYS D 297 -21.58 -4.19 -13.20
N LEU D 298 -20.50 -3.43 -12.98
CA LEU D 298 -19.59 -3.77 -11.89
C LEU D 298 -20.32 -3.84 -10.56
N LEU D 299 -21.23 -2.90 -10.31
CA LEU D 299 -21.94 -2.90 -9.04
C LEU D 299 -22.77 -4.17 -8.89
N GLN D 300 -23.47 -4.56 -9.95
CA GLN D 300 -24.27 -5.78 -9.91
C GLN D 300 -23.40 -7.02 -9.80
N ASP D 301 -22.22 -7.01 -10.43
CA ASP D 301 -21.29 -8.13 -10.28
C ASP D 301 -20.94 -8.33 -8.81
N LEU D 302 -20.68 -7.25 -8.09
CA LEU D 302 -20.25 -7.39 -6.69
C LEU D 302 -21.42 -7.55 -5.75
N PHE D 303 -22.56 -6.95 -6.07
CA PHE D 303 -23.76 -6.98 -5.25
C PHE D 303 -24.91 -7.44 -6.12
N PRO D 304 -25.26 -8.73 -6.11
CA PRO D 304 -26.37 -9.20 -6.93
C PRO D 304 -27.68 -8.44 -6.72
N LYS D 305 -27.92 -7.91 -5.51
CA LYS D 305 -29.15 -7.16 -5.31
C LYS D 305 -29.16 -5.83 -6.05
N ALA D 306 -28.02 -5.40 -6.59
CA ALA D 306 -27.94 -4.17 -7.36
C ALA D 306 -28.34 -4.36 -8.83
N ALA D 307 -28.86 -5.54 -9.18
CA ALA D 307 -29.18 -5.84 -10.57
C ALA D 307 -30.26 -4.89 -11.12
N GLU D 308 -31.28 -4.57 -10.31
CA GLU D 308 -32.31 -3.67 -10.81
C GLU D 308 -31.79 -2.27 -11.12
N LEU D 309 -30.66 -1.89 -10.52
CA LEU D 309 -30.05 -0.61 -10.86
C LEU D 309 -29.49 -0.63 -12.28
N TYR D 310 -28.72 -1.67 -12.59
CA TYR D 310 -28.20 -1.83 -13.96
C TYR D 310 -29.34 -1.92 -14.97
N GLU D 311 -30.34 -2.76 -14.68
CA GLU D 311 -31.46 -2.89 -15.59
C GLU D 311 -32.15 -1.54 -15.82
N ARG D 312 -32.28 -0.73 -14.77
CA ARG D 312 -32.94 0.57 -14.94
C ARG D 312 -32.09 1.52 -15.78
N VAL D 313 -30.77 1.54 -15.58
CA VAL D 313 -29.93 2.37 -16.43
C VAL D 313 -30.04 1.90 -17.89
N ALA D 314 -30.05 0.59 -18.10
CA ALA D 314 -30.20 0.07 -19.45
C ALA D 314 -31.56 0.46 -20.03
N SER D 315 -32.60 0.41 -19.21
CA SER D 315 -33.93 0.81 -19.67
C SER D 315 -33.95 2.28 -20.08
N ASN D 316 -33.22 3.12 -19.35
CA ASN D 316 -33.17 4.54 -19.68
C ASN D 316 -32.30 4.79 -20.91
N ARG D 317 -31.26 3.97 -21.13
CA ARG D 317 -30.52 4.08 -22.38
C ARG D 317 -31.42 3.77 -23.56
N GLU D 318 -32.22 2.71 -23.45
CA GLU D 318 -33.16 2.37 -24.52
C GLU D 318 -34.14 3.50 -24.77
N HIS D 319 -34.57 4.20 -23.72
CA HIS D 319 -35.54 5.27 -23.95
C HIS D 319 -34.94 6.40 -24.76
N TRP D 320 -33.64 6.68 -24.59
CA TRP D 320 -32.99 7.70 -25.41
C TRP D 320 -32.97 7.30 -26.87
N THR D 321 -32.76 6.02 -27.16
CA THR D 321 -32.75 5.58 -28.55
C THR D 321 -34.14 5.68 -29.18
N LYS D 322 -35.18 5.53 -28.37
CA LYS D 322 -36.55 5.57 -28.90
C LYS D 322 -37.05 7.00 -29.12
N VAL D 323 -36.52 7.99 -28.40
CA VAL D 323 -36.92 9.37 -28.62
C VAL D 323 -35.93 10.12 -29.48
N SER D 324 -34.88 9.45 -29.97
CA SER D 324 -33.83 10.14 -30.73
C SER D 324 -34.39 10.80 -31.98
N HIS D 325 -35.35 10.14 -32.62
CA HIS D 325 -35.92 10.66 -33.86
C HIS D 325 -36.64 11.98 -33.65
N LYS D 326 -37.02 12.31 -32.41
CA LYS D 326 -37.75 13.55 -32.16
C LYS D 326 -36.87 14.78 -32.28
N PHE D 327 -35.54 14.61 -32.23
CA PHE D 327 -34.62 15.72 -32.38
C PHE D 327 -34.45 16.14 -33.83
N THR D 328 -35.05 15.41 -34.77
CA THR D 328 -35.10 15.83 -36.17
C THR D 328 -36.44 16.52 -36.38
N ILE D 329 -36.39 17.72 -36.94
CA ILE D 329 -37.61 18.49 -37.18
C ILE D 329 -38.22 17.97 -38.49
N ARG D 330 -39.20 17.09 -38.36
CA ARG D 330 -40.08 16.72 -39.46
C ARG D 330 -41.18 17.74 -39.60
N GLY D 331 -41.60 17.98 -40.85
CA GLY D 331 -42.59 19.01 -41.02
C GLY D 331 -42.05 20.38 -40.62
N LEU D 332 -42.93 21.21 -40.15
CA LEU D 332 -42.66 22.51 -39.58
C LEU D 332 -42.60 22.43 -38.06
N PRO D 333 -41.82 23.31 -37.43
CA PRO D 333 -41.85 23.41 -35.96
C PRO D 333 -43.26 23.69 -35.45
N SER D 334 -43.40 23.62 -34.12
CA SER D 334 -44.72 23.70 -33.50
C SER D 334 -45.40 25.04 -33.77
N ASN D 335 -44.64 26.09 -34.02
CA ASN D 335 -45.22 27.40 -34.32
C ASN D 335 -45.51 27.61 -35.81
N ASN D 336 -45.31 26.58 -36.64
CA ASN D 336 -45.52 26.68 -38.09
C ASN D 336 -44.67 27.79 -38.71
N SER D 337 -43.45 27.95 -38.21
CA SER D 337 -42.58 29.02 -38.70
C SER D 337 -41.19 28.49 -38.97
N LEU D 338 -40.57 28.98 -40.03
CA LEU D 338 -39.19 28.67 -40.35
C LEU D 338 -38.24 29.78 -39.93
N ASP D 339 -38.70 30.74 -39.12
CA ASP D 339 -37.87 31.87 -38.74
C ASP D 339 -36.58 31.42 -38.07
N PHE D 340 -36.63 30.30 -37.34
CA PHE D 340 -35.45 29.82 -36.62
C PHE D 340 -34.27 29.54 -37.55
N LEU D 341 -34.47 29.52 -38.86
CA LEU D 341 -33.37 29.42 -39.81
C LEU D 341 -32.60 30.72 -39.89
N3 7OP E . -19.23 -31.39 -10.35
C4 7OP E . -18.60 -31.15 -11.51
C6 7OP E . -16.61 -30.38 -10.42
C8 7OP E . -17.99 -30.93 -13.51
C10 7OP E . -19.23 -31.38 -7.96
C13 7OP E . -13.38 -28.37 -9.90
C17 7OP E . -12.08 -30.57 -12.41
C20 7OP E . -13.89 -30.62 -14.04
C21 7OP E . -14.49 -31.18 -15.13
C22 7OP E . -12.72 -32.79 -15.28
C26 7OP E . -13.89 -32.26 -15.75
C23 7OP E . -12.11 -32.23 -14.18
C18 7OP E . -12.72 -31.16 -13.58
C1 7OP E . -17.20 -30.60 -9.24
C2 7OP E . -18.56 -31.13 -9.27
C12 7OP E . -14.72 -28.95 -9.51
C16 7OP E . -14.23 -30.81 -11.20
C14 7OP E . -12.38 -29.39 -10.37
C11 7OP E . -15.23 -29.85 -10.61
N7 7OP E . -19.05 -31.33 -12.74
N9 7OP E . -16.92 -30.52 -12.83
N5 7OP E . -17.32 -30.67 -11.56
N15 7OP E . -12.93 -30.23 -11.40
O19 7OP E . -10.87 -30.40 -12.41
F27 7OP E . -14.48 -32.80 -16.82
F24 7OP E . -13.56 -27.45 -10.88
F25 7OP E . -12.81 -27.72 -8.86
ZN ZN F . -13.98 -27.99 -3.19
MG MG G . -10.60 -27.11 -4.34
N3 7OP H . 28.31 -16.16 12.24
C4 7OP H . 28.26 -17.40 12.77
C6 7OP H . 26.24 -17.91 11.61
C8 7OP H . 28.51 -19.20 13.80
C10 7OP H . 27.38 -14.47 10.80
C13 7OP H . 22.95 -19.47 10.57
C17 7OP H . 25.02 -22.38 10.42
C20 7OP H . 26.92 -23.88 10.64
C21 7OP H . 28.02 -24.34 11.34
C22 7OP H . 27.62 -22.72 13.06
C26 7OP H . 28.36 -23.76 12.53
C23 7OP H . 26.52 -22.26 12.37
C18 7OP H . 26.19 -22.84 11.17
C1 7OP H . 26.25 -16.69 11.06
C2 7OP H . 27.36 -15.82 11.43
C12 7OP H . 23.92 -18.35 10.80
C16 7OP H . 25.81 -20.01 10.49
C14 7OP H . 23.55 -20.57 9.72
C11 7OP H . 25.21 -18.92 11.37
N7 7OP H . 29.08 -17.97 13.62
N9 7OP H . 27.38 -19.42 13.11
N5 7OP H . 27.24 -18.25 12.46
N15 7OP H . 24.84 -21.02 10.21
O19 7OP H . 24.24 -23.23 10.03
F27 7OP H . 29.43 -24.20 13.21
F24 7OP H . 22.56 -19.98 11.78
F25 7OP H . 21.77 -19.02 10.03
ZN ZN I . 20.37 -13.93 7.40
MG MG J . 18.37 -16.90 6.62
N3 7OP K . 21.55 27.41 8.94
C4 7OP K . 21.32 26.35 9.74
C6 7OP K . 19.17 25.92 8.75
C8 7OP K . 21.36 24.79 11.15
C10 7OP K . 20.85 28.87 7.19
C13 7OP K . 15.55 24.67 8.26
C17 7OP K . 17.24 21.49 8.67
C20 7OP K . 18.64 21.85 10.67
C21 7OP K . 19.66 21.46 11.50
C22 7OP K . 20.06 19.55 10.12
C26 7OP K . 20.36 20.31 11.22
C23 7OP K . 19.04 19.93 9.28
C18 7OP K . 18.34 21.09 9.57
C1 7OP K . 19.35 26.96 7.93
C2 7OP K . 20.62 27.70 8.10
C12 7OP K . 16.71 25.64 8.22
C16 7OP K . 18.30 23.68 8.19
C14 7OP K . 15.92 23.30 7.71
C11 7OP K . 17.98 25.04 8.77
N7 7OP K . 22.09 25.85 10.68
N9 7OP K . 20.19 24.62 10.55
N5 7OP K . 20.16 25.62 9.65
N15 7OP K . 17.16 22.80 8.23
O19 7OP K . 16.43 20.62 8.38
F27 7OP K . 21.36 19.93 12.05
F24 7OP K . 15.15 24.56 9.56
F25 7OP K . 14.46 25.18 7.62
ZN ZN L . 13.58 29.63 3.92
MG MG M . 11.05 26.90 4.10
N3 7OP N . -25.96 11.93 -15.89
C4 7OP N . -25.38 12.42 -17.01
C6 7OP N . -23.52 13.34 -15.78
C8 7OP N . -24.85 13.02 -18.94
C10 7OP N . -25.94 11.59 -13.52
C13 7OP N . -20.48 15.54 -14.84
C17 7OP N . -19.23 14.07 -17.79
C20 7OP N . -19.13 12.66 -19.77
C21 7OP N . -19.68 12.19 -20.93
C22 7OP N . -21.61 13.56 -20.57
C26 7OP N . -20.92 12.65 -21.32
C23 7OP N . -21.06 14.03 -19.40
C18 7OP N . -19.84 13.57 -19.02
C1 7OP N . -24.05 12.86 -14.65
C2 7OP N . -25.32 12.14 -14.78
C12 7OP N . -21.81 14.84 -14.63
C16 7OP N . -21.17 13.26 -16.48
C14 7OP N . -19.43 14.62 -15.43
C11 7OP N . -22.26 14.10 -15.87
N7 7OP N . -25.81 12.35 -18.24
N9 7OP N . -23.86 13.49 -18.19
N5 7OP N . -24.20 13.11 -16.96
N15 7OP N . -19.96 14.02 -16.62
O19 7OP N . -18.11 14.54 -17.88
F27 7OP N . -21.46 12.18 -22.46
F24 7OP N . -20.70 16.60 -15.69
F25 7OP N . -20.00 16.06 -13.68
ZN ZN O . -21.27 15.10 -8.07
MG MG P . -17.93 16.52 -8.91
#